data_8XXE
#
_entry.id   8XXE
#
_cell.length_a   109.910
_cell.length_b   109.910
_cell.length_c   265.090
_cell.angle_alpha   90.00
_cell.angle_beta   90.00
_cell.angle_gamma   90.00
#
_symmetry.space_group_name_H-M   'P 43 21 2'
#
loop_
_entity.id
_entity.type
_entity.pdbx_description
1 polymer 'Citrate synthase'
2 non-polymer 'OXALOACETATE ION'
3 non-polymer 'COENZYME A'
4 non-polymer 'ACETYL GROUP'
5 water water
#
_entity_poly.entity_id   1
_entity_poly.type   'polypeptide(L)'
_entity_poly.pdbx_seq_one_letter_code
;MKLKERLAELIPQWRAEVAEIRKKYGNRKTMDCTIGHAYGGMRGLKALVCDTSEVFPDEGVKFRGYTIPELREGPHKLPT
AEGGFEPLPEGLWYLLLTGELPTEEDVKEISAEFTKRMQNVPQYVFDVLRAMPVDTHPMTMFAAGILAMQRESVFAKRYE
EGMRREEHWEAMLEDSLNMLAALPVIAAYIYRRKYKGDTHIAPDPNLDWSANLAHMMGFDDFEVYELFRLYMFLHSDHEG
GNVSAHTNLLVNSAYSDIYRSFSAAMNGLAGPLHGLANQEVLRWIQMLYKKFGGVPTKEQLERFAWDTLNSGQVIPGYGH
AVLRVTDPRYVAQRDFALKHLPDDELFKIVSLCYEVIPEVLKKHGKAKNPWPNVDAHSGVLLWHYGIREYDFYTVLFGVS
RALGCTAQAILVRGYMLPIERPKSITTRWVKEVAESLPVAGSKLAAALE
;
_entity_poly.pdbx_strand_id   A,B,C
#
loop_
_chem_comp.id
_chem_comp.type
_chem_comp.name
_chem_comp.formula
ACE non-polymer 'ACETYL GROUP' 'C2 H4 O'
COA non-polymer 'COENZYME A' 'C21 H36 N7 O16 P3 S'
OAA non-polymer 'OXALOACETATE ION' 'C4 H3 O5 -1'
#
# COMPACT_ATOMS: atom_id res chain seq x y z
N MET A 1 -13.65 -17.29 35.13
CA MET A 1 -14.38 -17.54 33.85
C MET A 1 -14.48 -19.06 33.64
N LYS A 2 -15.70 -19.54 33.40
CA LYS A 2 -15.93 -20.97 33.19
C LYS A 2 -15.00 -21.49 32.09
N LEU A 3 -14.90 -20.74 30.98
CA LEU A 3 -14.06 -21.10 29.86
C LEU A 3 -12.68 -21.52 30.35
N LYS A 4 -12.09 -20.68 31.19
CA LYS A 4 -10.70 -20.86 31.53
C LYS A 4 -10.52 -22.02 32.51
N GLU A 5 -11.50 -22.22 33.40
CA GLU A 5 -11.47 -23.33 34.35
C GLU A 5 -11.54 -24.65 33.59
N ARG A 6 -12.42 -24.68 32.58
CA ARG A 6 -12.58 -25.83 31.72
C ARG A 6 -11.28 -26.12 30.97
N LEU A 7 -10.61 -25.08 30.44
CA LEU A 7 -9.36 -25.29 29.71
C LEU A 7 -8.27 -25.74 30.67
N ALA A 8 -8.33 -25.24 31.91
CA ALA A 8 -7.30 -25.54 32.89
C ALA A 8 -7.30 -27.04 33.21
N GLU A 9 -8.42 -27.73 32.96
CA GLU A 9 -8.50 -29.19 33.06
C GLU A 9 -8.26 -29.90 31.73
N LEU A 10 -8.84 -29.39 30.65
CA LEU A 10 -8.82 -30.14 29.40
C LEU A 10 -7.43 -30.08 28.76
N ILE A 11 -6.73 -28.94 28.91
CA ILE A 11 -5.50 -28.76 28.14
C ILE A 11 -4.41 -29.70 28.65
N PRO A 12 -4.17 -29.84 29.97
CA PRO A 12 -3.22 -30.82 30.50
C PRO A 12 -3.42 -32.25 30.00
N GLN A 13 -4.69 -32.66 29.83
CA GLN A 13 -5.02 -33.97 29.29
C GLN A 13 -4.66 -34.05 27.81
N TRP A 14 -5.08 -33.03 27.05
CA TRP A 14 -4.82 -33.01 25.62
C TRP A 14 -3.32 -33.00 25.36
N ARG A 15 -2.60 -32.22 26.15
CA ARG A 15 -1.16 -32.18 26.00
C ARG A 15 -0.55 -33.58 26.18
N ALA A 16 -1.00 -34.27 27.23
CA ALA A 16 -0.50 -35.62 27.53
C ALA A 16 -0.87 -36.56 26.38
N GLU A 17 -2.09 -36.44 25.87
CA GLU A 17 -2.59 -37.31 24.82
C GLU A 17 -1.79 -37.10 23.53
N VAL A 18 -1.35 -35.85 23.31
CA VAL A 18 -0.68 -35.53 22.07
C VAL A 18 0.75 -36.07 22.15
N ALA A 19 1.40 -35.90 23.31
CA ALA A 19 2.72 -36.46 23.53
C ALA A 19 2.70 -37.98 23.33
N GLU A 20 1.61 -38.63 23.78
CA GLU A 20 1.45 -40.07 23.65
C GLU A 20 1.37 -40.44 22.18
N ILE A 21 0.48 -39.76 21.43
CA ILE A 21 0.32 -39.98 19.99
C ILE A 21 1.63 -39.77 19.23
N ARG A 22 2.43 -38.77 19.62
CA ARG A 22 3.66 -38.51 18.90
C ARG A 22 4.69 -39.62 19.16
N LYS A 23 4.81 -40.08 20.40
CA LYS A 23 5.68 -41.19 20.76
C LYS A 23 5.19 -42.47 20.09
N LYS A 24 3.93 -42.84 20.35
CA LYS A 24 3.42 -44.12 19.89
C LYS A 24 3.25 -44.20 18.37
N TYR A 25 2.75 -43.15 17.70
CA TYR A 25 2.29 -43.28 16.31
C TYR A 25 2.99 -42.32 15.34
N GLY A 26 4.06 -41.67 15.77
CA GLY A 26 4.72 -40.66 14.95
C GLY A 26 5.14 -41.19 13.60
N ASN A 27 5.54 -42.48 13.57
CA ASN A 27 6.15 -43.07 12.38
C ASN A 27 5.09 -43.66 11.46
N ARG A 28 3.81 -43.57 11.83
CA ARG A 28 2.76 -44.08 10.98
C ARG A 28 2.64 -43.21 9.73
N LYS A 29 2.49 -43.87 8.58
CA LYS A 29 2.37 -43.17 7.32
C LYS A 29 0.92 -42.82 7.01
N THR A 30 0.67 -41.59 6.52
CA THR A 30 -0.65 -41.16 6.11
C THR A 30 -0.80 -41.11 4.59
N MET A 31 0.29 -40.88 3.85
CA MET A 31 0.20 -40.76 2.40
C MET A 31 1.62 -40.57 1.86
N ASP A 32 1.74 -40.55 0.53
CA ASP A 32 2.99 -40.24 -0.14
C ASP A 32 3.08 -38.73 -0.39
N CYS A 33 4.27 -38.18 -0.11
CA CYS A 33 4.61 -36.84 -0.52
C CYS A 33 5.26 -36.89 -1.90
N THR A 34 4.80 -36.06 -2.83
CA THR A 34 5.23 -36.09 -4.22
C THR A 34 5.85 -34.74 -4.62
N ILE A 35 6.56 -34.75 -5.76
CA ILE A 35 7.08 -33.56 -6.42
C ILE A 35 5.96 -32.56 -6.69
N GLY A 36 4.82 -33.12 -7.12
CA GLY A 36 3.64 -32.33 -7.43
C GLY A 36 3.18 -31.51 -6.22
N HIS A 37 3.29 -32.08 -4.99
CA HIS A 37 2.96 -31.38 -3.75
C HIS A 37 3.81 -30.11 -3.59
N ALA A 38 5.11 -30.25 -3.84
CA ALA A 38 6.04 -29.15 -3.63
C ALA A 38 5.80 -28.01 -4.63
N TYR A 39 5.51 -28.33 -5.90
CA TYR A 39 5.19 -27.31 -6.88
C TYR A 39 3.69 -27.00 -6.96
N GLY A 40 2.85 -27.67 -6.18
CA GLY A 40 1.42 -27.55 -6.35
C GLY A 40 0.79 -26.96 -5.11
N GLY A 41 1.60 -26.31 -4.28
CA GLY A 41 1.09 -25.67 -3.09
C GLY A 41 0.56 -26.63 -2.05
N MET A 42 1.16 -27.83 -1.97
CA MET A 42 0.87 -28.81 -0.93
C MET A 42 -0.55 -29.31 -0.95
N ARG A 43 -1.27 -29.15 -2.07
CA ARG A 43 -2.66 -29.56 -2.17
C ARG A 43 -2.82 -31.02 -1.74
N GLY A 44 -3.65 -31.26 -0.72
CA GLY A 44 -4.00 -32.59 -0.26
C GLY A 44 -3.01 -33.15 0.76
N LEU A 45 -1.88 -32.46 0.94
CA LEU A 45 -0.85 -32.99 1.81
C LEU A 45 -1.26 -32.79 3.27
N LYS A 46 -1.29 -33.89 4.03
CA LYS A 46 -1.72 -33.91 5.44
C LYS A 46 -0.59 -33.45 6.37
N ALA A 47 -0.36 -32.13 6.42
CA ALA A 47 0.89 -31.56 6.91
C ALA A 47 0.72 -30.79 8.23
N LEU A 48 -0.53 -30.65 8.68
CA LEU A 48 -0.91 -29.74 9.77
C LEU A 48 -1.95 -30.43 10.63
N VAL A 49 -2.04 -29.98 11.89
CA VAL A 49 -3.05 -30.39 12.85
C VAL A 49 -4.01 -29.22 13.09
N CYS A 50 -5.32 -29.52 13.13
CA CYS A 50 -6.34 -28.55 13.55
C CYS A 50 -7.49 -29.30 14.22
N ASP A 51 -7.75 -29.01 15.50
CA ASP A 51 -8.83 -29.68 16.23
C ASP A 51 -10.08 -28.83 16.32
N THR A 52 -10.03 -27.56 15.89
CA THR A 52 -11.19 -26.69 16.03
C THR A 52 -12.26 -27.05 15.02
N SER A 53 -11.87 -27.37 13.80
CA SER A 53 -12.84 -27.62 12.77
C SER A 53 -12.23 -28.59 11.77
N GLU A 54 -13.11 -29.17 10.94
CA GLU A 54 -12.75 -30.17 9.94
C GLU A 54 -13.70 -30.08 8.76
N VAL A 55 -13.14 -29.98 7.55
CA VAL A 55 -13.91 -29.86 6.31
C VAL A 55 -14.00 -31.24 5.66
N PHE A 56 -15.22 -31.81 5.67
CA PHE A 56 -15.56 -33.04 4.97
C PHE A 56 -15.95 -32.69 3.54
N PRO A 57 -15.13 -33.05 2.50
CA PRO A 57 -15.44 -32.73 1.10
C PRO A 57 -16.86 -33.01 0.63
N ASP A 58 -17.52 -33.96 1.30
CA ASP A 58 -18.87 -34.38 0.94
C ASP A 58 -19.91 -33.96 1.98
N GLU A 59 -19.57 -33.10 2.96
CA GLU A 59 -20.56 -32.59 3.89
C GLU A 59 -20.31 -31.14 4.32
N GLY A 60 -19.11 -30.61 4.05
CA GLY A 60 -18.76 -29.26 4.46
C GLY A 60 -18.18 -29.22 5.88
N VAL A 61 -18.09 -28.00 6.44
CA VAL A 61 -17.34 -27.81 7.65
C VAL A 61 -18.19 -28.28 8.83
N LYS A 62 -17.51 -28.91 9.80
CA LYS A 62 -18.05 -29.16 11.13
C LYS A 62 -17.14 -28.52 12.17
N PHE A 63 -17.78 -27.96 13.19
CA PHE A 63 -17.04 -27.30 14.26
C PHE A 63 -17.07 -28.22 15.48
N ARG A 64 -15.89 -28.72 15.88
CA ARG A 64 -15.76 -29.71 16.92
C ARG A 64 -16.83 -30.82 16.74
N GLY A 65 -17.02 -31.29 15.50
CA GLY A 65 -17.88 -32.44 15.26
C GLY A 65 -19.34 -32.06 15.04
N TYR A 66 -19.67 -30.77 15.18
CA TYR A 66 -21.05 -30.34 14.98
C TYR A 66 -21.21 -29.67 13.62
N THR A 67 -22.37 -29.88 13.00
CA THR A 67 -22.69 -29.27 11.74
C THR A 67 -23.28 -27.87 11.97
N ILE A 68 -23.29 -27.09 10.89
CA ILE A 68 -23.84 -25.77 11.00
C ILE A 68 -25.34 -25.87 11.29
N PRO A 69 -26.12 -26.70 10.54
CA PRO A 69 -27.52 -26.91 10.91
C PRO A 69 -27.73 -27.32 12.37
N GLU A 70 -26.88 -28.19 12.93
CA GLU A 70 -27.03 -28.57 14.33
C GLU A 70 -26.96 -27.36 15.26
N LEU A 71 -25.99 -26.46 14.99
CA LEU A 71 -25.69 -25.35 15.90
C LEU A 71 -26.60 -24.15 15.64
N ARG A 72 -27.07 -23.99 14.41
CA ARG A 72 -27.88 -22.82 14.08
C ARG A 72 -29.35 -23.12 14.34
N GLU A 73 -29.82 -24.29 13.90
CA GLU A 73 -31.23 -24.64 13.96
C GLU A 73 -31.42 -25.87 14.85
N GLY A 74 -30.64 -26.90 14.51
CA GLY A 74 -30.97 -28.30 14.70
C GLY A 74 -30.88 -28.65 16.16
N PRO A 75 -30.58 -29.92 16.48
CA PRO A 75 -30.70 -30.39 17.87
C PRO A 75 -29.62 -29.92 18.84
N HIS A 76 -28.66 -29.09 18.39
CA HIS A 76 -27.66 -28.60 19.34
C HIS A 76 -27.50 -27.09 19.17
N LYS A 77 -28.59 -26.35 19.38
CA LYS A 77 -28.64 -24.95 19.00
C LYS A 77 -27.87 -24.14 20.03
N LEU A 78 -26.89 -23.36 19.54
CA LEU A 78 -26.08 -22.52 20.40
C LEU A 78 -26.92 -21.38 20.91
N PRO A 79 -26.53 -20.72 22.01
CA PRO A 79 -27.22 -19.52 22.48
C PRO A 79 -27.24 -18.35 21.50
N THR A 80 -28.34 -17.61 21.58
CA THR A 80 -28.66 -16.48 20.74
C THR A 80 -28.76 -15.25 21.61
N ALA A 81 -28.89 -14.07 20.98
CA ALA A 81 -29.16 -12.86 21.73
C ALA A 81 -30.60 -12.94 22.24
N GLU A 82 -30.90 -12.08 23.20
CA GLU A 82 -32.26 -11.89 23.70
C GLU A 82 -33.20 -11.52 22.54
N GLY A 83 -34.16 -12.40 22.25
CA GLY A 83 -35.10 -12.23 21.15
C GLY A 83 -34.54 -12.56 19.78
N GLY A 84 -33.33 -13.16 19.71
CA GLY A 84 -32.68 -13.47 18.45
C GLY A 84 -32.80 -14.94 18.05
N PHE A 85 -32.51 -15.24 16.78
CA PHE A 85 -32.45 -16.59 16.26
C PHE A 85 -31.00 -17.01 15.94
N GLU A 86 -30.18 -16.07 15.49
CA GLU A 86 -28.85 -16.38 15.01
C GLU A 86 -27.93 -16.66 16.18
N PRO A 87 -27.01 -17.66 16.05
CA PRO A 87 -26.10 -18.04 17.11
C PRO A 87 -25.04 -16.97 17.35
N LEU A 88 -24.76 -16.71 18.62
CA LEU A 88 -23.75 -15.75 19.00
C LEU A 88 -22.37 -16.36 18.75
N PRO A 89 -21.48 -15.65 18.05
CA PRO A 89 -20.12 -16.14 17.86
C PRO A 89 -19.32 -16.41 19.13
N GLU A 90 -19.61 -15.70 20.23
CA GLU A 90 -19.00 -15.95 21.53
C GLU A 90 -19.18 -17.41 22.01
N GLY A 91 -20.34 -18.02 21.76
CA GLY A 91 -20.59 -19.39 22.17
C GLY A 91 -19.89 -20.38 21.23
N LEU A 92 -19.88 -20.04 19.95
CA LEU A 92 -19.08 -20.81 19.02
C LEU A 92 -17.61 -20.82 19.43
N TRP A 93 -17.06 -19.69 19.89
CA TRP A 93 -15.68 -19.69 20.34
C TRP A 93 -15.49 -20.64 21.53
N TYR A 94 -16.42 -20.62 22.48
CA TYR A 94 -16.36 -21.53 23.63
C TYR A 94 -16.27 -22.97 23.15
N LEU A 95 -17.13 -23.35 22.19
CA LEU A 95 -17.14 -24.67 21.59
C LEU A 95 -15.81 -24.99 20.92
N LEU A 96 -15.26 -24.05 20.14
CA LEU A 96 -14.02 -24.29 19.43
C LEU A 96 -12.89 -24.57 20.43
N LEU A 97 -12.88 -23.81 21.54
CA LEU A 97 -11.79 -23.95 22.49
C LEU A 97 -11.89 -25.24 23.31
N THR A 98 -13.11 -25.58 23.77
CA THR A 98 -13.32 -26.63 24.76
C THR A 98 -13.78 -27.94 24.12
N GLY A 99 -14.40 -27.86 22.94
CA GLY A 99 -15.08 -29.01 22.35
C GLY A 99 -16.45 -29.30 22.99
N GLU A 100 -16.92 -28.47 23.93
CA GLU A 100 -18.15 -28.65 24.67
C GLU A 100 -19.14 -27.53 24.35
N LEU A 101 -20.45 -27.84 24.24
CA LEU A 101 -21.46 -26.83 23.94
C LEU A 101 -21.64 -25.94 25.16
N PRO A 102 -21.67 -24.60 25.01
CA PRO A 102 -21.74 -23.72 26.17
C PRO A 102 -23.17 -23.60 26.68
N THR A 103 -23.31 -23.18 27.92
CA THR A 103 -24.60 -22.73 28.43
C THR A 103 -24.77 -21.27 28.11
N GLU A 104 -25.94 -20.73 28.45
CA GLU A 104 -26.23 -19.31 28.35
C GLU A 104 -25.23 -18.49 29.16
N GLU A 105 -24.93 -18.99 30.36
CA GLU A 105 -24.12 -18.26 31.31
C GLU A 105 -22.67 -18.22 30.83
N ASP A 106 -22.19 -19.34 30.26
CA ASP A 106 -20.86 -19.40 29.67
C ASP A 106 -20.70 -18.30 28.61
N VAL A 107 -21.74 -18.13 27.78
CA VAL A 107 -21.71 -17.18 26.70
C VAL A 107 -21.71 -15.75 27.26
N LYS A 108 -22.58 -15.48 28.23
CA LYS A 108 -22.63 -14.17 28.85
C LYS A 108 -21.29 -13.80 29.46
N GLU A 109 -20.57 -14.75 30.05
CA GLU A 109 -19.27 -14.46 30.63
C GLU A 109 -18.26 -14.05 29.55
N ILE A 110 -18.27 -14.71 28.39
CA ILE A 110 -17.37 -14.35 27.32
C ILE A 110 -17.75 -12.97 26.78
N SER A 111 -19.04 -12.74 26.47
CA SER A 111 -19.54 -11.44 26.08
C SER A 111 -19.07 -10.33 27.02
N ALA A 112 -19.13 -10.55 28.34
CA ALA A 112 -18.77 -9.49 29.28
C ALA A 112 -17.27 -9.23 29.21
N GLU A 113 -16.52 -10.28 28.92
CA GLU A 113 -15.08 -10.17 28.87
C GLU A 113 -14.72 -9.30 27.67
N PHE A 114 -15.35 -9.56 26.52
CA PHE A 114 -15.15 -8.75 25.34
C PHE A 114 -15.57 -7.30 25.58
N THR A 115 -16.73 -7.12 26.23
CA THR A 115 -17.27 -5.80 26.51
C THR A 115 -16.30 -4.95 27.31
N LYS A 116 -15.75 -5.53 28.36
CA LYS A 116 -14.90 -4.80 29.27
C LYS A 116 -13.61 -4.44 28.54
N ARG A 117 -13.06 -5.40 27.79
CA ARG A 117 -11.72 -5.25 27.23
C ARG A 117 -11.76 -4.36 26.00
N MET A 118 -12.96 -4.14 25.46
CA MET A 118 -13.16 -3.29 24.30
C MET A 118 -12.87 -1.83 24.66
N GLN A 119 -12.89 -1.52 25.96
CA GLN A 119 -12.57 -0.19 26.45
C GLN A 119 -11.07 0.01 26.59
N ASN A 120 -10.26 -0.97 26.25
CA ASN A 120 -8.86 -0.96 26.60
C ASN A 120 -7.98 -1.00 25.34
N VAL A 121 -8.43 -0.42 24.24
CA VAL A 121 -7.59 -0.29 23.07
C VAL A 121 -6.68 0.90 23.30
N PRO A 122 -5.33 0.75 23.28
CA PRO A 122 -4.45 1.89 23.54
C PRO A 122 -4.69 3.09 22.63
N GLN A 123 -4.52 4.30 23.17
CA GLN A 123 -4.61 5.49 22.37
C GLN A 123 -3.60 5.46 21.21
N TYR A 124 -2.43 4.85 21.36
CA TYR A 124 -1.42 4.93 20.31
C TYR A 124 -1.81 4.07 19.10
N VAL A 125 -2.68 3.08 19.27
CA VAL A 125 -3.21 2.29 18.15
C VAL A 125 -3.99 3.21 17.21
N PHE A 126 -4.80 4.11 17.77
CA PHE A 126 -5.51 5.11 16.98
C PHE A 126 -4.56 6.12 16.33
N ASP A 127 -3.52 6.55 17.06
CA ASP A 127 -2.50 7.39 16.46
C ASP A 127 -1.84 6.70 15.25
N VAL A 128 -1.53 5.41 15.38
CA VAL A 128 -0.98 4.66 14.25
C VAL A 128 -1.96 4.66 13.09
N LEU A 129 -3.25 4.39 13.37
CA LEU A 129 -4.22 4.35 12.30
C LEU A 129 -4.35 5.72 11.64
N ARG A 130 -4.34 6.83 12.41
CA ARG A 130 -4.53 8.13 11.81
C ARG A 130 -3.29 8.57 11.04
N ALA A 131 -2.12 8.03 11.35
CA ALA A 131 -0.90 8.42 10.62
C ALA A 131 -0.83 7.77 9.23
N MET A 132 -1.58 6.70 9.00
CA MET A 132 -1.68 6.07 7.69
C MET A 132 -2.59 6.92 6.81
N PRO A 133 -2.21 7.20 5.55
CA PRO A 133 -3.05 7.98 4.65
C PRO A 133 -4.43 7.35 4.50
N VAL A 134 -5.49 8.17 4.53
CA VAL A 134 -6.83 7.62 4.58
C VAL A 134 -7.16 6.76 3.36
N ASP A 135 -6.45 6.92 2.24
CA ASP A 135 -6.71 6.10 1.06
C ASP A 135 -5.97 4.76 1.11
N THR A 136 -5.33 4.41 2.21
CA THR A 136 -4.70 3.11 2.36
C THR A 136 -5.76 2.01 2.37
N HIS A 137 -5.48 0.88 1.72
CA HIS A 137 -6.42 -0.22 1.71
C HIS A 137 -6.82 -0.57 3.14
N PRO A 138 -8.10 -0.84 3.39
CA PRO A 138 -8.52 -1.10 4.78
C PRO A 138 -7.88 -2.32 5.44
N MET A 139 -7.48 -3.34 4.67
CA MET A 139 -6.85 -4.51 5.25
C MET A 139 -5.40 -4.20 5.64
N THR A 140 -4.77 -3.21 5.01
CA THR A 140 -3.45 -2.78 5.46
C THR A 140 -3.56 -2.05 6.80
N MET A 141 -4.55 -1.17 6.91
CA MET A 141 -4.82 -0.45 8.15
C MET A 141 -5.15 -1.46 9.27
N PHE A 142 -5.98 -2.47 8.98
CA PHE A 142 -6.39 -3.44 9.99
C PHE A 142 -5.18 -4.20 10.55
N ALA A 143 -4.36 -4.70 9.64
CA ALA A 143 -3.18 -5.45 10.02
C ALA A 143 -2.25 -4.57 10.84
N ALA A 144 -2.09 -3.30 10.46
CA ALA A 144 -1.14 -2.42 11.10
C ALA A 144 -1.61 -2.09 12.51
N GLY A 145 -2.90 -1.86 12.68
CA GLY A 145 -3.39 -1.53 14.01
C GLY A 145 -3.25 -2.70 14.97
N ILE A 146 -3.54 -3.90 14.48
CA ILE A 146 -3.36 -5.12 15.26
C ILE A 146 -1.90 -5.27 15.63
N LEU A 147 -1.01 -5.16 14.63
CA LEU A 147 0.41 -5.27 14.92
C LEU A 147 0.88 -4.23 15.96
N ALA A 148 0.41 -2.97 15.90
CA ALA A 148 0.89 -1.97 16.85
C ALA A 148 0.59 -2.35 18.31
N MET A 149 -0.47 -3.12 18.51
CA MET A 149 -0.92 -3.44 19.84
C MET A 149 -0.11 -4.61 20.39
N GLN A 150 0.93 -5.04 19.64
CA GLN A 150 1.81 -6.11 20.09
C GLN A 150 2.58 -5.65 21.33
N ARG A 151 2.74 -4.34 21.52
CA ARG A 151 3.38 -3.84 22.73
C ARG A 151 2.66 -4.28 24.01
N GLU A 152 1.35 -4.57 23.96
CA GLU A 152 0.59 -4.98 25.14
C GLU A 152 0.58 -6.51 25.31
N SER A 153 1.40 -7.26 24.56
CA SER A 153 1.36 -8.72 24.60
C SER A 153 1.84 -9.24 25.96
N VAL A 154 0.97 -9.99 26.63
CA VAL A 154 1.29 -10.68 27.88
C VAL A 154 2.18 -11.89 27.60
N PHE A 155 1.94 -12.60 26.49
CA PHE A 155 2.80 -13.70 26.08
C PHE A 155 4.24 -13.23 25.88
N ALA A 156 4.44 -12.16 25.09
CA ALA A 156 5.78 -11.65 24.85
C ALA A 156 6.46 -11.32 26.17
N LYS A 157 5.74 -10.62 27.04
CA LYS A 157 6.32 -10.12 28.28
C LYS A 157 6.67 -11.30 29.20
N ARG A 158 5.74 -12.24 29.39
CA ARG A 158 5.97 -13.37 30.27
C ARG A 158 7.06 -14.28 29.70
N TYR A 159 7.13 -14.43 28.38
CA TYR A 159 8.18 -15.23 27.80
C TYR A 159 9.58 -14.66 28.11
N GLU A 160 9.72 -13.33 28.00
CA GLU A 160 10.96 -12.63 28.32
C GLU A 160 11.36 -12.83 29.78
N GLU A 161 10.38 -12.81 30.69
CA GLU A 161 10.67 -12.91 32.10
C GLU A 161 11.06 -14.33 32.48
N GLY A 162 10.71 -15.31 31.65
CA GLY A 162 10.86 -16.71 32.00
C GLY A 162 9.54 -17.25 32.53
N MET A 163 8.84 -18.04 31.72
CA MET A 163 7.64 -18.73 32.16
C MET A 163 7.79 -20.18 31.75
N ARG A 164 7.12 -21.08 32.46
CA ARG A 164 7.18 -22.49 32.09
C ARG A 164 6.33 -22.66 30.83
N ARG A 165 6.64 -23.69 30.04
CA ARG A 165 5.97 -23.94 28.76
C ARG A 165 4.49 -24.23 28.97
N GLU A 166 4.14 -24.67 30.20
CA GLU A 166 2.79 -25.02 30.60
C GLU A 166 1.94 -23.78 30.85
N GLU A 167 2.57 -22.62 31.07
CA GLU A 167 1.81 -21.38 31.22
C GLU A 167 1.52 -20.73 29.86
N HIS A 168 2.10 -21.25 28.77
CA HIS A 168 1.91 -20.66 27.46
C HIS A 168 0.43 -20.43 27.17
N TRP A 169 -0.42 -21.44 27.36
CA TRP A 169 -1.76 -21.38 26.82
C TRP A 169 -2.54 -20.26 27.52
N GLU A 170 -2.11 -19.93 28.76
CA GLU A 170 -2.81 -18.98 29.60
C GLU A 170 -2.50 -17.55 29.12
N ALA A 171 -1.26 -17.31 28.72
CA ALA A 171 -0.86 -16.02 28.19
C ALA A 171 -1.48 -15.82 26.81
N MET A 172 -1.59 -16.90 26.03
CA MET A 172 -2.24 -16.86 24.75
C MET A 172 -3.73 -16.53 24.91
N LEU A 173 -4.35 -17.04 25.96
CA LEU A 173 -5.77 -16.81 26.14
C LEU A 173 -6.05 -15.35 26.53
N GLU A 174 -5.23 -14.81 27.42
CA GLU A 174 -5.37 -13.43 27.88
C GLU A 174 -5.19 -12.47 26.68
N ASP A 175 -4.17 -12.76 25.86
CA ASP A 175 -3.86 -11.96 24.69
C ASP A 175 -5.01 -12.05 23.71
N SER A 176 -5.60 -13.25 23.57
CA SER A 176 -6.66 -13.47 22.61
C SER A 176 -7.91 -12.69 23.01
N LEU A 177 -8.21 -12.66 24.32
CA LEU A 177 -9.36 -11.92 24.83
C LEU A 177 -9.18 -10.44 24.52
N ASN A 178 -8.00 -9.89 24.83
CA ASN A 178 -7.69 -8.51 24.53
C ASN A 178 -7.79 -8.20 23.04
N MET A 179 -7.21 -9.07 22.21
CA MET A 179 -7.12 -8.76 20.80
C MET A 179 -8.51 -8.85 20.20
N LEU A 180 -9.25 -9.90 20.57
CA LEU A 180 -10.58 -10.09 20.05
C LEU A 180 -11.47 -8.90 20.44
N ALA A 181 -11.31 -8.42 21.67
CA ALA A 181 -12.12 -7.28 22.09
C ALA A 181 -11.79 -6.02 21.28
N ALA A 182 -10.52 -5.88 20.89
CA ALA A 182 -10.03 -4.74 20.12
C ALA A 182 -10.41 -4.78 18.64
N LEU A 183 -10.54 -5.97 18.02
CA LEU A 183 -10.77 -6.03 16.59
C LEU A 183 -11.97 -5.21 16.13
N PRO A 184 -13.19 -5.30 16.73
CA PRO A 184 -14.30 -4.49 16.26
C PRO A 184 -14.07 -2.98 16.38
N VAL A 185 -13.35 -2.56 17.43
CA VAL A 185 -13.06 -1.15 17.63
C VAL A 185 -12.14 -0.67 16.50
N ILE A 186 -11.12 -1.45 16.20
CA ILE A 186 -10.18 -1.10 15.13
C ILE A 186 -10.89 -1.09 13.79
N ALA A 187 -11.66 -2.15 13.51
CA ALA A 187 -12.36 -2.27 12.25
C ALA A 187 -13.32 -1.10 12.07
N ALA A 188 -14.12 -0.78 13.10
CA ALA A 188 -15.08 0.30 13.01
C ALA A 188 -14.35 1.63 12.81
N TYR A 189 -13.20 1.78 13.49
CA TYR A 189 -12.46 3.02 13.36
C TYR A 189 -12.10 3.25 11.89
N ILE A 190 -11.57 2.20 11.27
CA ILE A 190 -11.21 2.21 9.86
C ILE A 190 -12.44 2.56 9.04
N TYR A 191 -13.55 1.85 9.28
CA TYR A 191 -14.77 2.05 8.51
C TYR A 191 -15.25 3.50 8.60
N ARG A 192 -15.28 4.03 9.82
CA ARG A 192 -15.78 5.38 10.01
C ARG A 192 -14.85 6.42 9.38
N ARG A 193 -13.54 6.21 9.54
CA ARG A 193 -12.58 7.19 9.06
C ARG A 193 -12.59 7.22 7.53
N LYS A 194 -12.64 6.04 6.87
CA LYS A 194 -12.56 6.00 5.44
C LYS A 194 -13.88 6.39 4.78
N TYR A 195 -15.00 5.94 5.33
CA TYR A 195 -16.22 5.93 4.53
C TYR A 195 -17.34 6.75 5.16
N LYS A 196 -17.25 7.14 6.44
CA LYS A 196 -18.40 7.78 7.05
C LYS A 196 -18.00 9.11 7.66
N GLY A 197 -17.02 9.77 7.06
CA GLY A 197 -16.73 11.14 7.40
C GLY A 197 -16.02 11.32 8.74
N ASP A 198 -15.31 10.28 9.20
CA ASP A 198 -14.38 10.40 10.31
C ASP A 198 -15.09 10.88 11.57
N THR A 199 -16.30 10.36 11.79
CA THR A 199 -17.03 10.53 13.03
C THR A 199 -17.11 9.15 13.66
N HIS A 200 -16.83 9.10 14.95
CA HIS A 200 -16.57 7.86 15.67
C HIS A 200 -17.65 7.62 16.73
N ILE A 201 -18.10 6.37 16.82
CA ILE A 201 -19.14 5.89 17.70
C ILE A 201 -18.49 4.93 18.68
N ALA A 202 -18.70 5.20 19.97
CA ALA A 202 -18.13 4.44 21.06
C ALA A 202 -18.80 3.06 21.15
N PRO A 203 -18.12 2.03 21.72
CA PRO A 203 -18.74 0.74 21.96
C PRO A 203 -19.93 0.89 22.90
N ASP A 204 -20.92 0.04 22.70
CA ASP A 204 -22.06 -0.02 23.60
C ASP A 204 -21.81 -1.12 24.63
N PRO A 205 -21.70 -0.82 25.94
CA PRO A 205 -21.46 -1.86 26.95
C PRO A 205 -22.55 -2.91 27.06
N ASN A 206 -23.74 -2.71 26.49
CA ASN A 206 -24.79 -3.69 26.67
C ASN A 206 -25.03 -4.52 25.40
N LEU A 207 -24.24 -4.33 24.34
CA LEU A 207 -24.38 -5.20 23.17
C LEU A 207 -23.34 -6.31 23.22
N ASP A 208 -23.67 -7.42 22.58
CA ASP A 208 -22.74 -8.50 22.31
C ASP A 208 -21.73 -8.06 21.24
N TRP A 209 -20.75 -8.93 20.95
CA TRP A 209 -19.54 -8.62 20.19
C TRP A 209 -19.84 -8.21 18.75
N SER A 210 -20.63 -9.04 18.03
CA SER A 210 -21.01 -8.79 16.65
C SER A 210 -21.85 -7.53 16.53
N ALA A 211 -22.88 -7.43 17.37
CA ALA A 211 -23.79 -6.30 17.37
C ALA A 211 -23.01 -5.02 17.60
N ASN A 212 -21.97 -5.09 18.41
CA ASN A 212 -21.23 -3.89 18.73
C ASN A 212 -20.45 -3.40 17.53
N LEU A 213 -19.96 -4.32 16.69
CA LEU A 213 -19.30 -3.89 15.48
C LEU A 213 -20.27 -3.13 14.57
N ALA A 214 -21.46 -3.68 14.41
CA ALA A 214 -22.48 -3.08 13.57
C ALA A 214 -22.82 -1.69 14.12
N HIS A 215 -23.02 -1.60 15.42
CA HIS A 215 -23.33 -0.35 16.08
C HIS A 215 -22.21 0.67 15.84
N MET A 216 -20.95 0.26 16.01
CA MET A 216 -19.86 1.22 15.92
C MET A 216 -19.63 1.62 14.45
N MET A 217 -20.12 0.79 13.53
CA MET A 217 -20.06 1.13 12.13
C MET A 217 -21.19 2.09 11.75
N GLY A 218 -22.24 2.16 12.58
CA GLY A 218 -23.34 3.06 12.36
C GLY A 218 -24.65 2.35 11.97
N PHE A 219 -24.78 1.04 12.20
CA PHE A 219 -25.99 0.30 11.84
C PHE A 219 -26.60 -0.27 13.12
N ASP A 220 -27.88 0.06 13.43
CA ASP A 220 -28.50 -0.37 14.68
C ASP A 220 -29.81 -1.16 14.51
N ASP A 221 -30.21 -1.48 13.28
CA ASP A 221 -31.35 -2.36 13.05
C ASP A 221 -31.08 -3.76 13.62
N PHE A 222 -32.11 -4.29 14.25
CA PHE A 222 -32.09 -5.65 14.77
C PHE A 222 -31.67 -6.65 13.70
N GLU A 223 -32.18 -6.53 12.47
CA GLU A 223 -31.87 -7.47 11.42
C GLU A 223 -30.39 -7.42 11.07
N VAL A 224 -29.75 -6.24 11.22
CA VAL A 224 -28.35 -6.09 10.88
C VAL A 224 -27.48 -6.74 11.97
N TYR A 225 -27.89 -6.55 13.25
CA TYR A 225 -27.25 -7.24 14.36
C TYR A 225 -27.32 -8.76 14.16
N GLU A 226 -28.47 -9.26 13.72
CA GLU A 226 -28.63 -10.68 13.46
C GLU A 226 -27.75 -11.13 12.28
N LEU A 227 -27.69 -10.33 11.22
CA LEU A 227 -26.82 -10.68 10.11
C LEU A 227 -25.36 -10.75 10.58
N PHE A 228 -24.92 -9.79 11.41
CA PHE A 228 -23.52 -9.78 11.84
C PHE A 228 -23.22 -10.99 12.71
N ARG A 229 -24.14 -11.36 13.60
CA ARG A 229 -23.97 -12.54 14.44
C ARG A 229 -23.81 -13.77 13.55
N LEU A 230 -24.67 -13.93 12.54
CA LEU A 230 -24.61 -15.07 11.65
C LEU A 230 -23.34 -15.04 10.80
N TYR A 231 -23.03 -13.87 10.23
CA TYR A 231 -21.84 -13.70 9.40
C TYR A 231 -20.58 -14.10 10.19
N MET A 232 -20.49 -13.68 11.46
CA MET A 232 -19.30 -13.89 12.29
C MET A 232 -19.19 -15.35 12.70
N PHE A 233 -20.35 -15.97 12.96
CA PHE A 233 -20.41 -17.41 13.16
C PHE A 233 -19.88 -18.20 11.96
N LEU A 234 -20.35 -17.89 10.75
CA LEU A 234 -20.11 -18.74 9.60
C LEU A 234 -18.66 -18.68 9.12
N HIS A 235 -18.01 -17.52 9.27
CA HIS A 235 -16.68 -17.29 8.73
C HIS A 235 -15.59 -17.50 9.75
N SER A 236 -15.96 -18.06 10.90
CA SER A 236 -15.13 -18.13 12.09
C SER A 236 -13.90 -19.02 11.89
N ASP A 237 -14.07 -20.16 11.19
CA ASP A 237 -13.01 -21.16 11.16
C ASP A 237 -13.28 -22.12 9.98
N HIS A 238 -12.21 -22.57 9.32
CA HIS A 238 -12.34 -23.53 8.22
C HIS A 238 -11.07 -24.37 8.06
N GLU A 239 -10.75 -25.16 9.11
CA GLU A 239 -9.56 -25.99 9.17
C GLU A 239 -8.32 -25.12 9.27
N GLY A 240 -7.17 -25.79 9.23
CA GLY A 240 -5.92 -25.14 9.52
C GLY A 240 -5.18 -24.78 8.23
N GLY A 241 -5.65 -25.26 7.08
CA GLY A 241 -4.84 -25.25 5.88
C GLY A 241 -5.02 -24.03 4.96
N ASN A 242 -6.09 -23.24 5.16
CA ASN A 242 -6.29 -22.05 4.35
C ASN A 242 -5.16 -21.04 4.68
N VAL A 243 -4.88 -20.12 3.77
CA VAL A 243 -3.70 -19.27 3.93
C VAL A 243 -3.71 -18.48 5.23
N SER A 244 -4.85 -17.91 5.66
CA SER A 244 -4.82 -17.11 6.88
C SER A 244 -4.61 -17.97 8.13
N ALA A 245 -5.34 -19.07 8.27
CA ALA A 245 -5.17 -19.94 9.43
C ALA A 245 -3.75 -20.49 9.49
N HIS A 246 -3.22 -20.86 8.33
CA HIS A 246 -1.91 -21.48 8.25
C HIS A 246 -0.84 -20.45 8.55
N THR A 247 -0.98 -19.25 7.99
CA THR A 247 -0.02 -18.20 8.34
C THR A 247 -0.03 -17.95 9.85
N ASN A 248 -1.22 -17.88 10.48
CA ASN A 248 -1.28 -17.70 11.92
C ASN A 248 -0.50 -18.81 12.65
N LEU A 249 -0.71 -20.09 12.28
CA LEU A 249 -0.05 -21.21 12.94
C LEU A 249 1.47 -21.17 12.73
N LEU A 250 1.90 -20.82 11.52
CA LEU A 250 3.31 -20.82 11.18
C LEU A 250 4.06 -19.79 12.02
N VAL A 251 3.50 -18.58 12.12
CA VAL A 251 4.18 -17.53 12.88
C VAL A 251 4.09 -17.83 14.37
N ASN A 252 2.94 -18.33 14.83
CA ASN A 252 2.75 -18.75 16.21
C ASN A 252 3.74 -19.86 16.60
N SER A 253 4.11 -20.72 15.64
CA SER A 253 5.05 -21.82 15.85
C SER A 253 6.45 -21.37 16.30
N ALA A 254 6.82 -20.13 15.97
CA ALA A 254 8.09 -19.59 16.40
C ALA A 254 7.98 -18.87 17.74
N TYR A 255 6.82 -19.00 18.41
CA TYR A 255 6.52 -18.31 19.67
C TYR A 255 6.29 -16.81 19.48
N SER A 256 5.88 -16.39 18.28
CA SER A 256 5.46 -15.01 18.08
C SER A 256 4.04 -14.91 18.63
N ASP A 257 3.74 -13.83 19.35
CA ASP A 257 2.45 -13.64 20.00
C ASP A 257 1.31 -13.42 18.99
N ILE A 258 0.07 -13.36 19.48
CA ILE A 258 -1.11 -13.45 18.62
C ILE A 258 -1.25 -12.17 17.80
N TYR A 259 -0.71 -11.06 18.31
CA TYR A 259 -0.77 -9.82 17.56
C TYR A 259 0.10 -9.92 16.32
N ARG A 260 1.26 -10.53 16.47
CA ARG A 260 2.12 -10.78 15.32
C ARG A 260 1.57 -11.87 14.42
N SER A 261 1.05 -12.97 14.98
CA SER A 261 0.65 -14.07 14.10
C SER A 261 -0.64 -13.71 13.38
N PHE A 262 -1.53 -13.00 14.08
CA PHE A 262 -2.82 -12.69 13.46
C PHE A 262 -2.68 -11.53 12.48
N SER A 263 -1.80 -10.56 12.76
CA SER A 263 -1.57 -9.52 11.76
C SER A 263 -0.90 -10.12 10.52
N ALA A 264 0.00 -11.10 10.69
CA ALA A 264 0.55 -11.83 9.54
C ALA A 264 -0.57 -12.54 8.76
N ALA A 265 -1.51 -13.19 9.46
CA ALA A 265 -2.61 -13.88 8.81
C ALA A 265 -3.46 -12.91 7.99
N MET A 266 -3.62 -11.68 8.48
CA MET A 266 -4.45 -10.72 7.79
C MET A 266 -3.78 -10.26 6.50
N ASN A 267 -2.45 -10.18 6.46
CA ASN A 267 -1.73 -9.87 5.24
C ASN A 267 -1.95 -10.96 4.18
N GLY A 268 -2.13 -12.21 4.61
CA GLY A 268 -2.50 -13.31 3.73
C GLY A 268 -3.96 -13.24 3.29
N LEU A 269 -4.86 -12.96 4.23
CA LEU A 269 -6.27 -12.82 3.92
C LEU A 269 -6.48 -11.67 2.94
N ALA A 270 -5.60 -10.66 2.97
CA ALA A 270 -5.73 -9.52 2.08
C ALA A 270 -5.44 -9.92 0.63
N GLY A 271 -4.79 -11.07 0.42
CA GLY A 271 -4.48 -11.47 -0.95
C GLY A 271 -5.76 -11.71 -1.76
N PRO A 272 -5.77 -11.29 -3.05
CA PRO A 272 -6.87 -11.59 -3.98
C PRO A 272 -7.38 -13.04 -4.07
N LEU A 273 -6.50 -14.03 -3.89
CA LEU A 273 -6.94 -15.42 -4.01
C LEU A 273 -7.51 -15.93 -2.69
N HIS A 274 -7.46 -15.13 -1.62
CA HIS A 274 -8.00 -15.63 -0.34
C HIS A 274 -9.21 -14.81 0.10
N GLY A 275 -9.22 -13.49 -0.08
CA GLY A 275 -10.19 -12.69 0.66
C GLY A 275 -11.10 -11.82 -0.21
N LEU A 276 -11.05 -11.97 -1.53
CA LEU A 276 -11.73 -11.05 -2.43
C LEU A 276 -12.99 -11.67 -3.04
N ALA A 277 -13.24 -12.96 -2.86
CA ALA A 277 -14.28 -13.68 -3.61
C ALA A 277 -15.68 -13.10 -3.40
N ASN A 278 -16.01 -12.72 -2.15
CA ASN A 278 -17.24 -12.03 -1.75
C ASN A 278 -17.58 -10.88 -2.70
N GLN A 279 -16.63 -9.96 -2.84
CA GLN A 279 -16.79 -8.75 -3.63
C GLN A 279 -16.92 -9.07 -5.11
N GLU A 280 -16.13 -10.04 -5.59
CA GLU A 280 -16.16 -10.41 -7.00
C GLU A 280 -17.56 -10.91 -7.33
N VAL A 281 -18.11 -11.75 -6.45
CA VAL A 281 -19.43 -12.31 -6.67
C VAL A 281 -20.44 -11.18 -6.74
N LEU A 282 -20.44 -10.28 -5.75
CA LEU A 282 -21.45 -9.22 -5.72
C LEU A 282 -21.39 -8.37 -7.00
N ARG A 283 -20.19 -8.01 -7.44
CA ARG A 283 -20.05 -7.21 -8.66
C ARG A 283 -20.61 -7.98 -9.86
N TRP A 284 -20.41 -9.28 -9.86
CA TRP A 284 -20.86 -10.13 -10.95
C TRP A 284 -22.39 -10.16 -10.96
N ILE A 285 -23.00 -10.36 -9.78
CA ILE A 285 -24.43 -10.28 -9.62
C ILE A 285 -24.95 -8.92 -10.12
N GLN A 286 -24.25 -7.84 -9.78
CA GLN A 286 -24.72 -6.51 -10.16
C GLN A 286 -24.56 -6.28 -11.66
N MET A 287 -23.53 -6.89 -12.26
CA MET A 287 -23.31 -6.84 -13.71
C MET A 287 -24.49 -7.51 -14.41
N LEU A 288 -24.96 -8.65 -13.89
CA LEU A 288 -26.10 -9.34 -14.47
C LEU A 288 -27.35 -8.46 -14.46
N TYR A 289 -27.68 -7.94 -13.26
CA TYR A 289 -28.81 -7.04 -13.09
C TYR A 289 -28.80 -5.93 -14.14
N LYS A 290 -27.65 -5.28 -14.31
CA LYS A 290 -27.53 -4.17 -15.23
C LYS A 290 -27.60 -4.70 -16.67
N LYS A 291 -27.03 -5.87 -16.94
CA LYS A 291 -27.02 -6.40 -18.30
C LYS A 291 -28.45 -6.73 -18.75
N PHE A 292 -29.32 -7.23 -17.85
CA PHE A 292 -30.64 -7.69 -18.25
C PHE A 292 -31.76 -6.75 -17.82
N GLY A 293 -31.42 -5.54 -17.36
CA GLY A 293 -32.41 -4.58 -16.88
C GLY A 293 -33.30 -5.15 -15.78
N GLY A 294 -32.73 -6.00 -14.93
CA GLY A 294 -33.49 -6.66 -13.88
C GLY A 294 -33.01 -8.10 -13.74
N VAL A 295 -33.87 -8.94 -13.17
CA VAL A 295 -33.56 -10.35 -12.99
C VAL A 295 -33.66 -11.04 -14.34
N PRO A 296 -32.61 -11.77 -14.79
CA PRO A 296 -32.73 -12.58 -16.00
C PRO A 296 -33.65 -13.79 -15.81
N THR A 297 -34.14 -14.32 -16.94
CA THR A 297 -34.81 -15.62 -17.00
C THR A 297 -33.79 -16.75 -16.92
N LYS A 298 -34.29 -17.96 -16.63
CA LYS A 298 -33.49 -19.17 -16.59
C LYS A 298 -32.67 -19.33 -17.87
N GLU A 299 -33.29 -19.06 -19.03
CA GLU A 299 -32.68 -19.30 -20.34
C GLU A 299 -31.59 -18.27 -20.61
N GLN A 300 -31.88 -17.00 -20.29
CA GLN A 300 -30.87 -15.95 -20.38
C GLN A 300 -29.65 -16.30 -19.53
N LEU A 301 -29.89 -16.72 -18.30
CA LEU A 301 -28.80 -16.97 -17.36
C LEU A 301 -28.02 -18.19 -17.83
N GLU A 302 -28.75 -19.23 -18.26
CA GLU A 302 -28.12 -20.44 -18.76
C GLU A 302 -27.17 -20.08 -19.90
N ARG A 303 -27.70 -19.33 -20.88
CA ARG A 303 -26.91 -18.93 -22.03
C ARG A 303 -25.72 -18.12 -21.56
N PHE A 304 -25.93 -17.19 -20.61
CA PHE A 304 -24.84 -16.34 -20.18
C PHE A 304 -23.71 -17.20 -19.61
N ALA A 305 -24.08 -18.22 -18.83
CA ALA A 305 -23.11 -19.03 -18.11
C ALA A 305 -22.19 -19.74 -19.12
N TRP A 306 -22.85 -20.34 -20.12
CA TRP A 306 -22.18 -21.02 -21.22
C TRP A 306 -21.26 -20.08 -21.98
N ASP A 307 -21.80 -18.92 -22.39
CA ASP A 307 -20.97 -17.91 -23.05
C ASP A 307 -19.76 -17.54 -22.17
N THR A 308 -19.94 -17.50 -20.84
CA THR A 308 -18.89 -17.09 -19.91
C THR A 308 -17.73 -18.10 -19.91
N LEU A 309 -18.07 -19.38 -19.64
CA LEU A 309 -17.12 -20.48 -19.57
C LEU A 309 -16.39 -20.68 -20.91
N ASN A 310 -17.14 -20.68 -22.01
CA ASN A 310 -16.55 -20.89 -23.32
C ASN A 310 -15.75 -19.68 -23.75
N SER A 311 -15.85 -18.54 -23.02
CA SER A 311 -14.95 -17.41 -23.29
C SER A 311 -13.76 -17.41 -22.33
N GLY A 312 -13.52 -18.54 -21.64
CA GLY A 312 -12.37 -18.72 -20.77
C GLY A 312 -12.53 -18.14 -19.37
N GLN A 313 -13.76 -17.73 -18.98
CA GLN A 313 -13.93 -17.04 -17.70
C GLN A 313 -14.39 -18.05 -16.64
N VAL A 314 -14.18 -17.62 -15.38
CA VAL A 314 -14.66 -18.34 -14.20
C VAL A 314 -15.98 -17.72 -13.72
N ILE A 315 -16.93 -18.57 -13.31
CA ILE A 315 -18.14 -18.17 -12.60
C ILE A 315 -17.87 -17.98 -11.10
N PRO A 316 -17.86 -16.73 -10.56
CA PRO A 316 -17.48 -16.55 -9.15
C PRO A 316 -18.52 -17.12 -8.18
N GLY A 317 -18.02 -17.69 -7.08
CA GLY A 317 -18.83 -18.16 -5.98
C GLY A 317 -19.16 -19.65 -6.10
N TYR A 318 -18.64 -20.27 -7.18
CA TYR A 318 -18.78 -21.70 -7.41
C TYR A 318 -17.39 -22.34 -7.43
N GLY A 319 -17.31 -23.57 -6.92
CA GLY A 319 -16.04 -24.28 -6.80
C GLY A 319 -15.33 -24.03 -5.47
N HIS A 320 -14.47 -24.98 -5.11
CA HIS A 320 -13.61 -24.84 -3.94
C HIS A 320 -12.37 -25.70 -4.10
N ALA A 321 -11.29 -25.29 -3.41
CA ALA A 321 -10.03 -26.01 -3.34
C ALA A 321 -10.15 -27.34 -2.59
N VAL A 322 -11.30 -27.61 -1.93
CA VAL A 322 -11.48 -28.85 -1.13
C VAL A 322 -12.95 -29.28 -1.13
N LEU A 323 -13.86 -28.36 -0.86
CA LEU A 323 -15.29 -28.66 -0.85
C LEU A 323 -15.67 -29.37 -2.14
N ARG A 324 -16.68 -30.27 -2.04
CA ARG A 324 -17.13 -31.07 -3.17
C ARG A 324 -18.66 -31.11 -3.27
N VAL A 325 -19.34 -30.48 -2.33
CA VAL A 325 -20.83 -30.37 -2.42
C VAL A 325 -21.19 -28.93 -2.05
N THR A 326 -22.46 -28.65 -1.78
CA THR A 326 -22.91 -27.29 -1.46
C THR A 326 -22.38 -26.89 -0.08
N ASP A 327 -21.76 -25.71 -0.03
CA ASP A 327 -21.17 -25.23 1.21
C ASP A 327 -22.33 -25.01 2.18
N PRO A 328 -22.39 -25.70 3.32
CA PRO A 328 -23.42 -25.39 4.30
C PRO A 328 -23.42 -23.93 4.83
N ARG A 329 -22.32 -23.20 4.64
CA ARG A 329 -22.28 -21.78 4.98
C ARG A 329 -23.12 -20.99 3.98
N TYR A 330 -23.17 -21.47 2.73
CA TYR A 330 -24.05 -20.89 1.73
C TYR A 330 -25.50 -21.11 2.16
N VAL A 331 -25.83 -22.32 2.59
CA VAL A 331 -27.22 -22.65 2.82
C VAL A 331 -27.78 -21.83 3.98
N ALA A 332 -26.95 -21.54 5.00
CA ALA A 332 -27.43 -20.76 6.14
C ALA A 332 -27.76 -19.33 5.70
N GLN A 333 -26.95 -18.80 4.79
CA GLN A 333 -27.14 -17.44 4.32
C GLN A 333 -28.39 -17.33 3.44
N ARG A 334 -28.63 -18.35 2.60
CA ARG A 334 -29.85 -18.42 1.79
C ARG A 334 -31.08 -18.43 2.69
N ASP A 335 -31.02 -19.21 3.77
CA ASP A 335 -32.11 -19.25 4.72
C ASP A 335 -32.40 -17.87 5.32
N PHE A 336 -31.34 -17.18 5.77
CA PHE A 336 -31.47 -15.83 6.30
C PHE A 336 -32.16 -14.95 5.26
N ALA A 337 -31.76 -15.05 3.98
CA ALA A 337 -32.28 -14.21 2.91
C ALA A 337 -33.77 -14.50 2.61
N LEU A 338 -34.12 -15.79 2.54
CA LEU A 338 -35.51 -16.18 2.30
C LEU A 338 -36.40 -15.62 3.41
N LYS A 339 -35.86 -15.64 4.63
CA LYS A 339 -36.58 -15.16 5.80
C LYS A 339 -36.68 -13.62 5.79
N HIS A 340 -35.60 -12.92 5.40
CA HIS A 340 -35.53 -11.49 5.74
C HIS A 340 -35.54 -10.59 4.52
N LEU A 341 -35.12 -11.02 3.33
CA LEU A 341 -35.19 -10.13 2.19
C LEU A 341 -35.52 -10.89 0.93
N PRO A 342 -36.65 -11.64 0.90
CA PRO A 342 -36.98 -12.50 -0.24
C PRO A 342 -37.20 -11.74 -1.55
N ASP A 343 -37.62 -10.48 -1.46
CA ASP A 343 -37.93 -9.70 -2.65
C ASP A 343 -36.76 -8.83 -3.13
N ASP A 344 -35.61 -8.92 -2.45
CA ASP A 344 -34.43 -8.17 -2.88
C ASP A 344 -34.02 -8.70 -4.24
N GLU A 345 -33.97 -7.79 -5.20
CA GLU A 345 -33.67 -8.11 -6.59
C GLU A 345 -32.34 -8.85 -6.77
N LEU A 346 -31.28 -8.35 -6.14
CA LEU A 346 -29.97 -8.97 -6.22
C LEU A 346 -30.03 -10.37 -5.62
N PHE A 347 -30.73 -10.52 -4.49
CA PHE A 347 -30.92 -11.85 -3.93
C PHE A 347 -31.63 -12.78 -4.94
N LYS A 348 -32.61 -12.27 -5.70
CA LYS A 348 -33.31 -13.07 -6.68
C LYS A 348 -32.36 -13.58 -7.76
N ILE A 349 -31.32 -12.82 -8.10
CA ILE A 349 -30.35 -13.32 -9.05
C ILE A 349 -29.54 -14.46 -8.43
N VAL A 350 -29.11 -14.28 -7.17
CA VAL A 350 -28.29 -15.26 -6.45
C VAL A 350 -29.02 -16.60 -6.39
N SER A 351 -30.30 -16.53 -6.04
CA SER A 351 -31.21 -17.65 -5.95
C SER A 351 -31.27 -18.39 -7.30
N LEU A 352 -31.52 -17.64 -8.36
CA LEU A 352 -31.61 -18.19 -9.69
C LEU A 352 -30.31 -18.88 -10.09
N CYS A 353 -29.18 -18.27 -9.74
CA CYS A 353 -27.89 -18.91 -9.98
C CYS A 353 -27.85 -20.29 -9.33
N TYR A 354 -28.48 -20.40 -8.15
CA TYR A 354 -28.48 -21.63 -7.39
C TYR A 354 -29.16 -22.74 -8.20
N GLU A 355 -30.18 -22.39 -8.98
CA GLU A 355 -30.90 -23.37 -9.80
C GLU A 355 -30.10 -23.74 -11.06
N VAL A 356 -29.51 -22.73 -11.72
CA VAL A 356 -29.01 -22.90 -13.07
C VAL A 356 -27.54 -23.30 -13.06
N ILE A 357 -26.70 -22.62 -12.27
CA ILE A 357 -25.27 -22.66 -12.50
C ILE A 357 -24.68 -24.05 -12.28
N PRO A 358 -25.12 -24.84 -11.26
CA PRO A 358 -24.52 -26.16 -11.03
C PRO A 358 -24.57 -27.06 -12.29
N GLU A 359 -25.78 -27.26 -12.85
CA GLU A 359 -26.01 -28.01 -14.09
C GLU A 359 -24.98 -27.67 -15.15
N VAL A 360 -24.73 -26.38 -15.34
CA VAL A 360 -23.83 -25.89 -16.37
C VAL A 360 -22.39 -26.31 -16.08
N LEU A 361 -21.92 -26.08 -14.84
CA LEU A 361 -20.54 -26.35 -14.47
C LEU A 361 -20.23 -27.86 -14.51
N LYS A 362 -21.25 -28.69 -14.27
CA LYS A 362 -21.14 -30.14 -14.39
C LYS A 362 -20.84 -30.54 -15.84
N LYS A 363 -21.70 -30.12 -16.77
CA LYS A 363 -21.55 -30.47 -18.16
C LYS A 363 -20.24 -29.90 -18.71
N HIS A 364 -19.92 -28.65 -18.39
CA HIS A 364 -18.65 -28.06 -18.81
C HIS A 364 -17.47 -28.92 -18.34
N GLY A 365 -17.58 -29.52 -17.15
CA GLY A 365 -16.76 -30.66 -16.75
C GLY A 365 -15.34 -30.34 -16.26
N LYS A 366 -14.98 -29.05 -16.10
CA LYS A 366 -13.64 -28.66 -15.65
C LYS A 366 -13.58 -28.45 -14.13
N ALA A 367 -14.61 -27.82 -13.55
CA ALA A 367 -14.67 -27.60 -12.11
C ALA A 367 -14.79 -28.95 -11.40
N LYS A 368 -13.91 -29.20 -10.41
CA LYS A 368 -14.03 -30.40 -9.58
C LYS A 368 -15.31 -30.29 -8.74
N ASN A 369 -15.72 -29.05 -8.39
CA ASN A 369 -16.86 -28.78 -7.52
C ASN A 369 -17.83 -27.79 -8.20
N PRO A 370 -19.04 -28.25 -8.63
CA PRO A 370 -19.98 -27.41 -9.38
C PRO A 370 -20.93 -26.56 -8.55
N TRP A 371 -20.75 -26.55 -7.22
CA TRP A 371 -21.72 -26.00 -6.29
C TRP A 371 -21.19 -24.69 -5.69
N PRO A 372 -22.09 -23.88 -5.08
CA PRO A 372 -21.70 -22.60 -4.48
C PRO A 372 -20.95 -22.75 -3.15
N ASN A 373 -20.00 -21.83 -2.93
CA ASN A 373 -19.33 -21.70 -1.65
C ASN A 373 -19.92 -20.53 -0.84
N VAL A 374 -19.37 -20.29 0.35
CA VAL A 374 -19.88 -19.25 1.25
C VAL A 374 -19.93 -17.89 0.54
N ASP A 375 -18.97 -17.62 -0.37
CA ASP A 375 -18.81 -16.30 -0.96
C ASP A 375 -19.85 -15.98 -2.02
N ALA A 376 -20.61 -16.98 -2.45
CA ALA A 376 -21.64 -16.73 -3.44
C ALA A 376 -22.79 -15.94 -2.81
N HIS A 377 -22.91 -15.89 -1.47
CA HIS A 377 -24.12 -15.39 -0.86
C HIS A 377 -23.90 -14.19 0.06
N SER A 378 -22.68 -13.95 0.55
CA SER A 378 -22.48 -12.96 1.61
C SER A 378 -22.68 -11.51 1.12
N GLY A 379 -22.19 -11.18 -0.08
CA GLY A 379 -22.22 -9.79 -0.53
C GLY A 379 -23.62 -9.21 -0.68
N VAL A 380 -24.57 -10.02 -1.17
CA VAL A 380 -25.89 -9.44 -1.38
C VAL A 380 -26.53 -9.14 -0.04
N LEU A 381 -26.18 -9.88 1.00
CA LEU A 381 -26.75 -9.62 2.32
C LEU A 381 -26.22 -8.29 2.87
N LEU A 382 -24.89 -8.11 2.84
CA LEU A 382 -24.28 -6.87 3.30
C LEU A 382 -24.83 -5.67 2.50
N TRP A 383 -24.83 -5.83 1.18
CA TRP A 383 -25.24 -4.77 0.29
C TRP A 383 -26.68 -4.37 0.61
N HIS A 384 -27.56 -5.33 0.85
CA HIS A 384 -28.97 -5.02 1.09
C HIS A 384 -29.15 -4.10 2.32
N TYR A 385 -28.31 -4.28 3.34
CA TYR A 385 -28.45 -3.59 4.60
C TYR A 385 -27.60 -2.31 4.64
N GLY A 386 -26.96 -1.96 3.53
CA GLY A 386 -26.31 -0.68 3.38
C GLY A 386 -24.79 -0.73 3.64
N ILE A 387 -24.21 -1.93 3.74
CA ILE A 387 -22.77 -2.06 3.81
C ILE A 387 -22.28 -2.27 2.37
N ARG A 388 -21.85 -1.17 1.73
CA ARG A 388 -21.58 -1.14 0.32
C ARG A 388 -20.11 -0.94 -0.02
N GLU A 389 -19.24 -0.92 0.98
CA GLU A 389 -17.86 -0.58 0.73
C GLU A 389 -17.08 -1.87 0.49
N TYR A 390 -17.01 -2.25 -0.79
CA TYR A 390 -16.53 -3.57 -1.20
C TYR A 390 -15.23 -3.95 -0.51
N ASP A 391 -14.25 -3.04 -0.50
CA ASP A 391 -12.91 -3.36 0.02
C ASP A 391 -12.96 -3.75 1.50
N PHE A 392 -13.96 -3.22 2.21
CA PHE A 392 -14.06 -3.44 3.64
C PHE A 392 -14.61 -4.84 3.96
N TYR A 393 -15.22 -5.51 2.97
CA TYR A 393 -15.79 -6.83 3.18
C TYR A 393 -14.74 -7.79 3.73
N THR A 394 -13.47 -7.62 3.32
CA THR A 394 -12.43 -8.52 3.75
C THR A 394 -12.10 -8.29 5.23
N VAL A 395 -12.28 -7.06 5.68
CA VAL A 395 -12.04 -6.76 7.09
C VAL A 395 -13.07 -7.48 7.96
N LEU A 396 -14.36 -7.47 7.58
CA LEU A 396 -15.40 -8.23 8.29
C LEU A 396 -15.06 -9.73 8.37
N PHE A 397 -14.59 -10.27 7.23
CA PHE A 397 -14.09 -11.63 7.16
C PHE A 397 -12.99 -11.83 8.20
N GLY A 398 -12.03 -10.90 8.23
CA GLY A 398 -10.92 -11.03 9.16
C GLY A 398 -11.37 -11.04 10.62
N VAL A 399 -12.29 -10.15 10.97
CA VAL A 399 -12.77 -10.06 12.36
C VAL A 399 -13.37 -11.42 12.77
N SER A 400 -14.17 -12.00 11.89
CA SER A 400 -14.73 -13.33 12.15
C SER A 400 -13.66 -14.41 12.30
N ARG A 401 -12.70 -14.43 11.36
CA ARG A 401 -11.71 -15.49 11.31
C ARG A 401 -10.76 -15.47 12.50
N ALA A 402 -10.62 -14.31 13.15
CA ALA A 402 -9.87 -14.21 14.39
C ALA A 402 -10.37 -15.20 15.46
N LEU A 403 -11.66 -15.53 15.45
CA LEU A 403 -12.21 -16.48 16.41
C LEU A 403 -11.56 -17.85 16.24
N GLY A 404 -11.47 -18.36 15.02
CA GLY A 404 -10.76 -19.61 14.74
C GLY A 404 -9.25 -19.53 14.98
N CYS A 405 -8.65 -18.42 14.54
CA CYS A 405 -7.20 -18.29 14.64
C CYS A 405 -6.79 -18.25 16.10
N THR A 406 -7.53 -17.52 16.93
CA THR A 406 -7.16 -17.42 18.34
C THR A 406 -7.36 -18.79 19.00
N ALA A 407 -8.48 -19.48 18.69
CA ALA A 407 -8.74 -20.80 19.27
C ALA A 407 -7.60 -21.75 18.90
N GLN A 408 -7.23 -21.76 17.63
CA GLN A 408 -6.14 -22.62 17.21
C GLN A 408 -4.83 -22.28 17.88
N ALA A 409 -4.49 -21.00 18.03
CA ALA A 409 -3.18 -20.64 18.57
C ALA A 409 -3.10 -21.01 20.05
N ILE A 410 -4.20 -20.83 20.78
CA ILE A 410 -4.23 -21.21 22.18
C ILE A 410 -4.00 -22.73 22.29
N LEU A 411 -4.71 -23.51 21.49
CA LEU A 411 -4.69 -24.95 21.59
C LEU A 411 -3.31 -25.48 21.26
N VAL A 412 -2.73 -25.01 20.15
CA VAL A 412 -1.45 -25.54 19.69
C VAL A 412 -0.36 -25.21 20.72
N ARG A 413 -0.49 -24.08 21.42
CA ARG A 413 0.46 -23.74 22.46
C ARG A 413 0.21 -24.58 23.73
N GLY A 414 -1.04 -24.97 23.97
CA GLY A 414 -1.39 -25.95 25.00
C GLY A 414 -0.79 -27.33 24.72
N TYR A 415 -0.90 -27.79 23.45
CA TYR A 415 -0.31 -29.04 23.00
C TYR A 415 1.21 -29.00 22.98
N MET A 416 1.80 -27.81 22.85
CA MET A 416 3.25 -27.64 22.76
C MET A 416 3.83 -28.22 21.47
N LEU A 417 3.16 -28.04 20.34
CA LEU A 417 3.74 -28.38 19.06
C LEU A 417 4.97 -27.52 18.74
N PRO A 418 5.92 -28.09 17.96
CA PRO A 418 7.16 -27.39 17.67
C PRO A 418 7.00 -26.46 16.47
N ILE A 419 8.13 -25.86 16.12
CA ILE A 419 8.23 -24.87 15.06
C ILE A 419 7.94 -25.54 13.73
N GLU A 420 7.20 -24.85 12.87
CA GLU A 420 6.94 -25.38 11.55
C GLU A 420 8.16 -25.09 10.66
N ARG A 421 8.72 -26.16 10.06
CA ARG A 421 9.98 -26.07 9.33
C ARG A 421 10.07 -27.18 8.28
N PRO A 422 9.34 -27.08 7.16
CA PRO A 422 9.46 -28.06 6.09
C PRO A 422 10.77 -27.85 5.35
N LYS A 423 11.01 -28.74 4.39
CA LYS A 423 12.19 -28.73 3.55
C LYS A 423 11.78 -28.22 2.19
N SER A 424 12.55 -27.28 1.64
CA SER A 424 12.36 -26.85 0.27
C SER A 424 13.22 -27.74 -0.62
N ILE A 425 12.79 -27.97 -1.85
CA ILE A 425 13.62 -28.64 -2.85
C ILE A 425 13.88 -27.69 -4.01
N THR A 426 14.89 -28.02 -4.81
CA THR A 426 15.24 -27.22 -5.97
C THR A 426 14.83 -27.90 -7.26
N THR A 427 14.60 -27.07 -8.28
CA THR A 427 14.35 -27.58 -9.63
C THR A 427 15.59 -28.35 -10.13
N ARG A 428 16.80 -27.89 -9.79
CA ARG A 428 18.04 -28.54 -10.19
C ARG A 428 17.99 -29.99 -9.72
N TRP A 429 17.59 -30.19 -8.47
CA TRP A 429 17.53 -31.52 -7.90
C TRP A 429 16.43 -32.37 -8.53
N VAL A 430 15.22 -31.80 -8.63
CA VAL A 430 14.12 -32.42 -9.35
C VAL A 430 14.58 -32.90 -10.74
N LYS A 431 15.27 -32.08 -11.53
CA LYS A 431 15.71 -32.48 -12.85
C LYS A 431 16.71 -33.63 -12.75
N GLU A 432 17.57 -33.60 -11.74
CA GLU A 432 18.60 -34.61 -11.57
C GLU A 432 18.00 -35.98 -11.24
N VAL A 433 16.98 -36.06 -10.37
CA VAL A 433 16.66 -37.37 -9.80
C VAL A 433 15.23 -37.80 -10.15
N ALA A 434 14.42 -36.97 -10.80
CA ALA A 434 13.00 -37.28 -10.92
C ALA A 434 12.78 -38.65 -11.59
N GLU A 435 13.44 -38.89 -12.72
CA GLU A 435 13.30 -40.13 -13.48
C GLU A 435 13.61 -41.35 -12.61
N SER A 436 14.57 -41.24 -11.70
CA SER A 436 14.94 -42.33 -10.83
C SER A 436 13.98 -42.50 -9.66
N LEU A 437 13.05 -41.54 -9.42
CA LEU A 437 12.11 -41.71 -8.31
C LEU A 437 10.99 -42.64 -8.72
N PRO A 438 10.39 -43.35 -7.76
CA PRO A 438 9.16 -44.10 -8.02
C PRO A 438 7.92 -43.22 -8.18
N VAL A 439 7.02 -43.66 -9.06
CA VAL A 439 5.68 -43.10 -9.17
C VAL A 439 4.90 -43.49 -7.91
N ALA A 440 4.11 -42.55 -7.37
CA ALA A 440 3.40 -42.78 -6.12
C ALA A 440 2.42 -43.93 -6.31
N GLY A 441 2.45 -44.95 -5.42
CA GLY A 441 1.52 -46.07 -5.50
C GLY A 441 1.84 -47.08 -6.62
N SER A 442 3.13 -47.19 -6.96
CA SER A 442 3.60 -48.10 -8.01
C SER A 442 4.28 -49.31 -7.38
N LYS A 443 4.62 -50.30 -8.23
CA LYS A 443 5.39 -51.48 -7.85
C LYS A 443 6.79 -51.08 -7.37
N LEU A 444 7.47 -50.19 -8.10
CA LEU A 444 8.81 -49.71 -7.74
C LEU A 444 8.77 -48.97 -6.39
N ALA A 445 7.70 -48.21 -6.14
CA ALA A 445 7.53 -47.55 -4.85
C ALA A 445 7.44 -48.59 -3.72
N ALA A 446 6.64 -49.65 -3.94
CA ALA A 446 6.49 -50.75 -3.01
C ALA A 446 7.86 -51.39 -2.70
N ALA A 447 8.65 -51.70 -3.74
CA ALA A 447 9.99 -52.30 -3.58
C ALA A 447 10.92 -51.38 -2.76
N LEU A 448 10.89 -50.06 -3.03
CA LEU A 448 11.78 -49.12 -2.37
C LEU A 448 11.40 -48.93 -0.90
N MET B 1 17.30 -1.49 -17.54
CA MET B 1 18.21 -2.12 -16.56
C MET B 1 18.49 -3.55 -17.01
N LYS B 2 19.75 -3.99 -16.88
CA LYS B 2 20.19 -5.27 -17.39
C LYS B 2 19.43 -6.42 -16.71
N LEU B 3 19.41 -6.39 -15.37
CA LEU B 3 18.70 -7.39 -14.58
C LEU B 3 17.35 -7.67 -15.22
N LYS B 4 16.62 -6.62 -15.60
CA LYS B 4 15.24 -6.76 -16.01
C LYS B 4 15.18 -7.39 -17.41
N GLU B 5 16.05 -6.98 -18.34
CA GLU B 5 16.04 -7.55 -19.71
C GLU B 5 16.36 -9.04 -19.68
N ARG B 6 17.30 -9.40 -18.81
CA ARG B 6 17.73 -10.78 -18.66
C ARG B 6 16.59 -11.65 -18.12
N LEU B 7 15.93 -11.18 -17.04
CA LEU B 7 14.79 -11.87 -16.47
C LEU B 7 13.67 -12.00 -17.51
N ALA B 8 13.52 -10.98 -18.36
CA ALA B 8 12.47 -11.00 -19.37
C ALA B 8 12.69 -12.17 -20.35
N GLU B 9 13.94 -12.65 -20.45
CA GLU B 9 14.28 -13.80 -21.30
C GLU B 9 14.23 -15.10 -20.51
N LEU B 10 14.83 -15.14 -19.31
CA LEU B 10 14.88 -16.37 -18.51
C LEU B 10 13.52 -16.79 -17.95
N ILE B 11 12.69 -15.84 -17.48
CA ILE B 11 11.50 -16.24 -16.75
C ILE B 11 10.53 -16.99 -17.66
N PRO B 12 10.27 -16.56 -18.91
CA PRO B 12 9.37 -17.32 -19.78
C PRO B 12 9.82 -18.77 -19.97
N GLN B 13 11.15 -18.98 -19.99
CA GLN B 13 11.71 -20.32 -20.13
C GLN B 13 11.47 -21.13 -18.86
N TRP B 14 11.75 -20.52 -17.70
CA TRP B 14 11.55 -21.22 -16.43
C TRP B 14 10.08 -21.58 -16.25
N ARG B 15 9.18 -20.64 -16.53
CA ARG B 15 7.76 -20.87 -16.41
C ARG B 15 7.38 -22.15 -17.21
N ALA B 16 7.85 -22.23 -18.45
CA ALA B 16 7.52 -23.37 -19.31
C ALA B 16 8.12 -24.65 -18.74
N GLU B 17 9.38 -24.59 -18.31
CA GLU B 17 10.03 -25.76 -17.75
C GLU B 17 9.25 -26.30 -16.54
N VAL B 18 8.85 -25.38 -15.65
CA VAL B 18 8.12 -25.78 -14.46
C VAL B 18 6.77 -26.38 -14.81
N ALA B 19 6.03 -25.82 -15.77
CA ALA B 19 4.78 -26.42 -16.19
C ALA B 19 5.02 -27.88 -16.66
N GLU B 20 6.10 -28.10 -17.41
CA GLU B 20 6.42 -29.43 -17.94
C GLU B 20 6.76 -30.41 -16.81
N ILE B 21 7.58 -29.96 -15.84
CA ILE B 21 7.93 -30.75 -14.67
C ILE B 21 6.70 -31.19 -13.88
N ARG B 22 5.80 -30.26 -13.61
CA ARG B 22 4.60 -30.56 -12.85
C ARG B 22 3.79 -31.61 -13.60
N LYS B 23 3.82 -31.53 -14.94
CA LYS B 23 3.09 -32.46 -15.78
C LYS B 23 3.75 -33.84 -15.71
N LYS B 24 5.06 -33.92 -16.00
CA LYS B 24 5.67 -35.22 -16.25
C LYS B 24 6.30 -35.85 -15.01
N TYR B 25 6.49 -35.08 -13.91
CA TYR B 25 7.05 -35.66 -12.70
C TYR B 25 6.18 -35.44 -11.46
N GLY B 26 5.03 -34.82 -11.64
CA GLY B 26 4.16 -34.47 -10.53
C GLY B 26 3.86 -35.65 -9.62
N ASN B 27 3.72 -36.85 -10.22
CA ASN B 27 3.33 -38.02 -9.44
C ASN B 27 4.55 -38.76 -8.86
N ARG B 28 5.75 -38.19 -8.91
CA ARG B 28 6.89 -38.92 -8.39
C ARG B 28 6.99 -38.77 -6.87
N LYS B 29 7.22 -39.90 -6.18
CA LYS B 29 7.23 -39.93 -4.74
C LYS B 29 8.61 -39.50 -4.23
N THR B 30 8.64 -38.56 -3.27
CA THR B 30 9.91 -38.13 -2.69
C THR B 30 10.05 -38.74 -1.32
N MET B 31 8.94 -39.04 -0.64
CA MET B 31 9.03 -39.55 0.71
C MET B 31 7.63 -39.85 1.24
N ASP B 32 7.62 -40.49 2.41
CA ASP B 32 6.39 -40.74 3.11
C ASP B 32 6.05 -39.54 3.97
N CYS B 33 4.76 -39.24 4.06
CA CYS B 33 4.22 -38.27 4.99
C CYS B 33 3.65 -39.07 6.15
N THR B 34 3.92 -38.61 7.37
CA THR B 34 3.64 -39.34 8.59
C THR B 34 2.79 -38.49 9.52
N ILE B 35 2.24 -39.15 10.55
CA ILE B 35 1.57 -38.52 11.67
C ILE B 35 2.56 -37.59 12.34
N GLY B 36 3.80 -38.05 12.40
CA GLY B 36 4.89 -37.34 13.00
C GLY B 36 5.12 -35.97 12.34
N HIS B 37 5.01 -35.91 11.01
CA HIS B 37 5.14 -34.65 10.29
C HIS B 37 4.04 -33.66 10.72
N ALA B 38 2.81 -34.16 10.86
CA ALA B 38 1.67 -33.30 11.13
C ALA B 38 1.77 -32.69 12.53
N TYR B 39 2.29 -33.46 13.51
CA TYR B 39 2.36 -32.98 14.87
C TYR B 39 3.76 -32.46 15.17
N GLY B 40 4.67 -32.56 14.21
CA GLY B 40 6.08 -32.26 14.42
C GLY B 40 6.55 -31.11 13.53
N GLY B 41 5.64 -30.22 13.14
CA GLY B 41 6.01 -29.05 12.38
C GLY B 41 6.65 -29.37 11.02
N MET B 42 6.20 -30.48 10.39
CA MET B 42 6.53 -30.80 9.01
C MET B 42 8.03 -31.03 8.85
N ARG B 43 8.74 -31.34 9.93
CA ARG B 43 10.19 -31.41 9.88
C ARG B 43 10.60 -32.42 8.81
N GLY B 44 11.37 -31.97 7.81
CA GLY B 44 11.93 -32.86 6.79
C GLY B 44 10.98 -33.12 5.63
N LEU B 45 9.73 -32.64 5.71
CA LEU B 45 8.77 -32.92 4.67
C LEU B 45 9.06 -32.04 3.45
N LYS B 46 9.23 -32.66 2.27
CA LYS B 46 9.69 -31.92 1.08
C LYS B 46 8.49 -31.23 0.41
N ALA B 47 8.08 -30.09 0.98
CA ALA B 47 6.76 -29.56 0.73
C ALA B 47 6.77 -28.22 -0.02
N LEU B 48 7.95 -27.65 -0.32
CA LEU B 48 8.06 -26.31 -0.91
C LEU B 48 9.14 -26.32 -1.99
N VAL B 49 9.09 -25.33 -2.89
CA VAL B 49 10.16 -25.10 -3.87
C VAL B 49 10.91 -23.82 -3.54
N CYS B 50 12.24 -23.92 -3.59
CA CYS B 50 13.14 -22.76 -3.56
C CYS B 50 14.36 -23.01 -4.47
N ASP B 51 14.59 -22.10 -5.44
CA ASP B 51 15.69 -22.20 -6.38
C ASP B 51 16.81 -21.19 -6.14
N THR B 52 16.66 -20.29 -5.14
CA THR B 52 17.68 -19.26 -4.94
C THR B 52 18.91 -19.85 -4.26
N SER B 53 18.67 -20.76 -3.30
CA SER B 53 19.73 -21.34 -2.53
C SER B 53 19.36 -22.78 -2.13
N GLU B 54 20.36 -23.53 -1.66
CA GLU B 54 20.26 -24.98 -1.51
C GLU B 54 21.37 -25.38 -0.56
N VAL B 55 20.99 -26.16 0.44
CA VAL B 55 21.89 -26.60 1.47
C VAL B 55 22.39 -28.00 1.12
N PHE B 56 23.71 -28.18 1.01
CA PHE B 56 24.28 -29.52 0.93
C PHE B 56 24.93 -29.89 2.25
N PRO B 57 24.59 -31.06 2.84
CA PRO B 57 25.17 -31.49 4.13
C PRO B 57 26.70 -31.43 4.23
N ASP B 58 27.40 -31.72 3.12
CA ASP B 58 28.86 -31.70 3.06
C ASP B 58 29.47 -30.39 2.57
N GLU B 59 28.69 -29.33 2.34
CA GLU B 59 29.25 -28.07 1.83
C GLU B 59 28.63 -26.86 2.50
N GLY B 60 27.39 -26.98 2.99
CA GLY B 60 26.64 -25.82 3.45
C GLY B 60 25.86 -25.17 2.30
N VAL B 61 25.51 -23.88 2.47
CA VAL B 61 24.50 -23.31 1.62
C VAL B 61 25.26 -22.95 0.36
N LYS B 62 24.63 -23.14 -0.78
CA LYS B 62 25.11 -22.53 -2.00
C LYS B 62 24.05 -21.58 -2.55
N PHE B 63 24.53 -20.57 -3.28
CA PHE B 63 23.69 -19.57 -3.90
C PHE B 63 23.73 -19.75 -5.41
N ARG B 64 22.62 -20.21 -5.97
CA ARG B 64 22.49 -20.53 -7.38
C ARG B 64 23.67 -21.37 -7.86
N GLY B 65 24.10 -22.30 -7.00
CA GLY B 65 25.08 -23.29 -7.40
C GLY B 65 26.50 -22.85 -7.10
N TYR B 66 26.70 -21.62 -6.57
CA TYR B 66 28.04 -21.14 -6.25
C TYR B 66 28.25 -21.15 -4.74
N THR B 67 29.48 -21.49 -4.32
CA THR B 67 29.85 -21.57 -2.91
C THR B 67 30.17 -20.14 -2.46
N ILE B 68 30.19 -19.94 -1.14
CA ILE B 68 30.51 -18.63 -0.59
C ILE B 68 31.95 -18.27 -0.99
N PRO B 69 32.96 -19.15 -0.74
CA PRO B 69 34.33 -18.92 -1.22
C PRO B 69 34.47 -18.58 -2.69
N GLU B 70 33.75 -19.23 -3.60
CA GLU B 70 33.85 -18.85 -5.02
C GLU B 70 33.43 -17.39 -5.25
N LEU B 71 32.36 -16.93 -4.58
CA LEU B 71 31.81 -15.58 -4.75
C LEU B 71 32.60 -14.52 -3.96
N ARG B 72 33.19 -14.95 -2.82
CA ARG B 72 33.86 -14.07 -1.90
C ARG B 72 35.34 -13.88 -2.23
N GLU B 73 36.01 -14.94 -2.69
CA GLU B 73 37.42 -14.79 -3.08
C GLU B 73 37.79 -15.57 -4.33
N GLY B 74 37.21 -16.76 -4.50
CA GLY B 74 37.64 -17.76 -5.47
C GLY B 74 37.70 -17.19 -6.88
N PRO B 75 37.45 -18.00 -7.92
CA PRO B 75 37.50 -17.51 -9.30
C PRO B 75 36.22 -16.85 -9.85
N HIS B 76 35.13 -16.82 -9.07
CA HIS B 76 33.90 -16.16 -9.51
C HIS B 76 33.55 -14.94 -8.63
N LYS B 77 34.55 -14.16 -8.20
CA LYS B 77 34.35 -13.24 -7.09
C LYS B 77 33.35 -12.16 -7.53
N LEU B 78 32.35 -11.88 -6.70
CA LEU B 78 31.41 -10.84 -7.06
C LEU B 78 32.04 -9.46 -6.89
N PRO B 79 31.58 -8.44 -7.63
CA PRO B 79 32.05 -7.07 -7.43
C PRO B 79 31.95 -6.55 -5.98
N THR B 80 32.91 -5.69 -5.62
CA THR B 80 33.07 -5.10 -4.30
C THR B 80 32.86 -3.59 -4.39
N ALA B 81 32.89 -2.92 -3.23
CA ALA B 81 33.02 -1.47 -3.22
C ALA B 81 34.41 -1.12 -3.73
N GLU B 82 34.56 0.10 -4.28
CA GLU B 82 35.87 0.62 -4.65
C GLU B 82 36.80 0.46 -3.45
N GLY B 83 37.90 -0.27 -3.61
CA GLY B 83 38.86 -0.47 -2.54
C GLY B 83 38.42 -1.51 -1.51
N GLY B 84 37.26 -2.14 -1.73
CA GLY B 84 36.76 -3.12 -0.79
C GLY B 84 37.19 -4.54 -1.13
N PHE B 85 37.03 -5.44 -0.15
CA PHE B 85 37.19 -6.86 -0.37
C PHE B 85 35.84 -7.59 -0.41
N GLU B 86 34.90 -7.21 0.46
CA GLU B 86 33.72 -8.02 0.74
C GLU B 86 32.75 -7.91 -0.43
N PRO B 87 32.06 -9.01 -0.77
CA PRO B 87 31.12 -8.97 -1.89
C PRO B 87 29.94 -8.04 -1.58
N LEU B 88 29.51 -7.27 -2.61
CA LEU B 88 28.35 -6.41 -2.44
C LEU B 88 27.06 -7.22 -2.54
N PRO B 89 26.13 -7.09 -1.56
CA PRO B 89 24.86 -7.78 -1.63
C PRO B 89 24.11 -7.48 -2.92
N GLU B 90 24.30 -6.29 -3.52
CA GLU B 90 23.63 -5.95 -4.76
C GLU B 90 23.90 -6.99 -5.85
N GLY B 91 25.16 -7.45 -5.92
CA GLY B 91 25.56 -8.37 -6.98
C GLY B 91 25.03 -9.78 -6.72
N LEU B 92 25.07 -10.19 -5.44
CA LEU B 92 24.45 -11.42 -5.00
C LEU B 92 22.96 -11.45 -5.36
N TRP B 93 22.27 -10.33 -5.22
CA TRP B 93 20.86 -10.26 -5.55
C TRP B 93 20.65 -10.51 -7.05
N TYR B 94 21.52 -9.93 -7.90
CA TYR B 94 21.54 -10.20 -9.33
C TYR B 94 21.65 -11.72 -9.56
N LEU B 95 22.55 -12.38 -8.83
CA LEU B 95 22.80 -13.78 -8.99
C LEU B 95 21.59 -14.61 -8.57
N LEU B 96 21.01 -14.30 -7.41
CA LEU B 96 19.86 -15.05 -6.91
C LEU B 96 18.72 -15.01 -7.91
N LEU B 97 18.48 -13.83 -8.49
CA LEU B 97 17.40 -13.69 -9.44
C LEU B 97 17.68 -14.43 -10.76
N THR B 98 18.88 -14.27 -11.34
CA THR B 98 19.12 -14.69 -12.73
C THR B 98 19.77 -16.07 -12.80
N GLY B 99 20.45 -16.44 -11.73
CA GLY B 99 21.31 -17.59 -11.77
C GLY B 99 22.61 -17.36 -12.52
N GLU B 100 22.90 -16.10 -12.91
CA GLU B 100 24.10 -15.72 -13.66
C GLU B 100 24.89 -14.70 -12.84
N LEU B 101 26.22 -14.69 -13.00
CA LEU B 101 27.07 -13.75 -12.27
C LEU B 101 26.97 -12.36 -12.89
N PRO B 102 26.84 -11.28 -12.07
CA PRO B 102 26.79 -9.93 -12.61
C PRO B 102 28.18 -9.45 -13.04
N THR B 103 28.17 -8.51 -14.00
CA THR B 103 29.29 -7.66 -14.36
C THR B 103 29.35 -6.47 -13.40
N GLU B 104 30.48 -5.76 -13.38
CA GLU B 104 30.64 -4.57 -12.56
C GLU B 104 29.51 -3.58 -12.91
N GLU B 105 29.26 -3.36 -14.20
CA GLU B 105 28.18 -2.48 -14.64
C GLU B 105 26.78 -2.96 -14.18
N ASP B 106 26.55 -4.29 -14.18
CA ASP B 106 25.29 -4.82 -13.65
C ASP B 106 25.07 -4.37 -12.21
N VAL B 107 26.11 -4.52 -11.39
CA VAL B 107 26.05 -4.17 -9.97
C VAL B 107 25.81 -2.66 -9.81
N LYS B 108 26.57 -1.86 -10.54
CA LYS B 108 26.42 -0.43 -10.47
C LYS B 108 25.00 0.00 -10.85
N GLU B 109 24.35 -0.67 -11.81
CA GLU B 109 22.99 -0.28 -12.15
C GLU B 109 22.05 -0.53 -10.95
N ILE B 110 22.30 -1.61 -10.20
CA ILE B 110 21.45 -2.04 -9.11
C ILE B 110 21.67 -1.08 -7.93
N SER B 111 22.94 -0.76 -7.67
CA SER B 111 23.33 0.23 -6.68
C SER B 111 22.67 1.58 -6.93
N ALA B 112 22.64 2.04 -8.19
CA ALA B 112 22.05 3.33 -8.51
C ALA B 112 20.53 3.27 -8.33
N GLU B 113 19.94 2.09 -8.56
CA GLU B 113 18.50 1.94 -8.46
C GLU B 113 18.16 2.07 -6.96
N PHE B 114 19.02 1.48 -6.12
CA PHE B 114 18.83 1.43 -4.68
C PHE B 114 19.04 2.82 -4.09
N THR B 115 20.06 3.54 -4.57
CA THR B 115 20.41 4.86 -4.08
C THR B 115 19.31 5.85 -4.41
N LYS B 116 18.82 5.82 -5.65
CA LYS B 116 17.73 6.65 -6.06
C LYS B 116 16.48 6.40 -5.21
N ARG B 117 16.18 5.12 -4.96
CA ARG B 117 14.88 4.74 -4.45
C ARG B 117 14.86 4.98 -2.93
N MET B 118 16.05 5.01 -2.35
CA MET B 118 16.26 5.17 -0.93
C MET B 118 15.89 6.58 -0.48
N GLN B 119 15.70 7.47 -1.45
CA GLN B 119 15.19 8.82 -1.24
C GLN B 119 13.69 8.90 -1.38
N ASN B 120 13.05 7.78 -1.64
CA ASN B 120 11.62 7.79 -1.92
C ASN B 120 10.82 7.11 -0.82
N VAL B 121 11.30 7.09 0.43
CA VAL B 121 10.48 6.54 1.49
C VAL B 121 9.42 7.56 1.86
N PRO B 122 8.12 7.23 1.76
CA PRO B 122 7.06 8.19 2.07
C PRO B 122 7.14 8.78 3.47
N GLN B 123 6.85 10.07 3.56
CA GLN B 123 6.89 10.74 4.84
C GLN B 123 5.94 10.07 5.84
N TYR B 124 4.79 9.56 5.39
CA TYR B 124 3.81 8.94 6.26
C TYR B 124 4.38 7.66 6.89
N VAL B 125 5.40 7.04 6.31
CA VAL B 125 6.00 5.88 6.93
C VAL B 125 6.66 6.29 8.24
N PHE B 126 7.34 7.43 8.21
CA PHE B 126 7.94 7.95 9.42
C PHE B 126 6.88 8.43 10.41
N ASP B 127 5.76 8.98 9.94
CA ASP B 127 4.67 9.33 10.84
C ASP B 127 4.20 8.06 11.56
N VAL B 128 4.06 6.96 10.83
CA VAL B 128 3.61 5.73 11.43
C VAL B 128 4.59 5.30 12.50
N LEU B 129 5.88 5.30 12.14
CA LEU B 129 6.93 4.87 13.04
C LEU B 129 6.89 5.73 14.30
N ARG B 130 6.71 7.05 14.15
CA ARG B 130 6.77 7.93 15.30
C ARG B 130 5.50 7.80 16.16
N ALA B 131 4.40 7.32 15.61
CA ALA B 131 3.18 7.17 16.42
C ALA B 131 3.27 5.95 17.35
N MET B 132 4.16 5.01 17.03
CA MET B 132 4.39 3.87 17.89
C MET B 132 5.20 4.31 19.10
N PRO B 133 4.84 3.85 20.31
CA PRO B 133 5.61 4.20 21.50
C PRO B 133 7.04 3.71 21.36
N VAL B 134 7.98 4.51 21.83
CA VAL B 134 9.38 4.31 21.53
C VAL B 134 9.88 3.01 22.18
N ASP B 135 9.19 2.50 23.22
CA ASP B 135 9.58 1.27 23.89
C ASP B 135 9.01 0.04 23.17
N THR B 136 8.34 0.23 22.03
CA THR B 136 7.89 -0.89 21.23
C THR B 136 9.11 -1.65 20.70
N HIS B 137 9.02 -2.98 20.71
CA HIS B 137 10.09 -3.80 20.21
C HIS B 137 10.46 -3.41 18.78
N PRO B 138 11.75 -3.34 18.43
CA PRO B 138 12.17 -2.83 17.13
C PRO B 138 11.71 -3.69 15.96
N MET B 139 11.48 -5.00 16.19
CA MET B 139 10.95 -5.82 15.09
C MET B 139 9.46 -5.52 14.87
N THR B 140 8.75 -5.06 15.91
CA THR B 140 7.35 -4.66 15.71
C THR B 140 7.31 -3.39 14.87
N MET B 141 8.18 -2.42 15.20
CA MET B 141 8.31 -1.19 14.43
C MET B 141 8.72 -1.50 12.98
N PHE B 142 9.67 -2.42 12.79
CA PHE B 142 10.20 -2.72 11.46
C PHE B 142 9.07 -3.25 10.57
N ALA B 143 8.31 -4.23 11.10
CA ALA B 143 7.23 -4.82 10.33
C ALA B 143 6.13 -3.80 10.00
N ALA B 144 5.82 -2.94 10.96
CA ALA B 144 4.79 -1.95 10.81
C ALA B 144 5.17 -0.92 9.74
N GLY B 145 6.42 -0.47 9.78
CA GLY B 145 6.91 0.49 8.81
C GLY B 145 6.81 -0.05 7.38
N ILE B 146 7.23 -1.31 7.20
CA ILE B 146 7.17 -1.99 5.91
C ILE B 146 5.73 -2.07 5.42
N LEU B 147 4.84 -2.49 6.31
CA LEU B 147 3.48 -2.74 5.91
C LEU B 147 2.79 -1.43 5.54
N ALA B 148 3.11 -0.35 6.25
CA ALA B 148 2.48 0.92 5.96
C ALA B 148 2.78 1.33 4.51
N MET B 149 3.96 0.93 4.01
CA MET B 149 4.41 1.30 2.68
C MET B 149 3.71 0.50 1.59
N GLN B 150 2.82 -0.44 1.95
CA GLN B 150 2.01 -1.18 1.03
C GLN B 150 1.17 -0.27 0.13
N ARG B 151 0.83 0.93 0.64
CA ARG B 151 0.11 1.90 -0.15
C ARG B 151 0.80 2.16 -1.48
N GLU B 152 2.13 2.08 -1.53
CA GLU B 152 2.88 2.34 -2.74
C GLU B 152 3.03 1.10 -3.65
N SER B 153 2.27 0.02 -3.44
CA SER B 153 2.52 -1.22 -4.16
C SER B 153 2.03 -1.11 -5.61
N VAL B 154 2.94 -1.41 -6.53
CA VAL B 154 2.66 -1.44 -7.97
C VAL B 154 1.91 -2.72 -8.30
N PHE B 155 2.32 -3.83 -7.66
CA PHE B 155 1.62 -5.10 -7.87
C PHE B 155 0.17 -4.95 -7.47
N ALA B 156 -0.09 -4.37 -6.28
CA ALA B 156 -1.48 -4.30 -5.84
C ALA B 156 -2.28 -3.42 -6.81
N LYS B 157 -1.69 -2.31 -7.23
CA LYS B 157 -2.35 -1.36 -8.13
C LYS B 157 -2.62 -2.02 -9.49
N ARG B 158 -1.60 -2.62 -10.10
CA ARG B 158 -1.73 -3.29 -11.40
C ARG B 158 -2.71 -4.47 -11.34
N TYR B 159 -2.70 -5.23 -10.24
CA TYR B 159 -3.63 -6.34 -10.12
C TYR B 159 -5.09 -5.87 -10.19
N GLU B 160 -5.44 -4.83 -9.40
CA GLU B 160 -6.78 -4.25 -9.37
C GLU B 160 -7.16 -3.68 -10.74
N GLU B 161 -6.22 -3.05 -11.48
CA GLU B 161 -6.47 -2.55 -12.83
C GLU B 161 -6.62 -3.66 -13.87
N GLY B 162 -6.27 -4.91 -13.54
CA GLY B 162 -6.24 -5.99 -14.53
C GLY B 162 -4.90 -6.01 -15.26
N MET B 163 -4.07 -7.01 -14.94
CA MET B 163 -2.84 -7.25 -15.66
C MET B 163 -2.79 -8.76 -15.92
N ARG B 164 -1.99 -9.19 -16.90
CA ARG B 164 -1.83 -10.60 -17.20
C ARG B 164 -0.91 -11.24 -16.15
N ARG B 165 -1.05 -12.55 -15.92
CA ARG B 165 -0.24 -13.29 -14.96
C ARG B 165 1.24 -13.15 -15.33
N GLU B 166 1.49 -12.98 -16.63
CA GLU B 166 2.84 -12.90 -17.18
C GLU B 166 3.55 -11.62 -16.74
N GLU B 167 2.78 -10.61 -16.33
CA GLU B 167 3.36 -9.35 -15.86
C GLU B 167 3.56 -9.36 -14.34
N HIS B 168 3.04 -10.34 -13.61
CA HIS B 168 3.22 -10.40 -12.18
C HIS B 168 4.67 -10.18 -11.79
N TRP B 169 5.61 -10.85 -12.47
CA TRP B 169 6.98 -10.84 -12.00
C TRP B 169 7.59 -9.44 -12.18
N GLU B 170 7.08 -8.67 -13.15
CA GLU B 170 7.57 -7.31 -13.41
C GLU B 170 7.19 -6.38 -12.27
N ALA B 171 5.96 -6.52 -11.79
CA ALA B 171 5.43 -5.68 -10.73
C ALA B 171 6.11 -6.05 -9.41
N MET B 172 6.37 -7.36 -9.21
CA MET B 172 7.03 -7.85 -8.01
C MET B 172 8.45 -7.30 -7.97
N LEU B 173 9.07 -7.19 -9.13
CA LEU B 173 10.42 -6.67 -9.20
C LEU B 173 10.45 -5.18 -8.88
N GLU B 174 9.63 -4.37 -9.53
CA GLU B 174 9.53 -2.96 -9.21
C GLU B 174 9.28 -2.78 -7.70
N ASP B 175 8.27 -3.44 -7.15
CA ASP B 175 8.04 -3.34 -5.71
C ASP B 175 9.28 -3.72 -4.88
N SER B 176 10.03 -4.74 -5.31
CA SER B 176 11.15 -5.23 -4.52
C SER B 176 12.25 -4.17 -4.51
N LEU B 177 12.44 -3.49 -5.63
CA LEU B 177 13.44 -2.44 -5.68
C LEU B 177 13.06 -1.35 -4.67
N ASN B 178 11.82 -0.93 -4.65
CA ASN B 178 11.38 0.11 -3.72
C ASN B 178 11.55 -0.32 -2.26
N MET B 179 11.08 -1.53 -1.95
CA MET B 179 11.08 -2.00 -0.58
C MET B 179 12.50 -2.18 -0.08
N LEU B 180 13.35 -2.81 -0.89
CA LEU B 180 14.72 -3.04 -0.44
C LEU B 180 15.44 -1.71 -0.19
N ALA B 181 15.20 -0.72 -1.06
CA ALA B 181 15.84 0.58 -0.86
C ALA B 181 15.37 1.17 0.48
N ALA B 182 14.09 0.93 0.82
CA ALA B 182 13.50 1.53 1.99
C ALA B 182 14.00 0.88 3.26
N LEU B 183 14.32 -0.43 3.22
CA LEU B 183 14.56 -1.19 4.45
C LEU B 183 15.62 -0.52 5.29
N PRO B 184 16.81 -0.15 4.77
CA PRO B 184 17.85 0.44 5.64
C PRO B 184 17.45 1.77 6.25
N VAL B 185 16.63 2.55 5.53
CA VAL B 185 16.10 3.83 6.02
C VAL B 185 15.17 3.60 7.21
N ILE B 186 14.25 2.65 7.10
CA ILE B 186 13.31 2.32 8.17
C ILE B 186 14.08 1.80 9.38
N ALA B 187 15.02 0.89 9.12
CA ALA B 187 15.81 0.25 10.16
C ALA B 187 16.64 1.27 10.91
N ALA B 188 17.28 2.16 10.17
CA ALA B 188 18.08 3.17 10.81
C ALA B 188 17.18 4.11 11.60
N TYR B 189 15.99 4.46 11.08
CA TYR B 189 15.11 5.37 11.82
C TYR B 189 14.82 4.80 13.22
N ILE B 190 14.44 3.52 13.23
CA ILE B 190 14.16 2.79 14.45
C ILE B 190 15.37 2.82 15.37
N TYR B 191 16.55 2.54 14.83
CA TYR B 191 17.75 2.51 15.62
C TYR B 191 18.01 3.87 16.28
N ARG B 192 17.92 4.94 15.48
CA ARG B 192 18.29 6.25 15.97
C ARG B 192 17.25 6.72 16.98
N ARG B 193 15.98 6.49 16.69
CA ARG B 193 14.94 6.94 17.59
C ARG B 193 15.03 6.21 18.95
N LYS B 194 15.16 4.88 18.94
CA LYS B 194 15.20 4.11 20.18
C LYS B 194 16.51 4.31 20.93
N TYR B 195 17.66 4.33 20.25
CA TYR B 195 18.91 4.11 20.96
C TYR B 195 19.91 5.25 20.83
N LYS B 196 19.76 6.20 19.90
CA LYS B 196 20.76 7.25 19.74
C LYS B 196 20.16 8.65 19.83
N GLY B 197 19.20 8.81 20.73
CA GLY B 197 18.70 10.12 21.06
C GLY B 197 17.85 10.77 19.96
N ASP B 198 17.27 9.98 19.04
CA ASP B 198 16.27 10.48 18.11
C ASP B 198 16.83 11.63 17.25
N THR B 199 18.09 11.50 16.84
CA THR B 199 18.72 12.33 15.83
C THR B 199 18.85 11.51 14.56
N HIS B 200 18.59 12.08 13.38
CA HIS B 200 18.44 11.25 12.19
C HIS B 200 19.43 11.67 11.12
N ILE B 201 20.05 10.68 10.46
CA ILE B 201 21.08 10.89 9.44
C ILE B 201 20.53 10.45 8.07
N ALA B 202 20.68 11.32 7.06
CA ALA B 202 20.14 11.03 5.74
C ALA B 202 21.02 10.00 5.02
N PRO B 203 20.44 9.24 4.06
CA PRO B 203 21.23 8.37 3.19
C PRO B 203 22.30 9.19 2.46
N ASP B 204 23.49 8.62 2.40
CA ASP B 204 24.55 9.16 1.57
C ASP B 204 24.38 8.65 0.13
N PRO B 205 24.16 9.52 -0.89
CA PRO B 205 23.93 9.01 -2.24
C PRO B 205 25.20 8.43 -2.89
N ASN B 206 26.35 8.50 -2.21
CA ASN B 206 27.57 7.93 -2.76
C ASN B 206 28.01 6.66 -2.04
N LEU B 207 27.13 6.08 -1.20
CA LEU B 207 27.43 4.77 -0.61
C LEU B 207 26.47 3.73 -1.21
N ASP B 208 26.97 2.51 -1.26
CA ASP B 208 26.19 1.33 -1.61
C ASP B 208 25.16 1.04 -0.50
N TRP B 209 24.32 0.02 -0.71
CA TRP B 209 23.18 -0.28 0.15
C TRP B 209 23.57 -0.63 1.58
N SER B 210 24.52 -1.53 1.77
CA SER B 210 24.90 -1.98 3.10
C SER B 210 25.57 -0.88 3.91
N ALA B 211 26.43 -0.16 3.21
CA ALA B 211 27.21 0.88 3.86
C ALA B 211 26.28 2.01 4.33
N ASN B 212 25.29 2.34 3.53
CA ASN B 212 24.30 3.34 3.88
C ASN B 212 23.55 2.97 5.17
N LEU B 213 23.28 1.69 5.41
CA LEU B 213 22.67 1.30 6.67
C LEU B 213 23.61 1.67 7.83
N ALA B 214 24.88 1.29 7.72
CA ALA B 214 25.81 1.60 8.80
C ALA B 214 25.92 3.13 9.00
N HIS B 215 25.98 3.86 7.88
CA HIS B 215 26.09 5.30 7.91
C HIS B 215 24.89 5.87 8.69
N MET B 216 23.70 5.41 8.34
CA MET B 216 22.48 6.03 8.86
C MET B 216 22.26 5.64 10.33
N MET B 217 22.90 4.56 10.77
CA MET B 217 22.83 4.18 12.14
C MET B 217 23.85 4.97 12.95
N GLY B 218 24.84 5.57 12.28
CA GLY B 218 25.83 6.44 12.91
C GLY B 218 27.22 5.83 12.99
N PHE B 219 27.57 4.87 12.11
CA PHE B 219 28.82 4.11 12.18
C PHE B 219 29.57 4.34 10.88
N ASP B 220 30.49 5.31 10.90
CA ASP B 220 31.23 5.69 9.71
C ASP B 220 32.63 5.21 9.98
N ASP B 221 32.85 4.00 9.47
CA ASP B 221 34.13 3.33 9.53
C ASP B 221 34.20 2.34 8.36
N PHE B 222 35.31 2.36 7.61
CA PHE B 222 35.44 1.49 6.45
C PHE B 222 35.25 0.02 6.84
N GLU B 223 35.76 -0.38 8.01
CA GLU B 223 35.65 -1.75 8.49
C GLU B 223 34.19 -2.12 8.74
N VAL B 224 33.42 -1.17 9.29
CA VAL B 224 32.02 -1.40 9.58
C VAL B 224 31.31 -1.55 8.24
N TYR B 225 31.64 -0.70 7.24
CA TYR B 225 31.00 -0.84 5.95
C TYR B 225 31.25 -2.24 5.40
N GLU B 226 32.51 -2.70 5.49
CA GLU B 226 32.86 -4.02 4.99
C GLU B 226 32.13 -5.12 5.79
N LEU B 227 32.07 -4.99 7.11
CA LEU B 227 31.34 -5.97 7.87
C LEU B 227 29.88 -6.05 7.39
N PHE B 228 29.22 -4.91 7.18
CA PHE B 228 27.80 -4.87 6.85
C PHE B 228 27.57 -5.48 5.47
N ARG B 229 28.50 -5.23 4.53
CA ARG B 229 28.43 -5.84 3.21
C ARG B 229 28.48 -7.35 3.33
N LEU B 230 29.38 -7.85 4.17
CA LEU B 230 29.59 -9.29 4.31
C LEU B 230 28.36 -9.88 4.99
N TYR B 231 27.96 -9.26 6.11
CA TYR B 231 26.80 -9.65 6.92
C TYR B 231 25.55 -9.76 6.04
N MET B 232 25.29 -8.76 5.22
CA MET B 232 24.08 -8.75 4.41
C MET B 232 24.19 -9.83 3.34
N PHE B 233 25.40 -10.02 2.81
CA PHE B 233 25.62 -11.07 1.83
C PHE B 233 25.37 -12.46 2.44
N LEU B 234 25.91 -12.70 3.64
CA LEU B 234 25.89 -14.03 4.22
C LEU B 234 24.49 -14.47 4.63
N HIS B 235 23.67 -13.51 5.10
CA HIS B 235 22.40 -13.86 5.74
C HIS B 235 21.26 -13.74 4.74
N SER B 236 21.60 -13.49 3.48
CA SER B 236 20.65 -13.10 2.46
C SER B 236 19.55 -14.16 2.28
N ASP B 237 19.90 -15.47 2.38
CA ASP B 237 19.01 -16.54 1.94
C ASP B 237 19.49 -17.87 2.51
N HIS B 238 18.53 -18.75 2.85
CA HIS B 238 18.82 -20.08 3.40
C HIS B 238 17.67 -21.03 3.09
N GLU B 239 17.45 -21.33 1.82
CA GLU B 239 16.32 -22.17 1.43
C GLU B 239 14.96 -21.51 1.77
N GLY B 240 13.86 -22.25 1.52
CA GLY B 240 12.52 -21.71 1.54
C GLY B 240 11.74 -22.12 2.79
N GLY B 241 12.34 -22.97 3.61
CA GLY B 241 11.63 -23.75 4.60
C GLY B 241 11.63 -23.12 5.99
N ASN B 242 12.55 -22.20 6.27
CA ASN B 242 12.59 -21.55 7.58
C ASN B 242 11.35 -20.65 7.76
N VAL B 243 10.99 -20.33 9.01
CA VAL B 243 9.68 -19.74 9.27
C VAL B 243 9.44 -18.46 8.45
N SER B 244 10.47 -17.60 8.35
CA SER B 244 10.27 -16.30 7.71
C SER B 244 10.20 -16.42 6.19
N ALA B 245 11.11 -17.19 5.56
CA ALA B 245 11.04 -17.47 4.13
C ALA B 245 9.72 -18.16 3.75
N HIS B 246 9.29 -19.09 4.58
CA HIS B 246 8.05 -19.81 4.31
C HIS B 246 6.85 -18.88 4.45
N THR B 247 6.82 -18.04 5.50
CA THR B 247 5.75 -17.08 5.69
C THR B 247 5.61 -16.18 4.44
N ASN B 248 6.75 -15.71 3.97
CA ASN B 248 6.84 -14.89 2.78
C ASN B 248 6.17 -15.58 1.59
N LEU B 249 6.55 -16.84 1.35
CA LEU B 249 6.05 -17.58 0.20
C LEU B 249 4.56 -17.84 0.36
N LEU B 250 4.14 -18.20 1.58
CA LEU B 250 2.75 -18.49 1.85
C LEU B 250 1.84 -17.29 1.54
N VAL B 251 2.17 -16.12 2.08
CA VAL B 251 1.35 -14.94 1.88
C VAL B 251 1.46 -14.51 0.42
N ASN B 252 2.65 -14.59 -0.14
CA ASN B 252 2.85 -14.32 -1.58
C ASN B 252 1.91 -15.17 -2.46
N SER B 253 1.65 -16.43 -2.06
CA SER B 253 0.89 -17.40 -2.87
C SER B 253 -0.56 -16.97 -3.03
N ALA B 254 -1.05 -16.12 -2.11
CA ALA B 254 -2.40 -15.57 -2.23
C ALA B 254 -2.46 -14.30 -3.09
N TYR B 255 -1.35 -13.94 -3.76
CA TYR B 255 -1.17 -12.73 -4.55
C TYR B 255 -1.05 -11.47 -3.68
N SER B 256 -0.69 -11.62 -2.40
CA SER B 256 -0.38 -10.45 -1.59
C SER B 256 0.98 -9.90 -2.00
N ASP B 257 1.10 -8.57 -2.09
CA ASP B 257 2.33 -7.94 -2.54
C ASP B 257 3.43 -8.12 -1.49
N ILE B 258 4.65 -7.71 -1.86
CA ILE B 258 5.85 -7.92 -1.10
C ILE B 258 5.84 -7.16 0.22
N TYR B 259 5.15 -6.01 0.32
CA TYR B 259 5.06 -5.31 1.58
C TYR B 259 4.29 -6.16 2.60
N ARG B 260 3.22 -6.80 2.13
CA ARG B 260 2.40 -7.65 2.95
C ARG B 260 3.11 -8.97 3.31
N SER B 261 3.75 -9.61 2.32
CA SER B 261 4.39 -10.89 2.51
C SER B 261 5.64 -10.75 3.37
N PHE B 262 6.42 -9.69 3.16
CA PHE B 262 7.67 -9.51 3.85
C PHE B 262 7.43 -8.99 5.27
N SER B 263 6.44 -8.12 5.50
CA SER B 263 6.11 -7.73 6.87
C SER B 263 5.60 -8.94 7.67
N ALA B 264 4.76 -9.78 7.03
CA ALA B 264 4.34 -11.04 7.63
C ALA B 264 5.55 -11.87 8.05
N ALA B 265 6.50 -12.01 7.12
CA ALA B 265 7.72 -12.77 7.37
C ALA B 265 8.45 -12.20 8.58
N MET B 266 8.51 -10.87 8.71
CA MET B 266 9.23 -10.29 9.85
C MET B 266 8.51 -10.58 11.16
N ASN B 267 7.19 -10.76 11.15
CA ASN B 267 6.48 -11.17 12.35
C ASN B 267 6.90 -12.59 12.82
N GLY B 268 7.25 -13.45 11.85
CA GLY B 268 7.78 -14.77 12.10
C GLY B 268 9.23 -14.72 12.57
N LEU B 269 10.06 -13.90 11.92
CA LEU B 269 11.45 -13.75 12.32
C LEU B 269 11.57 -13.22 13.74
N ALA B 270 10.60 -12.39 14.17
CA ALA B 270 10.57 -11.80 15.50
C ALA B 270 10.35 -12.84 16.60
N GLY B 271 9.85 -14.01 16.23
CA GLY B 271 9.64 -15.10 17.17
C GLY B 271 10.92 -15.50 17.89
N PRO B 272 10.89 -15.70 19.22
CA PRO B 272 12.08 -16.15 19.94
C PRO B 272 12.74 -17.45 19.51
N LEU B 273 12.01 -18.36 18.82
CA LEU B 273 12.62 -19.58 18.31
C LEU B 273 13.28 -19.37 16.94
N HIS B 274 13.13 -18.20 16.29
CA HIS B 274 13.63 -18.07 14.93
C HIS B 274 14.70 -16.98 14.84
N GLY B 275 14.58 -15.92 15.65
CA GLY B 275 15.29 -14.70 15.33
C GLY B 275 16.29 -14.28 16.39
N LEU B 276 16.56 -15.11 17.43
CA LEU B 276 17.39 -14.72 18.59
C LEU B 276 18.72 -15.47 18.73
N ALA B 277 18.99 -16.48 17.88
CA ALA B 277 20.12 -17.39 18.02
C ALA B 277 21.47 -16.65 18.14
N ASN B 278 21.72 -15.69 17.25
CA ASN B 278 22.91 -14.84 17.29
C ASN B 278 23.09 -14.12 18.63
N GLN B 279 21.98 -13.59 19.20
CA GLN B 279 22.04 -12.89 20.47
C GLN B 279 22.40 -13.84 21.63
N GLU B 280 21.83 -15.04 21.62
CA GLU B 280 22.05 -16.04 22.66
C GLU B 280 23.50 -16.48 22.66
N VAL B 281 24.10 -16.65 21.47
CA VAL B 281 25.51 -16.98 21.36
C VAL B 281 26.32 -15.89 22.02
N LEU B 282 26.01 -14.64 21.67
CA LEU B 282 26.82 -13.52 22.15
C LEU B 282 26.77 -13.42 23.68
N ARG B 283 25.56 -13.53 24.24
CA ARG B 283 25.38 -13.47 25.69
C ARG B 283 26.13 -14.62 26.37
N TRP B 284 26.20 -15.79 25.71
CA TRP B 284 26.95 -16.92 26.26
C TRP B 284 28.46 -16.61 26.30
N ILE B 285 28.99 -16.08 25.19
CA ILE B 285 30.40 -15.70 25.12
C ILE B 285 30.70 -14.72 26.27
N GLN B 286 29.82 -13.71 26.41
CA GLN B 286 29.97 -12.69 27.43
C GLN B 286 29.89 -13.33 28.83
N MET B 287 29.04 -14.35 29.03
CA MET B 287 28.95 -15.04 30.31
C MET B 287 30.27 -15.76 30.64
N LEU B 288 30.96 -16.30 29.63
CA LEU B 288 32.24 -16.97 29.79
C LEU B 288 33.34 -15.99 30.20
N TYR B 289 33.40 -14.85 29.50
CA TYR B 289 34.33 -13.79 29.84
C TYR B 289 34.20 -13.42 31.33
N LYS B 290 32.97 -13.24 31.82
CA LYS B 290 32.74 -12.78 33.18
C LYS B 290 33.01 -13.92 34.17
N LYS B 291 32.63 -15.14 33.80
CA LYS B 291 32.85 -16.30 34.65
C LYS B 291 34.35 -16.52 34.87
N PHE B 292 35.18 -16.22 33.88
CA PHE B 292 36.58 -16.60 33.95
C PHE B 292 37.48 -15.37 34.11
N GLY B 293 36.89 -14.21 34.41
CA GLY B 293 37.64 -12.96 34.58
C GLY B 293 38.49 -12.61 33.36
N GLY B 294 38.05 -13.02 32.17
CA GLY B 294 38.83 -12.81 30.96
C GLY B 294 38.73 -14.04 30.05
N VAL B 295 39.62 -14.12 29.05
CA VAL B 295 39.62 -15.26 28.15
C VAL B 295 39.91 -16.50 28.99
N PRO B 296 39.07 -17.57 28.94
CA PRO B 296 39.41 -18.80 29.62
C PRO B 296 40.53 -19.53 28.88
N THR B 297 41.27 -20.32 29.66
CA THR B 297 42.26 -21.26 29.13
C THR B 297 41.52 -22.41 28.43
N LYS B 298 42.31 -23.14 27.62
CA LYS B 298 41.84 -24.31 26.88
C LYS B 298 41.25 -25.33 27.86
N GLU B 299 41.90 -25.52 29.02
CA GLU B 299 41.45 -26.51 29.99
C GLU B 299 40.15 -26.07 30.66
N GLN B 300 40.01 -24.78 30.99
CA GLN B 300 38.77 -24.31 31.61
C GLN B 300 37.59 -24.45 30.65
N LEU B 301 37.83 -24.15 29.36
CA LEU B 301 36.74 -24.15 28.41
C LEU B 301 36.30 -25.60 28.17
N GLU B 302 37.28 -26.52 28.04
CA GLU B 302 37.01 -27.94 27.95
C GLU B 302 36.11 -28.43 29.09
N ARG B 303 36.45 -28.05 30.32
CA ARG B 303 35.73 -28.56 31.48
C ARG B 303 34.31 -28.00 31.49
N PHE B 304 34.19 -26.68 31.26
CA PHE B 304 32.90 -26.03 31.21
C PHE B 304 32.02 -26.68 30.13
N ALA B 305 32.62 -27.03 28.98
CA ALA B 305 31.88 -27.67 27.89
C ALA B 305 31.42 -29.07 28.27
N TRP B 306 32.31 -29.87 28.89
CA TRP B 306 31.92 -31.18 29.40
C TRP B 306 30.77 -31.06 30.40
N ASP B 307 30.88 -30.11 31.34
CA ASP B 307 29.86 -29.88 32.36
C ASP B 307 28.51 -29.62 31.69
N THR B 308 28.51 -28.75 30.65
CA THR B 308 27.30 -28.40 29.93
C THR B 308 26.68 -29.61 29.23
N LEU B 309 27.50 -30.37 28.49
CA LEU B 309 27.00 -31.46 27.65
C LEU B 309 26.54 -32.65 28.50
N ASN B 310 27.24 -32.94 29.60
CA ASN B 310 26.90 -34.06 30.46
C ASN B 310 25.61 -33.76 31.23
N SER B 311 25.34 -32.47 31.45
CA SER B 311 24.13 -32.04 32.12
C SER B 311 22.98 -31.83 31.11
N GLY B 312 23.01 -32.54 29.97
CA GLY B 312 21.90 -32.61 29.03
C GLY B 312 21.79 -31.40 28.08
N GLN B 313 22.58 -30.33 28.33
CA GLN B 313 22.45 -29.06 27.62
C GLN B 313 23.34 -29.04 26.38
N VAL B 314 23.04 -28.09 25.47
CA VAL B 314 23.84 -27.92 24.27
C VAL B 314 24.65 -26.62 24.36
N ILE B 315 25.61 -26.51 23.42
CA ILE B 315 26.44 -25.32 23.31
C ILE B 315 25.90 -24.44 22.19
N PRO B 316 25.53 -23.17 22.46
CA PRO B 316 24.89 -22.32 21.47
C PRO B 316 25.82 -22.15 20.28
N GLY B 317 25.24 -22.32 19.09
CA GLY B 317 25.92 -22.07 17.83
C GLY B 317 26.60 -23.30 17.25
N TYR B 318 26.62 -24.41 18.01
CA TYR B 318 27.33 -25.61 17.58
C TYR B 318 26.43 -26.84 17.55
N GLY B 319 26.75 -27.78 16.65
CA GLY B 319 26.20 -29.11 16.69
C GLY B 319 24.76 -29.21 16.16
N HIS B 320 24.37 -28.33 15.23
CA HIS B 320 23.09 -28.44 14.55
C HIS B 320 23.08 -29.64 13.58
N ALA B 321 21.89 -29.98 13.08
CA ALA B 321 21.57 -31.36 12.72
C ALA B 321 21.97 -31.69 11.30
N VAL B 322 22.10 -30.67 10.44
CA VAL B 322 22.03 -30.86 9.00
C VAL B 322 23.43 -31.00 8.41
N LEU B 323 24.30 -30.03 8.71
CA LEU B 323 25.62 -30.00 8.07
C LEU B 323 26.50 -31.08 8.71
N ARG B 324 27.51 -31.53 7.97
CA ARG B 324 28.57 -32.35 8.54
C ARG B 324 29.91 -31.61 8.51
N VAL B 325 29.86 -30.31 8.16
CA VAL B 325 31.05 -29.46 8.06
C VAL B 325 30.74 -28.10 8.72
N THR B 326 31.78 -27.28 8.93
CA THR B 326 31.55 -25.95 9.44
C THR B 326 30.74 -25.18 8.42
N ASP B 327 29.74 -24.46 8.91
CA ASP B 327 28.95 -23.55 8.09
C ASP B 327 29.91 -22.65 7.33
N PRO B 328 29.86 -22.60 5.97
CA PRO B 328 30.75 -21.71 5.23
C PRO B 328 30.51 -20.22 5.57
N ARG B 329 29.32 -19.91 6.12
CA ARG B 329 29.06 -18.55 6.57
C ARG B 329 29.84 -18.25 7.85
N TYR B 330 30.12 -19.29 8.66
CA TYR B 330 30.96 -19.12 9.83
C TYR B 330 32.41 -18.84 9.43
N VAL B 331 32.91 -19.60 8.44
CA VAL B 331 34.28 -19.50 7.95
C VAL B 331 34.56 -18.10 7.43
N ALA B 332 33.62 -17.50 6.68
CA ALA B 332 33.87 -16.17 6.14
C ALA B 332 33.95 -15.10 7.23
N GLN B 333 33.10 -15.25 8.26
CA GLN B 333 33.10 -14.37 9.43
C GLN B 333 34.40 -14.51 10.22
N ARG B 334 34.88 -15.75 10.38
CA ARG B 334 36.17 -15.95 11.07
C ARG B 334 37.31 -15.27 10.31
N ASP B 335 37.33 -15.48 8.98
CA ASP B 335 38.29 -14.83 8.10
C ASP B 335 38.24 -13.31 8.27
N PHE B 336 37.03 -12.71 8.32
CA PHE B 336 36.88 -11.27 8.59
C PHE B 336 37.48 -10.91 9.96
N ALA B 337 37.12 -11.65 11.02
CA ALA B 337 37.61 -11.35 12.36
C ALA B 337 39.15 -11.45 12.44
N LEU B 338 39.73 -12.52 11.85
CA LEU B 338 41.18 -12.69 11.90
C LEU B 338 41.87 -11.49 11.26
N LYS B 339 41.31 -10.98 10.17
CA LYS B 339 41.90 -9.88 9.42
C LYS B 339 41.74 -8.56 10.20
N HIS B 340 40.56 -8.33 10.81
CA HIS B 340 40.16 -6.99 11.20
C HIS B 340 40.09 -6.79 12.71
N LEU B 341 39.81 -7.82 13.53
CA LEU B 341 39.83 -7.61 14.98
C LEU B 341 40.36 -8.82 15.76
N PRO B 342 41.56 -9.35 15.40
CA PRO B 342 42.14 -10.52 16.07
C PRO B 342 42.42 -10.41 17.59
N ASP B 343 42.61 -9.19 18.11
CA ASP B 343 42.95 -9.04 19.53
C ASP B 343 41.69 -8.77 20.39
N ASP B 344 40.53 -8.57 19.75
CA ASP B 344 39.30 -8.38 20.49
C ASP B 344 39.03 -9.59 21.40
N GLU B 345 38.77 -9.32 22.68
CA GLU B 345 38.72 -10.35 23.70
C GLU B 345 37.57 -11.33 23.50
N LEU B 346 36.37 -10.86 23.09
CA LEU B 346 35.25 -11.78 22.90
C LEU B 346 35.52 -12.65 21.68
N PHE B 347 36.12 -12.09 20.62
CA PHE B 347 36.54 -12.88 19.46
C PHE B 347 37.51 -13.99 19.85
N LYS B 348 38.45 -13.69 20.77
CA LYS B 348 39.41 -14.68 21.25
C LYS B 348 38.64 -15.85 21.87
N ILE B 349 37.51 -15.59 22.54
CA ILE B 349 36.77 -16.70 23.11
C ILE B 349 36.10 -17.52 21.98
N VAL B 350 35.49 -16.83 20.99
CA VAL B 350 34.84 -17.47 19.86
C VAL B 350 35.88 -18.31 19.12
N SER B 351 37.11 -17.80 19.01
CA SER B 351 38.18 -18.48 18.31
C SER B 351 38.58 -19.75 19.04
N LEU B 352 38.75 -19.64 20.37
CA LEU B 352 39.09 -20.79 21.19
C LEU B 352 37.98 -21.84 21.14
N CYS B 353 36.71 -21.42 21.08
CA CYS B 353 35.61 -22.36 20.97
C CYS B 353 35.69 -23.15 19.66
N TYR B 354 36.16 -22.51 18.58
CA TYR B 354 36.27 -23.17 17.28
C TYR B 354 37.28 -24.33 17.33
N GLU B 355 38.36 -24.15 18.10
CA GLU B 355 39.29 -25.22 18.42
C GLU B 355 38.69 -26.26 19.38
N VAL B 356 38.13 -25.82 20.50
CA VAL B 356 37.87 -26.69 21.64
C VAL B 356 36.51 -27.40 21.52
N ILE B 357 35.46 -26.68 21.11
CA ILE B 357 34.11 -27.20 21.26
C ILE B 357 33.91 -28.37 20.30
N PRO B 358 34.43 -28.33 19.04
CA PRO B 358 34.32 -29.47 18.15
C PRO B 358 35.05 -30.72 18.62
N GLU B 359 36.18 -30.53 19.32
CA GLU B 359 36.92 -31.66 19.88
C GLU B 359 36.10 -32.31 20.99
N VAL B 360 35.47 -31.49 21.84
CA VAL B 360 34.66 -31.99 22.94
C VAL B 360 33.40 -32.69 22.41
N LEU B 361 32.84 -32.21 21.30
CA LEU B 361 31.59 -32.74 20.78
C LEU B 361 31.87 -34.10 20.12
N LYS B 362 33.00 -34.24 19.43
CA LYS B 362 33.38 -35.52 18.85
C LYS B 362 33.50 -36.57 19.96
N LYS B 363 34.15 -36.18 21.05
CA LYS B 363 34.41 -37.07 22.17
C LYS B 363 33.11 -37.42 22.89
N HIS B 364 32.10 -36.54 22.84
CA HIS B 364 30.91 -36.74 23.64
C HIS B 364 29.94 -37.68 22.94
N GLY B 365 29.93 -37.69 21.59
CA GLY B 365 29.45 -38.85 20.87
C GLY B 365 28.04 -38.76 20.29
N LYS B 366 27.31 -37.67 20.61
CA LYS B 366 25.92 -37.49 20.21
C LYS B 366 25.83 -36.91 18.79
N ALA B 367 26.56 -35.81 18.55
CA ALA B 367 26.36 -34.97 17.39
C ALA B 367 27.17 -35.47 16.20
N LYS B 368 26.46 -35.91 15.16
CA LYS B 368 27.04 -36.15 13.85
C LYS B 368 27.54 -34.84 13.24
N ASN B 369 27.30 -33.72 13.95
CA ASN B 369 27.88 -32.42 13.60
C ASN B 369 28.54 -31.81 14.84
N PRO B 370 29.89 -31.77 14.91
CA PRO B 370 30.60 -31.06 15.98
C PRO B 370 30.90 -29.58 15.68
N TRP B 371 30.42 -29.09 14.52
CA TRP B 371 30.87 -27.82 13.96
C TRP B 371 29.84 -26.70 14.16
N PRO B 372 30.23 -25.41 14.08
CA PRO B 372 29.30 -24.31 14.28
C PRO B 372 28.49 -23.90 13.03
N ASN B 373 27.50 -23.02 13.26
CA ASN B 373 26.75 -22.32 12.22
C ASN B 373 27.08 -20.81 12.22
N VAL B 374 26.42 -20.05 11.33
CA VAL B 374 26.59 -18.62 11.14
C VAL B 374 26.39 -17.82 12.44
N ASP B 375 25.45 -18.21 13.30
CA ASP B 375 25.08 -17.44 14.49
C ASP B 375 26.11 -17.52 15.62
N ALA B 376 27.01 -18.52 15.52
CA ALA B 376 28.13 -18.64 16.45
C ALA B 376 29.03 -17.40 16.38
N HIS B 377 29.07 -16.72 15.21
CA HIS B 377 30.13 -15.75 14.96
C HIS B 377 29.67 -14.30 14.81
N SER B 378 28.40 -14.08 14.42
CA SER B 378 27.97 -12.76 13.96
C SER B 378 27.92 -11.76 15.13
N GLY B 379 27.42 -12.17 16.30
CA GLY B 379 27.23 -11.26 17.42
C GLY B 379 28.51 -10.53 17.88
N VAL B 380 29.64 -11.24 18.00
CA VAL B 380 30.86 -10.58 18.48
C VAL B 380 31.33 -9.55 17.46
N LEU B 381 31.04 -9.76 16.17
CA LEU B 381 31.45 -8.81 15.16
C LEU B 381 30.65 -7.50 15.34
N LEU B 382 29.30 -7.59 15.43
CA LEU B 382 28.46 -6.44 15.72
C LEU B 382 28.89 -5.76 17.02
N TRP B 383 29.07 -6.54 18.09
CA TRP B 383 29.37 -5.95 19.39
C TRP B 383 30.72 -5.23 19.35
N HIS B 384 31.70 -5.77 18.59
CA HIS B 384 33.04 -5.16 18.57
C HIS B 384 32.95 -3.73 18.04
N TYR B 385 32.16 -3.50 16.98
CA TYR B 385 32.10 -2.18 16.39
C TYR B 385 31.10 -1.26 17.10
N GLY B 386 30.59 -1.64 18.28
CA GLY B 386 29.70 -0.79 19.06
C GLY B 386 28.19 -0.96 18.76
N ILE B 387 27.76 -1.98 18.01
CA ILE B 387 26.33 -2.24 17.86
C ILE B 387 25.93 -3.21 18.96
N ARG B 388 25.38 -2.68 20.05
CA ARG B 388 25.26 -3.38 21.30
C ARG B 388 23.81 -3.59 21.73
N GLU B 389 22.87 -3.16 20.89
CA GLU B 389 21.45 -3.24 21.23
C GLU B 389 20.92 -4.57 20.77
N TYR B 390 20.99 -5.58 21.65
CA TYR B 390 20.63 -6.96 21.32
C TYR B 390 19.32 -7.08 20.52
N ASP B 391 18.25 -6.42 20.96
CA ASP B 391 16.93 -6.58 20.33
C ASP B 391 16.99 -6.26 18.83
N PHE B 392 17.85 -5.28 18.52
CA PHE B 392 17.98 -4.75 17.18
C PHE B 392 18.69 -5.72 16.24
N TYR B 393 19.39 -6.73 16.78
CA TYR B 393 20.14 -7.67 15.94
C TYR B 393 19.23 -8.37 14.95
N THR B 394 18.01 -8.64 15.40
CA THR B 394 17.06 -9.33 14.57
C THR B 394 16.63 -8.43 13.41
N VAL B 395 16.64 -7.11 13.61
CA VAL B 395 16.32 -6.21 12.50
C VAL B 395 17.39 -6.29 11.41
N LEU B 396 18.68 -6.34 11.78
CA LEU B 396 19.75 -6.46 10.79
C LEU B 396 19.59 -7.77 10.00
N PHE B 397 19.21 -8.83 10.71
CA PHE B 397 18.98 -10.11 10.08
C PHE B 397 17.87 -9.97 9.05
N GLY B 398 16.79 -9.30 9.47
CA GLY B 398 15.65 -9.05 8.59
C GLY B 398 16.02 -8.27 7.34
N VAL B 399 16.79 -7.18 7.47
CA VAL B 399 17.19 -6.42 6.29
C VAL B 399 17.90 -7.35 5.30
N SER B 400 18.82 -8.19 5.79
CA SER B 400 19.56 -9.11 4.96
C SER B 400 18.64 -10.11 4.26
N ARG B 401 17.75 -10.71 5.05
CA ARG B 401 16.93 -11.83 4.57
C ARG B 401 15.92 -11.34 3.53
N ALA B 402 15.72 -10.00 3.46
CA ALA B 402 14.91 -9.37 2.43
C ALA B 402 15.44 -9.63 1.02
N LEU B 403 16.76 -9.71 0.87
CA LEU B 403 17.37 -10.05 -0.42
C LEU B 403 16.86 -11.39 -0.95
N GLY B 404 16.97 -12.43 -0.15
CA GLY B 404 16.47 -13.74 -0.57
C GLY B 404 14.95 -13.83 -0.66
N CYS B 405 14.22 -13.17 0.25
CA CYS B 405 12.76 -13.19 0.21
C CYS B 405 12.22 -12.54 -1.04
N THR B 406 12.80 -11.39 -1.44
CA THR B 406 12.33 -10.67 -2.61
C THR B 406 12.64 -11.51 -3.86
N ALA B 407 13.81 -12.11 -3.94
CA ALA B 407 14.17 -12.97 -5.07
C ALA B 407 13.20 -14.13 -5.20
N GLN B 408 12.95 -14.82 -4.07
CA GLN B 408 12.03 -15.94 -4.06
C GLN B 408 10.65 -15.52 -4.54
N ALA B 409 10.17 -14.38 -4.04
CA ALA B 409 8.83 -13.93 -4.34
C ALA B 409 8.73 -13.57 -5.83
N ILE B 410 9.74 -12.94 -6.36
CA ILE B 410 9.74 -12.60 -7.80
C ILE B 410 9.70 -13.89 -8.64
N LEU B 411 10.58 -14.83 -8.32
CA LEU B 411 10.68 -16.08 -9.08
C LEU B 411 9.39 -16.90 -9.06
N VAL B 412 8.75 -17.06 -7.90
CA VAL B 412 7.60 -17.96 -7.84
C VAL B 412 6.42 -17.31 -8.55
N ARG B 413 6.34 -15.99 -8.58
CA ARG B 413 5.31 -15.34 -9.38
C ARG B 413 5.66 -15.45 -10.87
N GLY B 414 6.97 -15.50 -11.20
CA GLY B 414 7.40 -15.84 -12.56
C GLY B 414 7.03 -17.26 -13.01
N TYR B 415 7.17 -18.24 -12.09
CA TYR B 415 6.78 -19.63 -12.30
C TYR B 415 5.26 -19.88 -12.31
N MET B 416 4.52 -18.98 -11.67
CA MET B 416 3.08 -19.09 -11.48
C MET B 416 2.71 -20.29 -10.64
N LEU B 417 3.47 -20.54 -9.56
CA LEU B 417 3.06 -21.52 -8.56
C LEU B 417 1.73 -21.13 -7.93
N PRO B 418 0.87 -22.12 -7.59
CA PRO B 418 -0.45 -21.85 -7.04
C PRO B 418 -0.47 -21.52 -5.55
N ILE B 419 -1.66 -21.20 -5.05
CA ILE B 419 -1.84 -20.87 -3.65
C ILE B 419 -1.41 -22.04 -2.76
N GLU B 420 -0.73 -21.74 -1.65
CA GLU B 420 -0.35 -22.82 -0.78
C GLU B 420 -1.55 -23.19 0.12
N ARG B 421 -1.97 -24.48 0.10
CA ARG B 421 -3.17 -24.90 0.80
C ARG B 421 -3.05 -26.40 1.16
N PRO B 422 -2.28 -26.71 2.23
CA PRO B 422 -2.26 -28.07 2.77
C PRO B 422 -3.58 -28.49 3.42
N LYS B 423 -3.67 -29.78 3.74
CA LYS B 423 -4.81 -30.37 4.42
C LYS B 423 -4.45 -30.54 5.90
N SER B 424 -5.34 -30.13 6.81
CA SER B 424 -5.09 -30.33 8.22
C SER B 424 -5.81 -31.61 8.63
N ILE B 425 -5.34 -32.25 9.71
CA ILE B 425 -5.99 -33.43 10.26
C ILE B 425 -6.36 -33.18 11.72
N THR B 426 -7.35 -33.95 12.20
CA THR B 426 -7.78 -33.85 13.59
C THR B 426 -7.20 -34.97 14.42
N THR B 427 -7.03 -34.70 15.72
CA THR B 427 -6.58 -35.68 16.68
C THR B 427 -7.62 -36.79 16.81
N ARG B 428 -8.90 -36.44 16.70
CA ARG B 428 -9.98 -37.42 16.66
C ARG B 428 -9.74 -38.46 15.57
N TRP B 429 -9.60 -38.01 14.32
CA TRP B 429 -9.27 -38.90 13.22
C TRP B 429 -8.05 -39.74 13.55
N VAL B 430 -6.94 -39.07 13.93
CA VAL B 430 -5.71 -39.79 14.27
C VAL B 430 -6.00 -40.93 15.25
N LYS B 431 -6.64 -40.63 16.39
CA LYS B 431 -6.92 -41.63 17.41
C LYS B 431 -7.73 -42.78 16.82
N GLU B 432 -8.68 -42.49 15.92
CA GLU B 432 -9.48 -43.53 15.30
C GLU B 432 -8.62 -44.43 14.43
N VAL B 433 -7.71 -43.84 13.65
CA VAL B 433 -7.24 -44.45 12.42
C VAL B 433 -5.79 -44.92 12.55
N ALA B 434 -5.11 -44.58 13.65
CA ALA B 434 -3.66 -44.70 13.71
C ALA B 434 -3.24 -46.17 13.70
N GLU B 435 -3.94 -46.99 14.48
CA GLU B 435 -3.74 -48.45 14.48
C GLU B 435 -3.80 -49.00 13.05
N SER B 436 -4.78 -48.52 12.26
CA SER B 436 -4.99 -48.90 10.87
C SER B 436 -3.80 -48.60 9.98
N LEU B 437 -2.98 -47.60 10.36
CA LEU B 437 -1.93 -47.08 9.50
C LEU B 437 -0.67 -47.93 9.63
N PRO B 438 0.03 -48.18 8.51
CA PRO B 438 1.34 -48.85 8.52
C PRO B 438 2.47 -48.00 9.09
N VAL B 439 3.47 -48.65 9.68
CA VAL B 439 4.68 -47.92 10.05
C VAL B 439 5.42 -47.58 8.75
N ALA B 440 5.95 -46.34 8.67
CA ALA B 440 6.62 -45.88 7.46
C ALA B 440 7.87 -46.73 7.25
N GLY B 441 8.17 -47.04 5.99
CA GLY B 441 9.30 -47.91 5.66
C GLY B 441 9.08 -49.39 6.05
N SER B 442 7.91 -49.77 6.56
CA SER B 442 7.70 -51.16 6.98
C SER B 442 7.23 -52.00 5.79
N LYS B 443 7.25 -53.34 5.98
CA LYS B 443 6.72 -54.23 4.95
C LYS B 443 5.24 -53.97 4.73
N LEU B 444 4.45 -53.73 5.80
CA LEU B 444 3.04 -53.43 5.61
C LEU B 444 2.86 -52.18 4.74
N ALA B 445 3.66 -51.12 5.01
CA ALA B 445 3.65 -49.89 4.22
C ALA B 445 3.89 -50.20 2.74
N ALA B 446 4.88 -51.07 2.47
CA ALA B 446 5.13 -51.53 1.11
C ALA B 446 3.89 -52.21 0.55
N ALA B 447 3.16 -52.96 1.39
CA ALA B 447 1.95 -53.66 0.95
C ALA B 447 0.87 -52.66 0.57
N LEU B 448 0.61 -51.69 1.45
CA LEU B 448 -0.40 -50.67 1.21
C LEU B 448 0.07 -49.63 0.19
N GLU B 449 1.32 -49.72 -0.32
CA GLU B 449 1.76 -48.82 -1.38
C GLU B 449 1.04 -49.18 -2.68
N MET C 1 14.25 47.29 -5.30
CA MET C 1 13.58 46.59 -6.43
C MET C 1 12.96 47.68 -7.33
N LYS C 2 13.35 47.68 -8.60
CA LYS C 2 12.87 48.66 -9.57
C LYS C 2 11.34 48.68 -9.63
N LEU C 3 10.73 47.50 -9.57
CA LEU C 3 9.30 47.42 -9.64
C LEU C 3 8.67 48.38 -8.63
N LYS C 4 9.13 48.33 -7.38
CA LYS C 4 8.48 49.08 -6.34
C LYS C 4 8.73 50.59 -6.55
N GLU C 5 9.92 50.93 -7.03
CA GLU C 5 10.26 52.34 -7.25
C GLU C 5 9.33 52.91 -8.32
N ARG C 6 9.07 52.09 -9.34
CA ARG C 6 8.26 52.54 -10.46
C ARG C 6 6.83 52.73 -9.99
N LEU C 7 6.32 51.78 -9.20
CA LEU C 7 4.96 51.91 -8.67
C LEU C 7 4.88 53.11 -7.72
N ALA C 8 5.98 53.38 -7.01
CA ALA C 8 6.00 54.52 -6.09
C ALA C 8 5.77 55.82 -6.86
N GLU C 9 6.22 55.90 -8.11
CA GLU C 9 5.91 57.05 -8.97
C GLU C 9 4.53 56.93 -9.61
N LEU C 10 4.15 55.75 -10.10
CA LEU C 10 2.99 55.65 -10.95
C LEU C 10 1.71 55.70 -10.13
N ILE C 11 1.66 54.98 -9.02
CA ILE C 11 0.38 54.85 -8.32
C ILE C 11 -0.20 56.18 -7.83
N PRO C 12 0.58 57.14 -7.28
CA PRO C 12 0.00 58.44 -6.90
C PRO C 12 -0.67 59.17 -8.07
N GLN C 13 -0.05 59.07 -9.23
CA GLN C 13 -0.61 59.64 -10.44
C GLN C 13 -1.90 58.95 -10.84
N TRP C 14 -1.90 57.60 -10.87
CA TRP C 14 -3.12 56.88 -11.18
C TRP C 14 -4.21 57.21 -10.17
N ARG C 15 -3.84 57.26 -8.90
CA ARG C 15 -4.81 57.55 -7.86
C ARG C 15 -5.52 58.88 -8.14
N ALA C 16 -4.74 59.89 -8.52
CA ALA C 16 -5.22 61.25 -8.78
C ALA C 16 -6.10 61.24 -10.01
N GLU C 17 -5.71 60.51 -11.07
CA GLU C 17 -6.50 60.42 -12.28
C GLU C 17 -7.82 59.73 -12.00
N VAL C 18 -7.78 58.62 -11.24
CA VAL C 18 -9.02 57.95 -10.89
C VAL C 18 -9.93 58.89 -10.11
N ALA C 19 -9.36 59.64 -9.16
CA ALA C 19 -10.19 60.57 -8.38
C ALA C 19 -10.90 61.57 -9.31
N GLU C 20 -10.21 62.08 -10.34
CA GLU C 20 -10.80 63.05 -11.25
C GLU C 20 -11.89 62.40 -12.11
N ILE C 21 -11.64 61.16 -12.55
CA ILE C 21 -12.63 60.45 -13.35
C ILE C 21 -13.93 60.28 -12.59
N ARG C 22 -13.88 59.87 -11.32
CA ARG C 22 -15.12 59.64 -10.59
C ARG C 22 -15.85 60.97 -10.37
N LYS C 23 -15.10 62.04 -10.09
CA LYS C 23 -15.66 63.37 -9.91
C LYS C 23 -16.36 63.83 -11.20
N LYS C 24 -15.61 63.87 -12.30
CA LYS C 24 -16.08 64.48 -13.53
C LYS C 24 -17.03 63.56 -14.28
N TYR C 25 -16.82 62.23 -14.27
CA TYR C 25 -17.51 61.37 -15.22
C TYR C 25 -18.41 60.32 -14.59
N GLY C 26 -18.59 60.38 -13.26
CA GLY C 26 -19.37 59.40 -12.54
C GLY C 26 -20.78 59.26 -13.08
N ASN C 27 -21.29 60.36 -13.65
CA ASN C 27 -22.70 60.41 -14.00
C ASN C 27 -22.90 60.02 -15.46
N ARG C 28 -21.81 59.67 -16.16
CA ARG C 28 -21.93 59.25 -17.56
C ARG C 28 -22.49 57.82 -17.67
N LYS C 29 -23.40 57.65 -18.64
CA LYS C 29 -24.05 56.37 -18.82
C LYS C 29 -23.24 55.51 -19.79
N THR C 30 -23.09 54.23 -19.46
CA THR C 30 -22.39 53.33 -20.38
C THR C 30 -23.41 52.40 -21.02
N MET C 31 -24.53 52.09 -20.35
CA MET C 31 -25.46 51.16 -20.95
C MET C 31 -26.65 51.11 -20.03
N ASP C 32 -27.70 50.40 -20.45
CA ASP C 32 -28.83 50.13 -19.58
C ASP C 32 -28.55 48.90 -18.70
N CYS C 33 -29.07 48.94 -17.47
CA CYS C 33 -29.11 47.78 -16.60
C CYS C 33 -30.50 47.17 -16.69
N THR C 34 -30.58 45.86 -16.84
CA THR C 34 -31.85 45.24 -17.11
C THR C 34 -32.21 44.15 -16.11
N ILE C 35 -33.47 43.72 -16.17
CA ILE C 35 -33.93 42.56 -15.44
C ILE C 35 -33.12 41.33 -15.83
N GLY C 36 -32.77 41.19 -17.11
CA GLY C 36 -31.96 40.07 -17.59
C GLY C 36 -30.56 40.04 -16.98
N HIS C 37 -29.99 41.22 -16.71
CA HIS C 37 -28.75 41.34 -15.96
C HIS C 37 -28.85 40.70 -14.59
N ALA C 38 -29.93 41.01 -13.86
CA ALA C 38 -30.07 40.55 -12.49
C ALA C 38 -30.24 39.03 -12.45
N TYR C 39 -31.08 38.48 -13.33
CA TYR C 39 -31.31 37.03 -13.37
C TYR C 39 -30.33 36.28 -14.30
N GLY C 40 -29.41 36.98 -14.95
CA GLY C 40 -28.56 36.37 -15.95
C GLY C 40 -27.09 36.49 -15.59
N GLY C 41 -26.80 36.65 -14.29
CA GLY C 41 -25.42 36.73 -13.84
C GLY C 41 -24.67 37.95 -14.37
N MET C 42 -25.36 39.07 -14.58
CA MET C 42 -24.72 40.32 -14.97
C MET C 42 -24.01 40.25 -16.32
N ARG C 43 -24.39 39.32 -17.18
CA ARG C 43 -23.69 39.16 -18.44
C ARG C 43 -23.68 40.47 -19.26
N GLY C 44 -22.50 40.94 -19.66
CA GLY C 44 -22.38 42.21 -20.35
C GLY C 44 -22.43 43.45 -19.44
N LEU C 45 -22.78 43.31 -18.15
CA LEU C 45 -22.97 44.53 -17.37
C LEU C 45 -21.61 45.14 -17.05
N LYS C 46 -21.40 46.42 -17.42
CA LYS C 46 -20.09 47.04 -17.27
C LYS C 46 -19.90 47.54 -15.83
N ALA C 47 -19.55 46.63 -14.91
CA ALA C 47 -19.74 46.91 -13.49
C ALA C 47 -18.44 46.92 -12.68
N LEU C 48 -17.28 46.73 -13.32
CA LEU C 48 -16.00 46.57 -12.63
C LEU C 48 -14.95 47.30 -13.42
N VAL C 49 -13.85 47.65 -12.76
CA VAL C 49 -12.68 48.18 -13.40
C VAL C 49 -11.52 47.18 -13.34
N CYS C 50 -10.81 47.04 -14.46
CA CYS C 50 -9.58 46.25 -14.51
C CYS C 50 -8.63 46.83 -15.54
N ASP C 51 -7.42 47.21 -15.11
CA ASP C 51 -6.45 47.85 -15.97
C ASP C 51 -5.35 46.88 -16.39
N THR C 52 -5.29 45.69 -15.81
CA THR C 52 -4.19 44.80 -16.10
C THR C 52 -4.36 44.18 -17.50
N SER C 53 -5.60 43.81 -17.83
CA SER C 53 -5.84 43.13 -19.09
C SER C 53 -7.25 43.49 -19.57
N GLU C 54 -7.48 43.23 -20.85
CA GLU C 54 -8.77 43.50 -21.44
C GLU C 54 -8.98 42.49 -22.56
N VAL C 55 -10.19 41.95 -22.63
CA VAL C 55 -10.52 40.91 -23.59
C VAL C 55 -11.42 41.52 -24.68
N PHE C 56 -10.90 41.54 -25.91
CA PHE C 56 -11.59 42.05 -27.08
C PHE C 56 -12.30 40.89 -27.80
N PRO C 57 -13.63 40.94 -27.99
CA PRO C 57 -14.34 39.84 -28.66
C PRO C 57 -13.74 39.33 -29.96
N ASP C 58 -13.10 40.22 -30.73
CA ASP C 58 -12.59 39.90 -32.05
C ASP C 58 -11.07 39.78 -32.07
N GLU C 59 -10.39 39.85 -30.91
CA GLU C 59 -8.94 39.68 -30.92
C GLU C 59 -8.45 38.79 -29.77
N GLY C 60 -9.18 38.76 -28.65
CA GLY C 60 -8.76 38.05 -27.46
C GLY C 60 -8.04 38.99 -26.48
N VAL C 61 -7.34 38.39 -25.51
CA VAL C 61 -6.91 39.14 -24.36
C VAL C 61 -5.73 39.97 -24.79
N LYS C 62 -5.60 41.14 -24.18
CA LYS C 62 -4.40 41.94 -24.30
C LYS C 62 -3.95 42.29 -22.88
N PHE C 63 -2.65 42.19 -22.63
CA PHE C 63 -2.10 42.50 -21.33
C PHE C 63 -1.53 43.90 -21.41
N ARG C 64 -2.14 44.85 -20.71
CA ARG C 64 -1.73 46.25 -20.80
C ARG C 64 -1.51 46.68 -22.27
N GLY C 65 -2.43 46.30 -23.15
CA GLY C 65 -2.45 46.78 -24.53
C GLY C 65 -1.58 45.94 -25.46
N TYR C 66 -0.86 44.94 -24.92
CA TYR C 66 -0.02 44.10 -25.76
C TYR C 66 -0.67 42.75 -26.03
N THR C 67 -0.51 42.24 -27.24
CA THR C 67 -1.11 40.96 -27.61
C THR C 67 -0.15 39.86 -27.14
N ILE C 68 -0.66 38.66 -27.12
CA ILE C 68 0.18 37.54 -26.76
C ILE C 68 1.33 37.37 -27.76
N PRO C 69 1.14 37.39 -29.10
CA PRO C 69 2.31 37.30 -29.99
C PRO C 69 3.37 38.40 -29.83
N GLU C 70 2.98 39.63 -29.50
CA GLU C 70 3.94 40.71 -29.28
C GLU C 70 4.87 40.36 -28.11
N LEU C 71 4.32 39.75 -27.03
CA LEU C 71 5.09 39.44 -25.83
C LEU C 71 5.87 38.14 -25.93
N ARG C 72 5.36 37.19 -26.72
CA ARG C 72 5.94 35.86 -26.81
C ARG C 72 6.88 35.74 -28.01
N GLU C 73 6.49 36.34 -29.12
CA GLU C 73 7.21 36.26 -30.39
C GLU C 73 7.66 37.66 -30.78
N GLY C 74 6.70 38.59 -30.79
CA GLY C 74 6.64 39.77 -31.64
C GLY C 74 7.76 40.74 -31.31
N PRO C 75 7.59 42.05 -31.62
CA PRO C 75 8.68 43.01 -31.39
C PRO C 75 8.91 43.39 -29.93
N HIS C 76 8.02 42.96 -29.02
CA HIS C 76 8.08 43.39 -27.63
C HIS C 76 8.35 42.20 -26.71
N LYS C 77 9.23 41.31 -27.12
CA LYS C 77 9.29 40.00 -26.49
C LYS C 77 9.76 40.15 -25.05
N LEU C 78 9.03 39.52 -24.11
CA LEU C 78 9.45 39.54 -22.72
C LEU C 78 10.70 38.68 -22.52
N PRO C 79 11.49 38.98 -21.47
CA PRO C 79 12.63 38.13 -21.14
C PRO C 79 12.23 36.67 -20.91
N THR C 80 13.17 35.79 -21.26
CA THR C 80 13.02 34.35 -21.17
C THR C 80 14.01 33.86 -20.12
N ALA C 81 14.04 32.55 -19.87
CA ALA C 81 15.14 31.95 -19.16
C ALA C 81 16.34 31.92 -20.09
N GLU C 82 17.54 31.77 -19.54
CA GLU C 82 18.75 31.61 -20.35
C GLU C 82 18.65 30.37 -21.24
N GLY C 83 18.84 30.52 -22.55
CA GLY C 83 18.67 29.42 -23.49
C GLY C 83 17.20 29.09 -23.79
N GLY C 84 16.27 29.94 -23.32
CA GLY C 84 14.84 29.66 -23.42
C GLY C 84 14.16 30.49 -24.51
N PHE C 85 12.94 30.07 -24.87
CA PHE C 85 12.13 30.80 -25.83
C PHE C 85 10.87 31.35 -25.15
N GLU C 86 10.27 30.58 -24.22
CA GLU C 86 8.99 31.00 -23.65
C GLU C 86 9.21 32.16 -22.69
N PRO C 87 8.32 33.16 -22.72
CA PRO C 87 8.42 34.30 -21.80
C PRO C 87 8.21 33.94 -20.33
N LEU C 88 8.98 34.55 -19.43
CA LEU C 88 8.84 34.31 -18.01
C LEU C 88 7.64 35.07 -17.47
N PRO C 89 6.77 34.38 -16.69
CA PRO C 89 5.70 35.07 -15.99
C PRO C 89 6.14 36.19 -15.07
N GLU C 90 7.37 36.10 -14.51
CA GLU C 90 7.92 37.17 -13.70
C GLU C 90 7.88 38.51 -14.44
N GLY C 91 8.27 38.50 -15.73
CA GLY C 91 8.25 39.70 -16.54
C GLY C 91 6.83 40.15 -16.88
N LEU C 92 5.95 39.17 -17.12
CA LEU C 92 4.57 39.52 -17.40
C LEU C 92 3.96 40.25 -16.19
N TRP C 93 4.29 39.78 -14.97
CA TRP C 93 3.78 40.40 -13.76
C TRP C 93 4.24 41.87 -13.63
N TYR C 94 5.52 42.16 -13.97
CA TYR C 94 6.04 43.52 -14.01
C TYR C 94 5.20 44.40 -14.97
N LEU C 95 4.88 43.86 -16.14
CA LEU C 95 4.02 44.55 -17.09
C LEU C 95 2.62 44.78 -16.52
N LEU C 96 1.97 43.76 -15.98
CA LEU C 96 0.63 43.95 -15.45
C LEU C 96 0.61 45.08 -14.41
N LEU C 97 1.62 45.14 -13.55
CA LEU C 97 1.64 46.12 -12.46
C LEU C 97 1.90 47.54 -12.96
N THR C 98 2.88 47.70 -13.84
CA THR C 98 3.40 49.01 -14.18
C THR C 98 2.80 49.56 -15.47
N GLY C 99 2.40 48.67 -16.39
CA GLY C 99 2.03 49.08 -17.73
C GLY C 99 3.25 49.23 -18.64
N GLU C 100 4.43 48.90 -18.12
CA GLU C 100 5.67 49.05 -18.83
C GLU C 100 6.39 47.72 -18.97
N LEU C 101 7.12 47.60 -20.09
CA LEU C 101 7.84 46.39 -20.42
C LEU C 101 9.08 46.30 -19.57
N PRO C 102 9.37 45.14 -19.00
CA PRO C 102 10.51 45.00 -18.09
C PRO C 102 11.81 44.87 -18.87
N THR C 103 12.92 45.33 -18.28
CA THR C 103 14.25 45.00 -18.77
C THR C 103 14.63 43.62 -18.25
N GLU C 104 15.70 43.05 -18.78
CA GLU C 104 16.23 41.79 -18.31
C GLU C 104 16.45 41.86 -16.80
N GLU C 105 17.00 42.99 -16.30
CA GLU C 105 17.38 43.04 -14.90
C GLU C 105 16.13 43.17 -14.03
N ASP C 106 15.10 43.88 -14.49
CA ASP C 106 13.86 43.94 -13.75
C ASP C 106 13.37 42.53 -13.44
N VAL C 107 13.46 41.62 -14.42
CA VAL C 107 12.92 40.28 -14.29
C VAL C 107 13.81 39.47 -13.34
N LYS C 108 15.12 39.60 -13.48
CA LYS C 108 16.02 38.90 -12.58
C LYS C 108 15.76 39.32 -11.14
N GLU C 109 15.42 40.59 -10.88
CA GLU C 109 15.13 41.03 -9.53
C GLU C 109 13.85 40.35 -9.00
N ILE C 110 12.82 40.23 -9.84
CA ILE C 110 11.57 39.62 -9.41
C ILE C 110 11.83 38.13 -9.14
N SER C 111 12.58 37.47 -10.03
CA SER C 111 12.93 36.08 -9.89
C SER C 111 13.68 35.80 -8.59
N ALA C 112 14.58 36.71 -8.19
CA ALA C 112 15.35 36.57 -6.96
C ALA C 112 14.47 36.80 -5.73
N GLU C 113 13.54 37.76 -5.82
CA GLU C 113 12.58 38.01 -4.76
C GLU C 113 11.73 36.75 -4.55
N PHE C 114 11.23 36.15 -5.62
CA PHE C 114 10.50 34.91 -5.45
C PHE C 114 11.38 33.84 -4.81
N THR C 115 12.63 33.74 -5.26
CA THR C 115 13.51 32.66 -4.85
C THR C 115 13.79 32.72 -3.35
N LYS C 116 14.18 33.88 -2.87
CA LYS C 116 14.35 34.14 -1.46
C LYS C 116 13.06 33.75 -0.72
N ARG C 117 11.90 34.28 -1.13
CA ARG C 117 10.70 34.16 -0.32
C ARG C 117 10.15 32.73 -0.33
N MET C 118 10.56 31.95 -1.33
CA MET C 118 10.10 30.59 -1.49
C MET C 118 10.57 29.73 -0.32
N GLN C 119 11.58 30.22 0.41
CA GLN C 119 12.14 29.55 1.56
C GLN C 119 11.39 29.90 2.84
N ASN C 120 10.40 30.78 2.77
CA ASN C 120 9.80 31.34 3.95
C ASN C 120 8.36 30.89 4.10
N VAL C 121 8.02 29.71 3.60
CA VAL C 121 6.69 29.19 3.83
C VAL C 121 6.65 28.63 5.25
N PRO C 122 5.75 29.12 6.11
CA PRO C 122 5.74 28.67 7.49
C PRO C 122 5.56 27.17 7.62
N GLN C 123 6.17 26.59 8.65
CA GLN C 123 6.03 25.17 8.90
C GLN C 123 4.58 24.78 9.24
N TYR C 124 3.82 25.66 9.90
CA TYR C 124 2.45 25.34 10.26
C TYR C 124 1.56 25.22 9.01
N VAL C 125 1.97 25.82 7.87
CA VAL C 125 1.22 25.64 6.63
C VAL C 125 1.24 24.17 6.22
N PHE C 126 2.39 23.51 6.36
CA PHE C 126 2.54 22.08 6.06
C PHE C 126 1.78 21.22 7.07
N ASP C 127 1.77 21.62 8.34
CA ASP C 127 0.98 20.93 9.34
C ASP C 127 -0.50 20.97 8.97
N VAL C 128 -1.00 22.14 8.57
CA VAL C 128 -2.39 22.28 8.16
C VAL C 128 -2.66 21.37 6.96
N LEU C 129 -1.78 21.37 5.98
CA LEU C 129 -1.99 20.54 4.79
C LEU C 129 -1.96 19.07 5.15
N ARG C 130 -1.05 18.64 6.04
CA ARG C 130 -0.95 17.24 6.44
C ARG C 130 -2.15 16.81 7.28
N ALA C 131 -2.83 17.75 7.97
CA ALA C 131 -3.98 17.41 8.81
C ALA C 131 -5.22 17.11 7.98
N MET C 132 -5.25 17.60 6.74
CA MET C 132 -6.34 17.30 5.83
C MET C 132 -6.16 15.89 5.27
N PRO C 133 -7.24 15.07 5.21
CA PRO C 133 -7.13 13.73 4.64
C PRO C 133 -6.62 13.80 3.20
N VAL C 134 -5.80 12.83 2.83
CA VAL C 134 -5.06 12.88 1.59
C VAL C 134 -6.00 12.79 0.39
N ASP C 135 -7.22 12.25 0.58
CA ASP C 135 -8.19 12.17 -0.49
C ASP C 135 -9.01 13.47 -0.66
N THR C 136 -8.70 14.53 0.08
CA THR C 136 -9.35 15.82 -0.14
C THR C 136 -9.02 16.32 -1.54
N HIS C 137 -9.99 16.99 -2.18
CA HIS C 137 -9.74 17.60 -3.47
C HIS C 137 -8.54 18.54 -3.41
N PRO C 138 -7.65 18.52 -4.41
CA PRO C 138 -6.44 19.31 -4.34
C PRO C 138 -6.69 20.83 -4.30
N MET C 139 -7.83 21.27 -4.81
CA MET C 139 -8.15 22.70 -4.79
C MET C 139 -8.62 23.11 -3.40
N THR C 140 -9.24 22.20 -2.65
CA THR C 140 -9.60 22.45 -1.26
C THR C 140 -8.32 22.58 -0.42
N MET C 141 -7.35 21.68 -0.63
CA MET C 141 -6.08 21.75 0.07
C MET C 141 -5.34 23.05 -0.31
N PHE C 142 -5.39 23.44 -1.59
CA PHE C 142 -4.69 24.61 -2.04
C PHE C 142 -5.24 25.87 -1.36
N ALA C 143 -6.57 26.01 -1.38
CA ALA C 143 -7.20 27.17 -0.78
C ALA C 143 -6.92 27.20 0.73
N ALA C 144 -6.94 26.04 1.38
CA ALA C 144 -6.71 25.95 2.82
C ALA C 144 -5.29 26.35 3.20
N GLY C 145 -4.30 25.93 2.42
CA GLY C 145 -2.91 26.25 2.67
C GLY C 145 -2.65 27.76 2.57
N ILE C 146 -3.22 28.35 1.53
CA ILE C 146 -3.11 29.78 1.31
C ILE C 146 -3.75 30.54 2.47
N LEU C 147 -4.99 30.17 2.81
CA LEU C 147 -5.68 30.83 3.91
C LEU C 147 -4.88 30.73 5.20
N ALA C 148 -4.25 29.58 5.50
CA ALA C 148 -3.55 29.42 6.77
C ALA C 148 -2.42 30.45 6.92
N MET C 149 -1.79 30.83 5.81
CA MET C 149 -0.69 31.78 5.80
C MET C 149 -1.12 33.24 6.01
N GLN C 150 -2.43 33.50 6.08
CA GLN C 150 -2.96 34.81 6.41
C GLN C 150 -2.36 35.37 7.71
N ARG C 151 -2.00 34.47 8.64
CA ARG C 151 -1.31 34.85 9.86
C ARG C 151 -0.09 35.72 9.57
N GLU C 152 0.60 35.51 8.44
CA GLU C 152 1.75 36.33 8.12
C GLU C 152 1.42 37.60 7.33
N SER C 153 0.14 38.00 7.22
CA SER C 153 -0.21 39.15 6.40
C SER C 153 0.32 40.45 7.00
N VAL C 154 1.15 41.16 6.22
CA VAL C 154 1.66 42.49 6.53
C VAL C 154 0.51 43.50 6.45
N PHE C 155 -0.39 43.31 5.48
CA PHE C 155 -1.50 44.23 5.33
C PHE C 155 -2.39 44.18 6.56
N ALA C 156 -2.78 42.97 7.01
CA ALA C 156 -3.67 42.86 8.15
C ALA C 156 -2.99 43.47 9.39
N LYS C 157 -1.68 43.28 9.53
CA LYS C 157 -0.98 43.76 10.72
C LYS C 157 -0.88 45.29 10.73
N ARG C 158 -0.43 45.88 9.61
CA ARG C 158 -0.25 47.31 9.48
C ARG C 158 -1.59 48.01 9.56
N TYR C 159 -2.64 47.38 9.06
CA TYR C 159 -3.97 47.95 9.18
C TYR C 159 -4.43 48.05 10.63
N GLU C 160 -4.25 46.99 11.45
CA GLU C 160 -4.66 47.01 12.85
C GLU C 160 -3.87 48.06 13.62
N GLU C 161 -2.56 48.16 13.35
CA GLU C 161 -1.66 49.11 13.98
C GLU C 161 -1.98 50.54 13.57
N GLY C 162 -2.66 50.74 12.43
CA GLY C 162 -2.88 52.06 11.87
C GLY C 162 -1.88 52.38 10.77
N MET C 163 -2.35 52.49 9.54
CA MET C 163 -1.53 53.00 8.45
C MET C 163 -2.43 53.92 7.62
N ARG C 164 -1.82 54.86 6.92
CA ARG C 164 -2.59 55.71 6.01
C ARG C 164 -2.99 54.89 4.79
N ARG C 165 -4.10 55.27 4.14
CA ARG C 165 -4.64 54.55 2.99
C ARG C 165 -3.60 54.50 1.86
N GLU C 166 -2.63 55.43 1.92
CA GLU C 166 -1.62 55.59 0.88
C GLU C 166 -0.51 54.55 1.02
N GLU C 167 -0.39 53.90 2.17
CA GLU C 167 0.55 52.81 2.35
C GLU C 167 -0.11 51.48 1.95
N HIS C 168 -1.41 51.46 1.66
CA HIS C 168 -2.09 50.21 1.38
C HIS C 168 -1.43 49.42 0.26
N TRP C 169 -1.08 50.06 -0.85
CA TRP C 169 -0.53 49.32 -1.98
C TRP C 169 0.78 48.63 -1.63
N GLU C 170 1.60 49.25 -0.76
CA GLU C 170 2.91 48.75 -0.43
C GLU C 170 2.82 47.46 0.41
N ALA C 171 1.87 47.43 1.32
CA ALA C 171 1.61 46.27 2.14
C ALA C 171 1.04 45.14 1.26
N MET C 172 0.18 45.50 0.29
CA MET C 172 -0.39 44.55 -0.66
C MET C 172 0.71 43.92 -1.50
N LEU C 173 1.68 44.73 -1.88
CA LEU C 173 2.78 44.27 -2.71
C LEU C 173 3.67 43.31 -1.93
N GLU C 174 4.01 43.68 -0.70
CA GLU C 174 4.82 42.81 0.16
C GLU C 174 4.11 41.44 0.35
N ASP C 175 2.83 41.46 0.67
CA ASP C 175 2.07 40.23 0.84
C ASP C 175 1.97 39.45 -0.47
N SER C 176 1.87 40.13 -1.61
CA SER C 176 1.78 39.50 -2.91
C SER C 176 3.07 38.74 -3.21
N LEU C 177 4.22 39.34 -2.92
CA LEU C 177 5.50 38.71 -3.19
C LEU C 177 5.66 37.42 -2.36
N ASN C 178 5.31 37.49 -1.07
CA ASN C 178 5.35 36.35 -0.18
C ASN C 178 4.40 35.24 -0.66
N MET C 179 3.17 35.62 -0.98
CA MET C 179 2.17 34.63 -1.34
C MET C 179 2.53 34.00 -2.68
N LEU C 180 2.95 34.78 -3.68
CA LEU C 180 3.34 34.21 -4.96
C LEU C 180 4.50 33.23 -4.78
N ALA C 181 5.50 33.58 -3.97
CA ALA C 181 6.62 32.71 -3.72
C ALA C 181 6.17 31.39 -3.08
N ALA C 182 5.14 31.46 -2.21
CA ALA C 182 4.64 30.29 -1.52
C ALA C 182 3.83 29.37 -2.45
N LEU C 183 3.12 29.91 -3.44
CA LEU C 183 2.13 29.13 -4.15
C LEU C 183 2.74 27.87 -4.77
N PRO C 184 3.90 27.89 -5.44
CA PRO C 184 4.43 26.65 -5.99
C PRO C 184 4.91 25.63 -4.96
N VAL C 185 5.36 26.11 -3.80
CA VAL C 185 5.72 25.22 -2.71
C VAL C 185 4.48 24.50 -2.19
N ILE C 186 3.38 25.23 -2.00
CA ILE C 186 2.13 24.65 -1.53
C ILE C 186 1.55 23.67 -2.56
N ALA C 187 1.49 24.13 -3.82
CA ALA C 187 1.01 23.31 -4.92
C ALA C 187 1.80 22.00 -5.05
N ALA C 188 3.13 22.10 -5.06
CA ALA C 188 3.97 20.92 -5.19
C ALA C 188 3.82 19.99 -3.99
N TYR C 189 3.63 20.54 -2.78
CA TYR C 189 3.42 19.70 -1.61
C TYR C 189 2.21 18.81 -1.82
N ILE C 190 1.10 19.45 -2.22
CA ILE C 190 -0.15 18.77 -2.52
C ILE C 190 0.07 17.67 -3.58
N TYR C 191 0.74 18.03 -4.69
CA TYR C 191 1.01 17.10 -5.78
C TYR C 191 1.79 15.88 -5.29
N ARG C 192 2.87 16.10 -4.54
CA ARG C 192 3.74 15.04 -4.08
C ARG C 192 3.01 14.15 -3.06
N ARG C 193 2.29 14.79 -2.15
CA ARG C 193 1.58 14.05 -1.12
C ARG C 193 0.49 13.16 -1.70
N LYS C 194 -0.33 13.69 -2.62
CA LYS C 194 -1.46 12.96 -3.15
C LYS C 194 -1.03 11.91 -4.18
N TYR C 195 -0.08 12.23 -5.05
CA TYR C 195 0.09 11.48 -6.29
C TYR C 195 1.47 10.86 -6.45
N LYS C 196 2.49 11.26 -5.68
CA LYS C 196 3.82 10.77 -5.94
C LYS C 196 4.47 10.16 -4.69
N GLY C 197 3.71 9.48 -3.84
CA GLY C 197 4.26 8.73 -2.72
C GLY C 197 4.76 9.57 -1.54
N ASP C 198 4.38 10.85 -1.45
CA ASP C 198 4.58 11.66 -0.25
C ASP C 198 6.06 11.81 0.04
N THR C 199 6.84 11.96 -1.03
CA THR C 199 8.23 12.36 -0.93
C THR C 199 8.36 13.77 -1.51
N HIS C 200 9.20 14.62 -0.92
CA HIS C 200 9.11 16.04 -1.13
C HIS C 200 10.45 16.56 -1.67
N ILE C 201 10.40 17.51 -2.62
CA ILE C 201 11.59 18.03 -3.29
C ILE C 201 11.67 19.52 -2.95
N ALA C 202 12.85 19.95 -2.47
CA ALA C 202 13.10 21.33 -2.10
C ALA C 202 13.17 22.22 -3.34
N PRO C 203 12.88 23.53 -3.21
CA PRO C 203 13.08 24.45 -4.31
C PRO C 203 14.55 24.47 -4.70
N ASP C 204 14.78 24.74 -5.97
CA ASP C 204 16.11 24.94 -6.52
C ASP C 204 16.38 26.43 -6.57
N PRO C 205 17.35 26.96 -5.79
CA PRO C 205 17.61 28.40 -5.79
C PRO C 205 18.02 28.98 -7.15
N ASN C 206 18.39 28.14 -8.13
CA ASN C 206 18.82 28.64 -9.43
C ASN C 206 17.75 28.58 -10.52
N LEU C 207 16.51 28.17 -10.20
CA LEU C 207 15.46 28.13 -11.22
C LEU C 207 14.54 29.33 -11.05
N ASP C 208 13.92 29.77 -12.15
CA ASP C 208 12.84 30.74 -12.10
C ASP C 208 11.58 30.12 -11.46
N TRP C 209 10.52 30.93 -11.30
CA TRP C 209 9.35 30.59 -10.51
C TRP C 209 8.59 29.39 -11.10
N SER C 210 8.36 29.39 -12.43
CA SER C 210 7.62 28.36 -13.15
C SER C 210 8.38 27.04 -13.16
N ALA C 211 9.68 27.12 -13.45
CA ALA C 211 10.51 25.93 -13.53
C ALA C 211 10.64 25.30 -12.15
N ASN C 212 10.66 26.14 -11.11
CA ASN C 212 10.69 25.63 -9.75
C ASN C 212 9.46 24.79 -9.41
N LEU C 213 8.28 25.17 -9.87
CA LEU C 213 7.10 24.36 -9.63
C LEU C 213 7.26 22.98 -10.27
N ALA C 214 7.71 22.95 -11.51
CA ALA C 214 7.93 21.70 -12.23
C ALA C 214 8.94 20.83 -11.49
N HIS C 215 10.09 21.43 -11.14
CA HIS C 215 11.14 20.76 -10.41
C HIS C 215 10.59 20.14 -9.14
N MET C 216 9.79 20.92 -8.38
CA MET C 216 9.31 20.46 -7.10
C MET C 216 8.20 19.40 -7.27
N MET C 217 7.59 19.35 -8.46
CA MET C 217 6.63 18.29 -8.77
C MET C 217 7.33 17.01 -9.22
N GLY C 218 8.60 17.10 -9.62
CA GLY C 218 9.36 15.94 -10.05
C GLY C 218 9.72 15.92 -11.54
N PHE C 219 9.61 17.06 -12.25
CA PHE C 219 9.84 17.12 -13.69
C PHE C 219 10.97 18.10 -13.97
N ASP C 220 12.05 17.67 -14.62
CA ASP C 220 13.21 18.53 -14.82
C ASP C 220 13.60 18.69 -16.29
N ASP C 221 12.89 18.07 -17.23
CA ASP C 221 13.23 18.26 -18.64
C ASP C 221 13.02 19.73 -19.03
N PHE C 222 13.88 20.23 -19.91
CA PHE C 222 13.85 21.61 -20.38
C PHE C 222 12.51 21.96 -21.00
N GLU C 223 11.98 21.11 -21.86
CA GLU C 223 10.71 21.34 -22.53
C GLU C 223 9.60 21.44 -21.50
N VAL C 224 9.72 20.79 -20.33
CA VAL C 224 8.66 20.88 -19.33
C VAL C 224 8.74 22.24 -18.66
N TYR C 225 9.96 22.69 -18.40
CA TYR C 225 10.14 24.03 -17.84
C TYR C 225 9.53 25.07 -18.76
N GLU C 226 9.80 24.97 -20.06
CA GLU C 226 9.25 25.83 -21.10
C GLU C 226 7.72 25.75 -21.16
N LEU C 227 7.15 24.55 -21.04
CA LEU C 227 5.69 24.45 -21.01
C LEU C 227 5.09 25.16 -19.78
N PHE C 228 5.73 25.01 -18.63
CA PHE C 228 5.24 25.65 -17.41
C PHE C 228 5.32 27.17 -17.52
N ARG C 229 6.43 27.68 -18.08
CA ARG C 229 6.61 29.12 -18.23
C ARG C 229 5.50 29.65 -19.14
N LEU C 230 5.23 28.92 -20.23
CA LEU C 230 4.18 29.34 -21.15
C LEU C 230 2.79 29.24 -20.53
N TYR C 231 2.52 28.11 -19.87
CA TYR C 231 1.24 27.88 -19.18
C TYR C 231 0.95 29.02 -18.18
N MET C 232 1.95 29.35 -17.35
CA MET C 232 1.78 30.34 -16.29
C MET C 232 1.58 31.74 -16.89
N PHE C 233 2.28 32.02 -18.00
CA PHE C 233 2.10 33.24 -18.78
C PHE C 233 0.67 33.36 -19.34
N LEU C 234 0.14 32.31 -19.97
CA LEU C 234 -1.14 32.40 -20.68
C LEU C 234 -2.35 32.48 -19.75
N HIS C 235 -2.27 31.78 -18.60
CA HIS C 235 -3.40 31.69 -17.68
C HIS C 235 -3.38 32.81 -16.64
N SER C 236 -2.47 33.76 -16.75
CA SER C 236 -2.20 34.76 -15.71
C SER C 236 -3.39 35.66 -15.39
N ASP C 237 -4.15 36.08 -16.40
CA ASP C 237 -5.13 37.13 -16.25
C ASP C 237 -6.04 37.10 -17.47
N HIS C 238 -7.32 37.47 -17.25
CA HIS C 238 -8.35 37.51 -18.29
C HIS C 238 -9.47 38.45 -17.86
N GLU C 239 -9.10 39.73 -17.68
CA GLU C 239 -10.04 40.76 -17.25
C GLU C 239 -10.44 40.55 -15.78
N GLY C 240 -11.45 41.31 -15.35
CA GLY C 240 -11.80 41.40 -13.95
C GLY C 240 -13.07 40.64 -13.61
N GLY C 241 -13.82 40.21 -14.64
CA GLY C 241 -15.18 39.73 -14.46
C GLY C 241 -15.37 38.21 -14.33
N ASN C 242 -14.33 37.44 -14.63
CA ASN C 242 -14.36 36.00 -14.39
C ASN C 242 -14.48 35.77 -12.88
N VAL C 243 -15.04 34.61 -12.47
CA VAL C 243 -15.46 34.42 -11.10
C VAL C 243 -14.30 34.53 -10.12
N SER C 244 -13.13 34.00 -10.49
CA SER C 244 -11.99 34.02 -9.59
C SER C 244 -11.44 35.43 -9.41
N ALA C 245 -11.27 36.16 -10.52
CA ALA C 245 -10.79 37.54 -10.50
C ALA C 245 -11.78 38.42 -9.74
N HIS C 246 -13.04 38.21 -9.98
CA HIS C 246 -14.09 38.99 -9.38
C HIS C 246 -14.20 38.71 -7.89
N THR C 247 -14.14 37.42 -7.49
CA THR C 247 -14.16 37.04 -6.09
C THR C 247 -13.00 37.74 -5.37
N ASN C 248 -11.81 37.71 -5.97
CA ASN C 248 -10.63 38.34 -5.41
C ASN C 248 -10.89 39.85 -5.19
N LEU C 249 -11.44 40.54 -6.18
CA LEU C 249 -11.71 41.97 -6.07
C LEU C 249 -12.75 42.28 -4.99
N LEU C 250 -13.82 41.48 -4.96
CA LEU C 250 -14.92 41.67 -4.05
C LEU C 250 -14.44 41.53 -2.59
N VAL C 251 -13.63 40.51 -2.31
CA VAL C 251 -13.17 40.31 -0.94
C VAL C 251 -12.11 41.37 -0.61
N ASN C 252 -11.17 41.62 -1.53
CA ASN C 252 -10.23 42.72 -1.42
C ASN C 252 -10.94 44.04 -1.05
N SER C 253 -12.14 44.27 -1.60
CA SER C 253 -12.79 45.56 -1.49
C SER C 253 -13.22 45.82 -0.04
N ALA C 254 -13.30 44.77 0.78
CA ALA C 254 -13.62 44.91 2.20
C ALA C 254 -12.37 45.10 3.06
N TYR C 255 -11.22 45.25 2.44
CA TYR C 255 -9.91 45.36 3.04
C TYR C 255 -9.40 44.01 3.57
N SER C 256 -9.92 42.90 3.06
CA SER C 256 -9.31 41.62 3.39
C SER C 256 -8.02 41.47 2.61
N ASP C 257 -6.99 40.88 3.27
CA ASP C 257 -5.68 40.77 2.67
C ASP C 257 -5.68 39.71 1.54
N ILE C 258 -4.53 39.58 0.87
CA ILE C 258 -4.39 38.79 -0.35
C ILE C 258 -4.57 37.29 -0.05
N TYR C 259 -4.28 36.85 1.19
CA TYR C 259 -4.44 35.45 1.53
C TYR C 259 -5.92 35.11 1.61
N ARG C 260 -6.67 36.03 2.19
CA ARG C 260 -8.10 35.88 2.26
C ARG C 260 -8.77 36.06 0.90
N SER C 261 -8.36 37.05 0.12
CA SER C 261 -9.04 37.30 -1.13
C SER C 261 -8.70 36.23 -2.16
N PHE C 262 -7.46 35.81 -2.21
CA PHE C 262 -7.05 34.82 -3.20
C PHE C 262 -7.50 33.41 -2.84
N SER C 263 -7.51 33.04 -1.55
CA SER C 263 -8.10 31.77 -1.17
C SER C 263 -9.59 31.73 -1.50
N ALA C 264 -10.32 32.83 -1.27
CA ALA C 264 -11.71 32.90 -1.73
C ALA C 264 -11.80 32.69 -3.24
N ALA C 265 -10.96 33.39 -3.99
CA ALA C 265 -10.92 33.24 -5.42
C ALA C 265 -10.71 31.78 -5.82
N MET C 266 -9.86 31.02 -5.11
CA MET C 266 -9.60 29.64 -5.44
C MET C 266 -10.81 28.76 -5.16
N ASN C 267 -11.62 29.12 -4.18
CA ASN C 267 -12.88 28.41 -3.96
C ASN C 267 -13.82 28.58 -5.16
N GLY C 268 -13.71 29.70 -5.87
CA GLY C 268 -14.54 29.98 -7.03
C GLY C 268 -14.00 29.26 -8.25
N LEU C 269 -12.68 29.27 -8.39
CA LEU C 269 -12.00 28.57 -9.47
C LEU C 269 -12.25 27.07 -9.38
N ALA C 270 -12.45 26.54 -8.16
CA ALA C 270 -12.66 25.13 -7.93
C ALA C 270 -14.02 24.69 -8.48
N GLY C 271 -14.93 25.63 -8.72
CA GLY C 271 -16.27 25.29 -9.19
C GLY C 271 -16.21 24.63 -10.57
N PRO C 272 -17.04 23.61 -10.83
CA PRO C 272 -17.12 22.99 -12.15
C PRO C 272 -17.31 23.91 -13.37
N LEU C 273 -17.93 25.08 -13.22
CA LEU C 273 -18.22 25.95 -14.37
C LEU C 273 -17.11 26.96 -14.58
N HIS C 274 -16.06 26.90 -13.77
CA HIS C 274 -14.99 27.85 -13.97
C HIS C 274 -13.67 27.15 -14.17
N GLY C 275 -13.40 26.04 -13.45
CA GLY C 275 -12.05 25.49 -13.40
C GLY C 275 -11.87 24.05 -13.93
N LEU C 276 -12.89 23.44 -14.52
CA LEU C 276 -12.85 22.01 -14.83
C LEU C 276 -12.68 21.73 -16.34
N ALA C 277 -12.72 22.76 -17.20
CA ALA C 277 -12.88 22.55 -18.65
C ALA C 277 -11.67 21.85 -19.29
N ASN C 278 -10.48 22.13 -18.82
CA ASN C 278 -9.25 21.48 -19.27
C ASN C 278 -9.39 19.95 -19.17
N GLN C 279 -9.72 19.46 -17.97
N GLN C 279 -9.72 19.47 -17.95
N GLN C 279 -9.77 19.46 -18.00
CA GLN C 279 -9.93 18.04 -17.70
CA GLN C 279 -9.95 18.06 -17.61
CA GLN C 279 -9.89 18.03 -17.73
C GLN C 279 -10.98 17.48 -18.65
C GLN C 279 -10.99 17.45 -18.56
C GLN C 279 -11.04 17.41 -18.52
N GLU C 280 -12.14 18.15 -18.71
CA GLU C 280 -13.26 17.69 -19.52
C GLU C 280 -12.79 17.54 -20.96
N VAL C 281 -11.99 18.48 -21.46
CA VAL C 281 -11.53 18.38 -22.83
C VAL C 281 -10.66 17.14 -22.99
N LEU C 282 -9.67 16.97 -22.11
CA LEU C 282 -8.73 15.87 -22.22
C LEU C 282 -9.44 14.52 -22.18
N ARG C 283 -10.40 14.37 -21.28
CA ARG C 283 -11.11 13.11 -21.18
C ARG C 283 -11.93 12.87 -22.44
N TRP C 284 -12.51 13.92 -23.04
CA TRP C 284 -13.24 13.75 -24.29
C TRP C 284 -12.31 13.35 -25.43
N ILE C 285 -11.12 13.97 -25.51
CA ILE C 285 -10.13 13.61 -26.52
C ILE C 285 -9.72 12.14 -26.38
N GLN C 286 -9.56 11.68 -25.12
CA GLN C 286 -9.16 10.33 -24.82
C GLN C 286 -10.31 9.37 -25.15
N MET C 287 -11.54 9.78 -24.87
CA MET C 287 -12.71 9.00 -25.27
C MET C 287 -12.73 8.85 -26.80
N LEU C 288 -12.40 9.89 -27.60
CA LEU C 288 -12.39 9.76 -29.06
C LEU C 288 -11.32 8.76 -29.49
N TYR C 289 -10.14 8.85 -28.91
CA TYR C 289 -9.03 8.00 -29.33
C TYR C 289 -9.42 6.53 -29.14
N LYS C 290 -10.06 6.25 -28.00
CA LYS C 290 -10.46 4.90 -27.67
C LYS C 290 -11.65 4.43 -28.51
N LYS C 291 -12.62 5.32 -28.78
CA LYS C 291 -13.79 4.93 -29.56
C LYS C 291 -13.38 4.59 -31.00
N PHE C 292 -12.39 5.26 -31.57
CA PHE C 292 -12.07 5.07 -32.98
C PHE C 292 -10.79 4.26 -33.15
N GLY C 293 -10.20 3.80 -32.05
CA GLY C 293 -8.94 3.06 -32.07
C GLY C 293 -7.83 3.83 -32.78
N GLY C 294 -7.64 5.11 -32.43
CA GLY C 294 -6.70 5.96 -33.16
C GLY C 294 -7.32 7.33 -33.46
N VAL C 295 -6.60 8.12 -34.25
CA VAL C 295 -7.11 9.40 -34.70
C VAL C 295 -8.29 9.14 -35.62
N PRO C 296 -9.50 9.67 -35.35
CA PRO C 296 -10.58 9.59 -36.34
C PRO C 296 -10.31 10.34 -37.64
N THR C 297 -10.95 9.88 -38.73
CA THR C 297 -11.02 10.67 -39.95
C THR C 297 -11.91 11.90 -39.74
N LYS C 298 -11.82 12.86 -40.67
CA LYS C 298 -12.62 14.07 -40.57
C LYS C 298 -14.11 13.68 -40.57
N GLU C 299 -14.42 12.65 -41.36
CA GLU C 299 -15.76 12.16 -41.59
C GLU C 299 -16.30 11.59 -40.30
N GLN C 300 -15.51 10.74 -39.66
CA GLN C 300 -15.93 10.15 -38.40
C GLN C 300 -16.11 11.23 -37.33
N LEU C 301 -15.24 12.25 -37.33
CA LEU C 301 -15.29 13.21 -36.23
C LEU C 301 -16.54 14.09 -36.38
N GLU C 302 -16.82 14.49 -37.63
CA GLU C 302 -17.94 15.36 -37.95
C GLU C 302 -19.27 14.66 -37.57
N ARG C 303 -19.38 13.37 -37.89
CA ARG C 303 -20.56 12.58 -37.56
C ARG C 303 -20.74 12.50 -36.03
N PHE C 304 -19.64 12.22 -35.32
CA PHE C 304 -19.66 12.13 -33.87
C PHE C 304 -20.09 13.47 -33.25
N ALA C 305 -19.60 14.58 -33.79
CA ALA C 305 -19.95 15.89 -33.24
C ALA C 305 -21.45 16.14 -33.36
N TRP C 306 -22.02 15.80 -34.53
CA TRP C 306 -23.45 15.93 -34.77
C TRP C 306 -24.23 15.05 -33.81
N ASP C 307 -23.81 13.80 -33.66
CA ASP C 307 -24.52 12.90 -32.75
C ASP C 307 -24.52 13.51 -31.35
N THR C 308 -23.36 14.02 -30.94
CA THR C 308 -23.16 14.67 -29.65
C THR C 308 -24.13 15.86 -29.52
N LEU C 309 -24.09 16.76 -30.49
CA LEU C 309 -24.91 17.94 -30.41
C LEU C 309 -26.39 17.54 -30.41
N ASN C 310 -26.76 16.50 -31.17
CA ASN C 310 -28.18 16.17 -31.33
C ASN C 310 -28.66 15.38 -30.11
N SER C 311 -27.75 14.93 -29.23
CA SER C 311 -28.18 14.33 -27.98
C SER C 311 -28.19 15.37 -26.83
N GLY C 312 -27.99 16.65 -27.15
CA GLY C 312 -28.04 17.73 -26.16
C GLY C 312 -26.72 17.93 -25.41
N GLN C 313 -25.60 17.39 -25.95
CA GLN C 313 -24.35 17.44 -25.23
C GLN C 313 -23.57 18.64 -25.75
N VAL C 314 -22.61 19.13 -24.97
CA VAL C 314 -21.73 20.19 -25.43
C VAL C 314 -20.41 19.57 -25.88
N ILE C 315 -19.75 20.25 -26.81
CA ILE C 315 -18.42 19.88 -27.23
C ILE C 315 -17.48 20.75 -26.40
N PRO C 316 -16.66 20.14 -25.52
CA PRO C 316 -15.87 20.90 -24.56
C PRO C 316 -14.69 21.54 -25.27
N GLY C 317 -14.31 22.72 -24.77
CA GLY C 317 -13.16 23.46 -25.22
C GLY C 317 -13.53 24.47 -26.30
N TYR C 318 -14.81 24.50 -26.68
CA TYR C 318 -15.26 25.39 -27.74
C TYR C 318 -16.27 26.35 -27.11
N GLY C 319 -16.27 27.61 -27.58
CA GLY C 319 -17.22 28.61 -27.12
C GLY C 319 -16.61 29.41 -25.97
N HIS C 320 -17.30 30.48 -25.56
CA HIS C 320 -16.78 31.37 -24.55
C HIS C 320 -17.84 32.42 -24.19
N ALA C 321 -17.83 32.91 -22.94
CA ALA C 321 -18.76 33.94 -22.51
C ALA C 321 -18.60 35.21 -23.33
N VAL C 322 -17.39 35.57 -23.78
CA VAL C 322 -17.18 36.88 -24.38
C VAL C 322 -16.34 36.80 -25.67
N LEU C 323 -15.37 35.87 -25.77
CA LEU C 323 -14.59 35.72 -27.00
C LEU C 323 -15.51 35.39 -28.18
N ARG C 324 -15.15 35.86 -29.39
CA ARG C 324 -15.83 35.54 -30.64
C ARG C 324 -14.85 35.17 -31.76
N VAL C 325 -13.56 35.02 -31.46
CA VAL C 325 -12.62 34.41 -32.39
C VAL C 325 -11.86 33.30 -31.66
N THR C 326 -10.95 32.61 -32.38
CA THR C 326 -10.07 31.63 -31.77
C THR C 326 -9.21 32.31 -30.69
N ASP C 327 -9.24 31.72 -29.49
CA ASP C 327 -8.52 32.25 -28.34
C ASP C 327 -7.03 32.32 -28.68
N PRO C 328 -6.40 33.51 -28.61
CA PRO C 328 -4.95 33.56 -28.80
C PRO C 328 -4.14 32.72 -27.81
N ARG C 329 -4.70 32.39 -26.65
CA ARG C 329 -4.05 31.46 -25.73
C ARG C 329 -4.07 30.05 -26.31
N TYR C 330 -5.10 29.68 -27.11
CA TYR C 330 -5.13 28.39 -27.80
C TYR C 330 -4.04 28.33 -28.88
N VAL C 331 -3.92 29.43 -29.63
CA VAL C 331 -3.01 29.52 -30.75
C VAL C 331 -1.58 29.32 -30.23
N ALA C 332 -1.22 29.95 -29.10
CA ALA C 332 0.15 29.84 -28.62
C ALA C 332 0.46 28.41 -28.15
N GLN C 333 -0.54 27.73 -27.58
CA GLN C 333 -0.36 26.33 -27.16
C GLN C 333 -0.22 25.44 -28.39
N ARG C 334 -0.95 25.77 -29.45
CA ARG C 334 -0.82 25.03 -30.69
C ARG C 334 0.60 25.15 -31.23
N ASP C 335 1.12 26.38 -31.23
CA ASP C 335 2.46 26.63 -31.71
C ASP C 335 3.46 25.80 -30.91
N PHE C 336 3.30 25.76 -29.58
CA PHE C 336 4.18 24.96 -28.74
C PHE C 336 4.09 23.48 -29.16
N ALA C 337 2.87 22.97 -29.36
CA ALA C 337 2.66 21.57 -29.72
C ALA C 337 3.27 21.23 -31.09
N LEU C 338 3.05 22.09 -32.06
CA LEU C 338 3.59 21.85 -33.39
C LEU C 338 5.11 21.83 -33.34
N LYS C 339 5.70 22.66 -32.48
CA LYS C 339 7.13 22.69 -32.33
C LYS C 339 7.61 21.46 -31.57
N HIS C 340 6.96 21.06 -30.46
CA HIS C 340 7.61 20.10 -29.56
C HIS C 340 6.95 18.72 -29.52
N LEU C 341 5.69 18.53 -29.93
CA LEU C 341 5.14 17.17 -29.93
C LEU C 341 4.19 16.95 -31.11
N PRO C 342 4.62 17.21 -32.38
CA PRO C 342 3.71 17.10 -33.52
C PRO C 342 3.11 15.72 -33.73
N ASP C 343 3.80 14.69 -33.25
CA ASP C 343 3.45 13.31 -33.54
C ASP C 343 2.54 12.71 -32.46
N ASP C 344 2.25 13.49 -31.41
CA ASP C 344 1.44 12.99 -30.33
C ASP C 344 0.01 12.76 -30.81
N GLU C 345 -0.47 11.55 -30.58
CA GLU C 345 -1.74 11.10 -31.12
C GLU C 345 -2.88 11.93 -30.55
N LEU C 346 -2.82 12.25 -29.25
CA LEU C 346 -3.89 13.06 -28.69
C LEU C 346 -3.85 14.48 -29.27
N PHE C 347 -2.65 15.02 -29.47
CA PHE C 347 -2.55 16.31 -30.14
C PHE C 347 -3.13 16.24 -31.57
N LYS C 348 -2.90 15.13 -32.28
CA LYS C 348 -3.47 15.02 -33.62
C LYS C 348 -4.98 15.13 -33.56
N ILE C 349 -5.63 14.62 -32.50
CA ILE C 349 -7.06 14.74 -32.41
C ILE C 349 -7.44 16.20 -32.14
N VAL C 350 -6.71 16.88 -31.24
CA VAL C 350 -7.01 18.27 -30.91
C VAL C 350 -6.94 19.12 -32.18
N SER C 351 -5.91 18.84 -32.97
CA SER C 351 -5.62 19.54 -34.21
C SER C 351 -6.73 19.30 -35.25
N LEU C 352 -7.25 18.08 -35.32
CA LEU C 352 -8.34 17.74 -36.21
C LEU C 352 -9.63 18.48 -35.80
N CYS C 353 -9.96 18.46 -34.51
CA CYS C 353 -11.07 19.25 -34.00
C CYS C 353 -10.98 20.70 -34.45
N TYR C 354 -9.76 21.26 -34.49
CA TYR C 354 -9.61 22.66 -34.89
C TYR C 354 -10.08 22.85 -36.34
N GLU C 355 -9.89 21.85 -37.20
CA GLU C 355 -10.34 21.91 -38.60
C GLU C 355 -11.84 21.67 -38.72
N VAL C 356 -12.39 20.74 -37.93
CA VAL C 356 -13.73 20.19 -38.10
C VAL C 356 -14.78 20.89 -37.24
N ILE C 357 -14.50 21.10 -35.94
CA ILE C 357 -15.58 21.43 -35.02
C ILE C 357 -16.13 22.82 -35.29
N PRO C 358 -15.33 23.85 -35.64
CA PRO C 358 -15.92 25.19 -35.81
C PRO C 358 -17.00 25.18 -36.89
N GLU C 359 -16.74 24.56 -38.05
CA GLU C 359 -17.76 24.42 -39.09
C GLU C 359 -19.07 23.86 -38.50
N VAL C 360 -18.95 22.82 -37.68
CA VAL C 360 -20.12 22.11 -37.19
C VAL C 360 -20.90 23.01 -36.24
N LEU C 361 -20.20 23.76 -35.39
CA LEU C 361 -20.87 24.57 -34.39
C LEU C 361 -21.57 25.77 -35.07
N LYS C 362 -20.98 26.30 -36.16
CA LYS C 362 -21.63 27.36 -36.94
C LYS C 362 -22.98 26.88 -37.47
N LYS C 363 -22.98 25.74 -38.20
CA LYS C 363 -24.18 25.18 -38.78
C LYS C 363 -25.19 24.81 -37.72
N HIS C 364 -24.74 24.18 -36.63
CA HIS C 364 -25.64 23.81 -35.55
C HIS C 364 -26.35 25.05 -35.03
N GLY C 365 -25.60 26.17 -34.94
CA GLY C 365 -26.18 27.51 -34.85
C GLY C 365 -26.54 27.99 -33.45
N LYS C 366 -26.17 27.29 -32.38
CA LYS C 366 -26.54 27.73 -31.04
C LYS C 366 -25.42 28.56 -30.41
N ALA C 367 -24.17 28.09 -30.51
CA ALA C 367 -23.04 28.75 -29.90
C ALA C 367 -22.76 30.10 -30.55
N LYS C 368 -22.66 31.13 -29.71
CA LYS C 368 -22.24 32.45 -30.14
C LYS C 368 -20.80 32.41 -30.65
N ASN C 369 -20.02 31.45 -30.15
CA ASN C 369 -18.61 31.35 -30.47
C ASN C 369 -18.28 29.90 -30.81
N PRO C 370 -18.04 29.59 -32.10
CA PRO C 370 -17.77 28.22 -32.57
C PRO C 370 -16.29 27.82 -32.54
N TRP C 371 -15.45 28.73 -32.05
CA TRP C 371 -14.00 28.57 -32.05
C TRP C 371 -13.52 28.05 -30.69
N PRO C 372 -12.30 27.49 -30.63
CA PRO C 372 -11.78 26.96 -29.38
C PRO C 372 -11.25 28.04 -28.43
N ASN C 373 -11.33 27.67 -27.15
CA ASN C 373 -10.79 28.44 -26.05
C ASN C 373 -9.51 27.76 -25.54
N VAL C 374 -8.86 28.44 -24.58
CA VAL C 374 -7.59 28.01 -24.00
C VAL C 374 -7.66 26.56 -23.53
N ASP C 375 -8.80 26.17 -22.96
CA ASP C 375 -8.93 24.86 -22.32
C ASP C 375 -8.99 23.70 -23.32
N ALA C 376 -9.21 24.01 -24.60
CA ALA C 376 -9.21 22.97 -25.61
C ALA C 376 -7.83 22.33 -25.80
N HIS C 377 -6.77 23.03 -25.37
CA HIS C 377 -5.42 22.66 -25.76
C HIS C 377 -4.48 22.29 -24.60
N SER C 378 -4.79 22.65 -23.35
CA SER C 378 -3.77 22.61 -22.31
C SER C 378 -3.56 21.19 -21.83
N GLY C 379 -4.65 20.41 -21.74
CA GLY C 379 -4.60 19.05 -21.20
C GLY C 379 -3.67 18.11 -21.96
N VAL C 380 -3.74 18.13 -23.30
CA VAL C 380 -2.89 17.24 -24.07
C VAL C 380 -1.43 17.58 -23.86
N LEU C 381 -1.10 18.86 -23.67
CA LEU C 381 0.28 19.25 -23.39
C LEU C 381 0.73 18.64 -22.05
N LEU C 382 -0.04 18.90 -21.01
CA LEU C 382 0.28 18.37 -19.68
C LEU C 382 0.42 16.84 -19.75
N TRP C 383 -0.56 16.16 -20.33
CA TRP C 383 -0.58 14.71 -20.37
C TRP C 383 0.65 14.17 -21.09
N HIS C 384 1.01 14.79 -22.21
CA HIS C 384 2.16 14.36 -23.00
C HIS C 384 3.41 14.29 -22.13
N TYR C 385 3.60 15.28 -21.26
CA TYR C 385 4.82 15.31 -20.48
C TYR C 385 4.68 14.58 -19.16
N GLY C 386 3.59 13.81 -18.97
CA GLY C 386 3.49 12.98 -17.79
C GLY C 386 2.77 13.65 -16.60
N ILE C 387 2.21 14.85 -16.75
CA ILE C 387 1.30 15.38 -15.72
C ILE C 387 -0.12 14.89 -16.04
N ARG C 388 -0.49 13.83 -15.37
CA ARG C 388 -1.66 13.04 -15.70
C ARG C 388 -2.75 13.09 -14.65
N GLU C 389 -2.54 13.88 -13.61
CA GLU C 389 -3.51 13.95 -12.51
C GLU C 389 -4.53 15.04 -12.77
N TYR C 390 -5.64 14.66 -13.39
CA TYR C 390 -6.64 15.58 -13.91
C TYR C 390 -7.11 16.62 -12.87
N ASP C 391 -7.45 16.22 -11.63
CA ASP C 391 -7.99 17.16 -10.65
C ASP C 391 -6.94 18.24 -10.31
N PHE C 392 -5.67 17.91 -10.46
CA PHE C 392 -4.61 18.86 -10.12
C PHE C 392 -4.46 19.98 -11.16
N TYR C 393 -4.99 19.79 -12.38
CA TYR C 393 -4.87 20.79 -13.43
C TYR C 393 -5.44 22.14 -13.00
N THR C 394 -6.48 22.14 -12.18
CA THR C 394 -7.06 23.38 -11.68
C THR C 394 -6.10 24.09 -10.74
N VAL C 395 -5.27 23.35 -10.01
CA VAL C 395 -4.30 23.95 -9.13
C VAL C 395 -3.25 24.69 -9.94
N LEU C 396 -2.86 24.12 -11.07
CA LEU C 396 -1.90 24.79 -11.94
C LEU C 396 -2.48 26.09 -12.47
N PHE C 397 -3.76 26.05 -12.86
CA PHE C 397 -4.45 27.24 -13.29
C PHE C 397 -4.45 28.29 -12.16
N GLY C 398 -4.75 27.85 -10.95
CA GLY C 398 -4.76 28.75 -9.81
C GLY C 398 -3.43 29.43 -9.56
N VAL C 399 -2.31 28.68 -9.57
CA VAL C 399 -0.99 29.25 -9.43
C VAL C 399 -0.76 30.36 -10.46
N SER C 400 -1.13 30.12 -11.72
CA SER C 400 -0.97 31.13 -12.74
C SER C 400 -1.84 32.36 -12.46
N ARG C 401 -3.13 32.12 -12.20
CA ARG C 401 -4.10 33.20 -12.06
C ARG C 401 -3.78 34.14 -10.88
N ALA C 402 -2.99 33.68 -9.93
CA ALA C 402 -2.50 34.52 -8.85
C ALA C 402 -1.72 35.74 -9.38
N LEU C 403 -1.03 35.59 -10.52
CA LEU C 403 -0.31 36.70 -11.14
C LEU C 403 -1.26 37.86 -11.40
N GLY C 404 -2.37 37.59 -12.06
CA GLY C 404 -3.36 38.61 -12.33
C GLY C 404 -4.09 39.09 -11.08
N CYS C 405 -4.50 38.18 -10.19
CA CYS C 405 -5.22 38.57 -8.99
C CYS C 405 -4.39 39.50 -8.10
N THR C 406 -3.10 39.19 -7.94
CA THR C 406 -2.27 40.02 -7.08
C THR C 406 -2.05 41.39 -7.75
N ALA C 407 -1.76 41.41 -9.04
CA ALA C 407 -1.59 42.69 -9.71
C ALA C 407 -2.85 43.55 -9.58
N GLN C 408 -4.04 42.96 -9.79
CA GLN C 408 -5.27 43.72 -9.67
C GLN C 408 -5.52 44.22 -8.23
N ALA C 409 -5.27 43.38 -7.21
CA ALA C 409 -5.52 43.73 -5.81
C ALA C 409 -4.61 44.88 -5.36
N ILE C 410 -3.35 44.83 -5.76
CA ILE C 410 -2.42 45.90 -5.50
C ILE C 410 -2.89 47.21 -6.13
N LEU C 411 -3.24 47.17 -7.41
CA LEU C 411 -3.60 48.39 -8.14
C LEU C 411 -4.85 49.02 -7.55
N VAL C 412 -5.86 48.21 -7.23
CA VAL C 412 -7.15 48.74 -6.86
C VAL C 412 -7.07 49.32 -5.44
N ARG C 413 -6.17 48.79 -4.61
CA ARG C 413 -5.84 49.40 -3.32
C ARG C 413 -5.00 50.67 -3.50
N GLY C 414 -4.17 50.72 -4.55
CA GLY C 414 -3.53 51.95 -5.03
C GLY C 414 -4.52 53.04 -5.46
N TYR C 415 -5.53 52.67 -6.24
CA TYR C 415 -6.59 53.56 -6.70
C TYR C 415 -7.52 54.00 -5.59
N MET C 416 -7.63 53.17 -4.53
CA MET C 416 -8.52 53.40 -3.40
C MET C 416 -9.99 53.28 -3.79
N LEU C 417 -10.32 52.27 -4.61
CA LEU C 417 -11.72 52.00 -4.89
C LEU C 417 -12.44 51.54 -3.64
N PRO C 418 -13.73 51.86 -3.55
CA PRO C 418 -14.57 51.51 -2.39
C PRO C 418 -15.07 50.06 -2.36
N ILE C 419 -15.78 49.72 -1.29
CA ILE C 419 -16.31 48.39 -1.06
C ILE C 419 -17.32 48.10 -2.15
N GLU C 420 -17.34 46.85 -2.62
CA GLU C 420 -18.28 46.49 -3.67
C GLU C 420 -19.61 46.17 -2.97
N ARG C 421 -20.70 46.83 -3.39
CA ARG C 421 -21.99 46.60 -2.75
C ARG C 421 -23.13 46.92 -3.73
N PRO C 422 -23.48 46.01 -4.66
CA PRO C 422 -24.67 46.18 -5.49
C PRO C 422 -25.95 46.08 -4.68
N LYS C 423 -27.04 46.43 -5.35
CA LYS C 423 -28.38 46.32 -4.81
C LYS C 423 -28.98 45.02 -5.37
N SER C 424 -29.66 44.25 -4.53
CA SER C 424 -30.35 43.07 -5.00
C SER C 424 -31.83 43.43 -5.17
N ILE C 425 -32.55 42.68 -6.01
CA ILE C 425 -33.98 42.85 -6.21
C ILE C 425 -34.68 41.54 -5.91
N THR C 426 -35.98 41.66 -5.63
CA THR C 426 -36.83 40.51 -5.37
C THR C 426 -37.68 40.16 -6.60
N THR C 427 -38.10 38.90 -6.64
CA THR C 427 -38.97 38.39 -7.68
C THR C 427 -40.36 38.97 -7.45
N ARG C 428 -40.72 39.25 -6.20
CA ARG C 428 -42.01 39.85 -5.92
C ARG C 428 -42.05 41.21 -6.62
N TRP C 429 -41.02 42.02 -6.39
CA TRP C 429 -40.93 43.33 -7.01
C TRP C 429 -40.93 43.24 -8.53
N VAL C 430 -40.10 42.36 -9.11
CA VAL C 430 -40.01 42.25 -10.55
C VAL C 430 -41.40 41.99 -11.15
N LYS C 431 -42.14 41.03 -10.57
CA LYS C 431 -43.46 40.63 -11.05
C LYS C 431 -44.42 41.81 -11.12
N GLU C 432 -44.30 42.71 -10.15
CA GLU C 432 -45.24 43.79 -9.93
C GLU C 432 -44.99 44.95 -10.89
N VAL C 433 -43.73 45.22 -11.25
CA VAL C 433 -43.39 46.40 -12.03
C VAL C 433 -42.93 46.06 -13.45
N ALA C 434 -42.62 44.79 -13.74
CA ALA C 434 -41.87 44.47 -14.95
C ALA C 434 -42.63 44.91 -16.22
N GLU C 435 -43.92 44.56 -16.32
CA GLU C 435 -44.78 44.96 -17.43
C GLU C 435 -44.56 46.43 -17.78
N SER C 436 -44.68 47.30 -16.78
CA SER C 436 -44.67 48.75 -16.96
C SER C 436 -43.27 49.35 -17.15
N LEU C 437 -42.21 48.57 -16.98
CA LEU C 437 -40.87 49.10 -17.22
C LEU C 437 -40.67 49.27 -18.73
N PRO C 438 -39.83 50.25 -19.13
CA PRO C 438 -39.43 50.39 -20.52
C PRO C 438 -38.42 49.36 -21.02
N VAL C 439 -38.38 49.18 -22.36
CA VAL C 439 -37.51 48.22 -23.01
C VAL C 439 -36.16 48.87 -23.24
N ALA C 440 -35.09 48.16 -22.87
CA ALA C 440 -33.74 48.69 -22.97
C ALA C 440 -33.47 49.09 -24.42
N GLY C 441 -32.93 50.31 -24.61
CA GLY C 441 -32.37 50.74 -25.88
C GLY C 441 -33.42 51.20 -26.91
N SER C 442 -34.63 51.57 -26.47
CA SER C 442 -35.64 52.08 -27.39
C SER C 442 -35.65 53.62 -27.39
O1 OAA D . -10.68 -22.92 3.17
O2 OAA D . -9.42 -22.88 1.35
O4 OAA D . -12.96 -19.89 4.53
O5 OAA D . -10.78 -19.87 4.28
O3 OAA D . -13.13 -21.08 2.19
C1 OAA D . -10.27 -22.37 2.11
C2 OAA D . -10.83 -20.98 1.75
C3 OAA D . -12.04 -20.69 2.61
C4 OAA D . -11.93 -20.12 3.84
N1A COA E . -15.90 -21.33 -13.03
C2A COA E . -15.15 -21.74 -14.07
N3A COA E . -14.14 -22.61 -14.09
C4A COA E . -13.90 -23.10 -12.86
C5A COA E . -14.57 -22.78 -11.70
C6A COA E . -15.62 -21.84 -11.81
N6A COA E . -16.34 -21.45 -10.76
N7A COA E . -14.03 -23.48 -10.62
C8A COA E . -13.07 -24.20 -11.13
N9A COA E . -12.94 -24.03 -12.51
C1B COA E . -11.94 -24.67 -13.39
C2B COA E . -10.52 -24.27 -13.06
O2B COA E . -10.18 -22.99 -13.53
C3B COA E . -9.73 -25.41 -13.71
O3B COA E . -9.54 -25.22 -15.12
P3B COA E . -8.00 -25.22 -15.60
O7A COA E . -7.27 -24.11 -14.86
O8A COA E . -8.02 -24.99 -17.10
O9A COA E . -7.44 -26.60 -15.24
C4B COA E . -10.64 -26.61 -13.46
O4B COA E . -11.97 -26.07 -13.22
C5B COA E . -10.20 -27.47 -12.29
O5B COA E . -9.99 -26.64 -11.11
P1A COA E . -10.54 -27.14 -9.68
O1A COA E . -9.64 -28.22 -9.16
O2A COA E . -11.99 -27.50 -9.79
O3A COA E . -10.34 -25.78 -8.83
P2A COA E . -9.10 -25.11 -8.04
O4A COA E . -8.98 -25.82 -6.72
O5A COA E . -7.89 -24.98 -8.90
O6A COA E . -9.67 -23.63 -7.79
CBP COA E . -11.18 -21.99 -6.82
CCP COA E . -10.57 -23.38 -6.65
CDP COA E . -12.08 -21.70 -5.60
CEP COA E . -10.04 -20.96 -6.87
CAP COA E . -11.99 -21.94 -8.13
OAP COA E . -13.10 -22.87 -8.02
C9P COA E . -12.47 -20.53 -8.53
O9P COA E . -11.73 -19.82 -9.22
N8P COA E . -13.67 -20.12 -8.13
C7P COA E . -14.22 -18.80 -8.40
C6P COA E . -13.83 -17.76 -7.35
C5P COA E . -14.35 -18.11 -5.95
O5P COA E . -15.56 -18.25 -5.75
N4P COA E . -13.43 -18.29 -4.98
C3P COA E . -13.76 -18.49 -3.58
C2P COA E . -13.16 -19.76 -2.97
S1P COA E . -13.67 -20.06 -1.25
O1 OAA F . 16.70 -19.27 9.00
O2 OAA F . 18.56 -19.93 9.97
O4 OAA F . 15.02 -24.26 8.94
O5 OAA F . 16.33 -23.93 7.29
O3 OAA F . 15.95 -22.36 10.19
C1 OAA F . 17.56 -20.15 9.25
C2 OAA F . 17.44 -21.53 8.57
C3 OAA F . 16.42 -22.55 9.08
C4 OAA F . 15.93 -23.62 8.41
N1A COA G . 11.63 -31.91 26.59
C2A COA G . 10.85 -31.96 25.51
N3A COA G . 11.03 -31.43 24.31
C4A COA G . 12.20 -30.75 24.25
C5A COA G . 13.11 -30.60 25.28
C6A COA G . 12.80 -31.21 26.51
N6A COA G . 13.59 -31.17 27.58
N7A COA G . 14.19 -29.83 24.84
C8A COA G . 13.91 -29.53 23.59
N9A COA G . 12.72 -30.07 23.18
C1B COA G . 12.02 -29.96 21.90
C2B COA G . 11.22 -28.69 21.71
O2B COA G . 10.13 -28.56 22.60
C3B COA G . 10.83 -28.89 20.25
O3B COA G . 9.62 -29.68 20.18
P3B COA G . 9.41 -31.30 20.02
O7A COA G . 7.95 -31.54 20.36
O8A COA G . 9.72 -31.67 18.57
O9A COA G . 10.32 -32.04 20.99
C4B COA G . 12.13 -29.50 19.66
O4B COA G . 12.91 -29.94 20.81
C5B COA G . 12.96 -28.55 18.82
O5B COA G . 12.93 -28.96 17.41
P1A COA G . 14.15 -28.52 16.44
O1A COA G . 14.58 -27.13 16.80
O2A COA G . 13.76 -28.76 15.01
O3A COA G . 15.33 -29.52 16.88
P2A COA G . 15.52 -30.90 17.72
O4A COA G . 15.26 -30.65 19.16
O5A COA G . 14.76 -32.00 17.04
O6A COA G . 17.09 -31.22 17.54
CBP COA G . 18.75 -33.00 17.85
CCP COA G . 17.54 -32.54 17.05
CDP COA G . 18.28 -33.91 19.01
CEP COA G . 19.67 -33.84 16.93
CAP COA G . 19.53 -31.82 18.43
OAP COA G . 20.63 -32.26 19.23
C9P COA G . 20.04 -30.87 17.35
O9P COA G . 21.05 -31.14 16.72
N8P COA G . 19.30 -29.77 17.14
C7P COA G . 19.60 -28.74 16.15
C6P COA G . 19.01 -29.06 14.79
C5P COA G . 18.52 -27.84 14.04
O5P COA G . 17.33 -27.60 13.95
N4P COA G . 19.44 -27.08 13.47
C3P COA G . 19.18 -25.77 12.86
C2P COA G . 19.71 -25.68 11.45
S1P COA G . 19.44 -24.04 10.73
O1 OAA H . -14.76 34.18 -18.15
O2 OAA H . -12.76 34.79 -18.82
O4 OAA H . -10.98 33.04 -16.73
O5 OAA H . -9.46 32.53 -18.30
O3 OAA H . -11.39 32.12 -20.00
C1 OAA H . -13.58 33.93 -18.46
C2 OAA H . -13.10 32.50 -18.41
C3 OAA H . -11.64 32.41 -18.83
C4 OAA H . -10.65 32.68 -17.92
N1A COA I . -21.18 22.89 -27.68
C2A COA I . -22.50 22.89 -27.77
N3A COA I . -23.38 23.86 -27.51
C4A COA I . -22.75 24.98 -27.15
C5A COA I . -21.39 25.15 -27.02
C6A COA I . -20.57 24.04 -27.29
N6A COA I . -19.24 24.08 -27.19
N7A COA I . -21.10 26.45 -26.62
C8A COA I . -22.26 27.01 -26.49
N9A COA I . -23.30 26.19 -26.82
C1B COA I . -24.73 26.53 -26.77
C2B COA I . -25.17 26.85 -25.34
O2B COA I . -25.30 25.72 -24.53
C3B COA I . -26.46 27.61 -25.64
O3B COA I . -27.44 26.62 -25.91
P3B COA I . -28.93 26.82 -25.34
O7A COA I . -28.91 26.58 -23.84
O8A COA I . -29.70 25.75 -26.11
O9A COA I . -29.34 28.24 -25.71
C4B COA I . -26.09 28.43 -26.89
O4B COA I . -24.98 27.72 -27.50
C5B COA I . -25.68 29.87 -26.63
O5B COA I . -24.71 29.94 -25.51
P1A COA I . -23.45 30.89 -25.69
O1A COA I . -23.82 32.31 -25.43
O2A COA I . -22.79 30.67 -27.00
O3A COA I . -22.57 30.32 -24.46
P2A COA I . -22.58 30.73 -22.91
O4A COA I . -21.93 32.07 -22.86
O5A COA I . -23.88 30.35 -22.26
O6A COA I . -21.60 29.62 -22.29
CBP COA I . -19.58 28.29 -22.39
CCP COA I . -20.19 29.68 -22.63
CDP COA I . -18.06 28.42 -22.42
CEP COA I . -20.03 27.77 -21.01
CAP COA I . -20.04 27.28 -23.47
OAP COA I . -19.55 27.72 -24.72
C9P COA I . -19.56 25.87 -23.15
O9P COA I . -20.22 25.17 -22.39
N8P COA I . -18.42 25.45 -23.67
C7P COA I . -17.82 24.16 -23.34
C6P COA I . -17.10 24.19 -22.02
C5P COA I . -15.80 24.98 -22.07
O5P COA I . -15.00 24.76 -22.98
N4P COA I . -15.56 25.88 -21.10
C3P COA I . -14.30 26.65 -21.01
C2P COA I . -14.44 28.15 -21.25
S1P COA I . -12.85 29.01 -21.50
C ACE J . -11.02 25.85 -17.07
O ACE J . -12.22 25.77 -16.85
CH3 ACE J . -10.00 24.64 -16.99
#